data_5ZLT
#
_entry.id   5ZLT
#
_cell.length_a   85.587
_cell.length_b   126.144
_cell.length_c   145.998
_cell.angle_alpha   90.00
_cell.angle_beta   90.00
_cell.angle_gamma   90.00
#
_symmetry.space_group_name_H-M   'P 21 21 21'
#
loop_
_entity.id
_entity.type
_entity.pdbx_description
1 polymer "GDP/UDP-N,N'-diacetylbacillosamine 2-epimerase (Hydrolyzing)"
2 non-polymer 'SULFATE ION'
3 non-polymer "URIDINE-5'-DIPHOSPHATE"
4 water water
#
_entity_poly.entity_id   1
_entity_poly.type   'polypeptide(L)'
_entity_poly.pdbx_seq_one_letter_code
;MKKIAVFTGTRAEYGLLYWLMRDIQQDPELELQILATAMHYSPEHGETWKTIVKDGFEITESVEMLLSSDTSSAVVKSMG
VGLLGFADALKRMQPDVLVVLGDRFEALAVTQAALIMHVPVAHLHGGEITEGAYDESIRHAITKMSNIHFAAAEEYKKRI
IQLGEQPERVFNVGALGLDHIQRTTFKSISELSELYDFDFSKPYFLITYHPETNLLEENVAPLFDALKQINDVNFIFSYP
NADNGNTNIVKAMLDLKAQLPDRVLLVKSFGIQNYLSVLKNALAMVGNSSSGLSEAPALQVPTVNIGDRQKGRLRCESIL
DVRLDENEIVEALQKAINFPKDQLSQVVPPLGLGNTSQKIIEVIKTTDFKKKAPFYDLLE
;
_entity_poly.pdbx_strand_id   A,B,C,D
#
loop_
_chem_comp.id
_chem_comp.type
_chem_comp.name
_chem_comp.formula
SO4 non-polymer 'SULFATE ION' 'O4 S -2'
UDP RNA linking URIDINE-5'-DIPHOSPHATE 'C9 H14 N2 O12 P2'
#
# COMPACT_ATOMS: atom_id res chain seq x y z
N MET A 1 -11.23 -28.25 -15.90
CA MET A 1 -11.90 -26.98 -15.66
C MET A 1 -10.89 -25.85 -15.48
N LYS A 2 -10.48 -25.25 -16.60
CA LYS A 2 -9.52 -24.17 -16.56
C LYS A 2 -10.14 -22.93 -15.93
N LYS A 3 -9.39 -22.29 -15.04
CA LYS A 3 -9.82 -21.01 -14.45
C LYS A 3 -9.25 -19.88 -15.29
N ILE A 4 -10.14 -19.16 -15.97
CA ILE A 4 -9.78 -18.05 -16.84
C ILE A 4 -10.25 -16.77 -16.17
N ALA A 5 -9.33 -15.97 -15.68
CA ALA A 5 -9.64 -14.71 -15.03
C ALA A 5 -9.43 -13.57 -16.02
N VAL A 6 -10.47 -12.78 -16.23
CA VAL A 6 -10.43 -11.63 -17.13
C VAL A 6 -10.20 -10.38 -16.29
N PHE A 7 -9.19 -9.60 -16.66
CA PHE A 7 -8.87 -8.37 -15.97
C PHE A 7 -9.55 -7.20 -16.64
N THR A 8 -10.14 -6.30 -15.85
CA THR A 8 -10.81 -5.15 -16.42
C THR A 8 -10.65 -3.94 -15.50
N GLY A 9 -10.31 -2.80 -16.11
CA GLY A 9 -10.06 -1.58 -15.37
C GLY A 9 -10.86 -0.37 -15.81
N THR A 10 -11.48 -0.43 -17.00
CA THR A 10 -12.29 0.68 -17.49
C THR A 10 -13.55 0.11 -18.13
N ARG A 11 -14.58 0.95 -18.18
CA ARG A 11 -15.87 0.53 -18.74
C ARG A 11 -15.73 0.19 -20.23
N ALA A 12 -14.98 1.02 -20.97
CA ALA A 12 -14.81 0.78 -22.40
C ALA A 12 -14.08 -0.53 -22.65
N GLU A 13 -12.98 -0.76 -21.93
CA GLU A 13 -12.21 -1.99 -22.09
C GLU A 13 -13.04 -3.22 -21.75
N TYR A 14 -13.89 -3.11 -20.73
CA TYR A 14 -14.84 -4.18 -20.44
C TYR A 14 -15.83 -4.38 -21.58
N GLY A 15 -16.25 -3.27 -22.20
CA GLY A 15 -17.08 -3.38 -23.39
C GLY A 15 -16.39 -4.13 -24.52
N LEU A 16 -15.07 -3.96 -24.63
CA LEU A 16 -14.30 -4.74 -25.60
C LEU A 16 -14.30 -6.22 -25.22
N LEU A 17 -14.11 -6.53 -23.94
CA LEU A 17 -13.97 -7.92 -23.50
C LEU A 17 -15.30 -8.64 -23.31
N TYR A 18 -16.42 -7.93 -23.50
CA TYR A 18 -17.73 -8.46 -23.11
C TYR A 18 -17.99 -9.84 -23.69
N TRP A 19 -17.83 -10.01 -25.01
CA TRP A 19 -18.24 -11.26 -25.63
C TRP A 19 -17.29 -12.41 -25.29
N LEU A 20 -16.02 -12.13 -25.02
CA LEU A 20 -15.14 -13.19 -24.54
C LEU A 20 -15.53 -13.62 -23.13
N MET A 21 -15.89 -12.65 -22.28
CA MET A 21 -16.39 -12.97 -20.95
C MET A 21 -17.66 -13.81 -21.03
N ARG A 22 -18.59 -13.40 -21.90
CA ARG A 22 -19.82 -14.16 -22.11
C ARG A 22 -19.53 -15.59 -22.55
N ASP A 23 -18.63 -15.74 -23.52
CA ASP A 23 -18.33 -17.07 -24.05
C ASP A 23 -17.69 -17.95 -23.00
N ILE A 24 -16.76 -17.41 -22.21
CA ILE A 24 -16.15 -18.20 -21.15
C ILE A 24 -17.19 -18.59 -20.11
N GLN A 25 -18.06 -17.65 -19.73
CA GLN A 25 -19.10 -17.96 -18.76
C GLN A 25 -20.06 -19.04 -19.26
N GLN A 26 -20.42 -19.00 -20.53
CA GLN A 26 -21.33 -19.98 -21.09
C GLN A 26 -20.66 -21.33 -21.30
N ASP A 27 -19.33 -21.35 -21.47
CA ASP A 27 -18.63 -22.58 -21.83
C ASP A 27 -18.45 -23.40 -20.56
N PRO A 28 -18.97 -24.63 -20.50
CA PRO A 28 -18.89 -25.43 -19.27
C PRO A 28 -17.48 -25.92 -18.95
N GLU A 29 -16.55 -25.83 -19.90
CA GLU A 29 -15.18 -26.28 -19.68
C GLU A 29 -14.31 -25.23 -19.02
N LEU A 30 -14.77 -23.98 -18.94
CA LEU A 30 -13.97 -22.86 -18.48
C LEU A 30 -14.72 -22.11 -17.39
N GLU A 31 -14.09 -21.96 -16.22
CA GLU A 31 -14.63 -21.14 -15.15
C GLU A 31 -14.17 -19.70 -15.34
N LEU A 32 -15.12 -18.77 -15.40
CA LEU A 32 -14.80 -17.37 -15.62
C LEU A 32 -14.62 -16.68 -14.27
N GLN A 33 -13.46 -16.05 -14.10
CA GLN A 33 -13.21 -15.14 -12.99
C GLN A 33 -13.07 -13.74 -13.54
N ILE A 34 -13.28 -12.75 -12.68
CA ILE A 34 -13.18 -11.35 -13.09
C ILE A 34 -12.42 -10.60 -12.02
N LEU A 35 -11.41 -9.84 -12.43
CA LEU A 35 -10.69 -8.93 -11.54
C LEU A 35 -11.00 -7.52 -12.05
N ALA A 36 -11.90 -6.84 -11.36
CA ALA A 36 -12.30 -5.48 -11.71
C ALA A 36 -11.59 -4.50 -10.81
N THR A 37 -11.05 -3.43 -11.39
CA THR A 37 -10.29 -2.47 -10.61
C THR A 37 -10.31 -1.11 -11.33
N ALA A 38 -9.48 -0.19 -10.84
CA ALA A 38 -9.23 1.12 -11.48
C ALA A 38 -10.55 1.83 -11.70
N MET A 39 -10.85 2.29 -12.92
CA MET A 39 -11.95 3.21 -13.15
C MET A 39 -13.33 2.59 -12.94
N HIS A 40 -13.41 1.26 -12.77
CA HIS A 40 -14.68 0.66 -12.38
C HIS A 40 -15.12 1.10 -11.00
N TYR A 41 -14.22 1.69 -10.21
CA TYR A 41 -14.55 2.15 -8.86
C TYR A 41 -14.27 3.65 -8.71
N SER A 42 -14.40 4.39 -9.82
CA SER A 42 -14.28 5.83 -9.79
C SER A 42 -15.67 6.45 -9.84
N PRO A 43 -16.06 7.28 -8.87
CA PRO A 43 -17.37 7.94 -8.96
C PRO A 43 -17.51 8.86 -10.15
N GLU A 44 -16.41 9.48 -10.59
CA GLU A 44 -16.37 10.29 -11.81
C GLU A 44 -17.08 9.59 -12.96
N HIS A 45 -16.88 8.27 -13.07
CA HIS A 45 -17.44 7.50 -14.17
C HIS A 45 -18.65 6.67 -13.75
N GLY A 46 -19.16 6.87 -12.53
CA GLY A 46 -20.41 6.28 -12.13
C GLY A 46 -20.34 4.89 -11.54
N GLU A 47 -19.17 4.44 -11.08
CA GLU A 47 -18.98 3.08 -10.58
C GLU A 47 -19.46 2.05 -11.60
N THR A 48 -18.69 1.95 -12.68
CA THR A 48 -19.06 1.09 -13.79
C THR A 48 -19.00 -0.39 -13.46
N TRP A 49 -18.49 -0.77 -12.27
CA TRP A 49 -18.57 -2.15 -11.85
C TRP A 49 -20.01 -2.62 -11.76
N LYS A 50 -20.92 -1.72 -11.37
CA LYS A 50 -22.35 -2.03 -11.34
C LYS A 50 -22.83 -2.49 -12.71
N THR A 51 -22.29 -1.90 -13.79
CA THR A 51 -22.62 -2.36 -15.13
C THR A 51 -22.20 -3.81 -15.32
N ILE A 52 -20.98 -4.16 -14.91
CA ILE A 52 -20.53 -5.55 -15.00
C ILE A 52 -21.49 -6.48 -14.28
N VAL A 53 -21.96 -6.09 -13.09
CA VAL A 53 -22.88 -6.97 -12.37
C VAL A 53 -24.25 -7.01 -13.03
N LYS A 54 -24.69 -5.88 -13.59
CA LYS A 54 -26.02 -5.82 -14.18
C LYS A 54 -26.10 -6.61 -15.49
N ASP A 55 -25.01 -6.68 -16.24
CA ASP A 55 -24.95 -7.48 -17.46
C ASP A 55 -24.92 -8.99 -17.17
N GLY A 56 -24.92 -9.39 -15.90
CA GLY A 56 -25.03 -10.78 -15.54
C GLY A 56 -23.75 -11.44 -15.06
N PHE A 57 -22.69 -10.68 -14.82
CA PHE A 57 -21.41 -11.26 -14.41
C PHE A 57 -21.21 -11.16 -12.91
N GLU A 58 -20.31 -11.99 -12.40
CA GLU A 58 -19.95 -12.04 -10.99
C GLU A 58 -18.50 -11.57 -10.86
N ILE A 59 -18.29 -10.49 -10.13
CA ILE A 59 -16.94 -9.95 -9.90
C ILE A 59 -16.27 -10.81 -8.85
N THR A 60 -15.27 -11.59 -9.26
CA THR A 60 -14.58 -12.48 -8.33
C THR A 60 -13.76 -11.67 -7.32
N GLU A 61 -12.98 -10.71 -7.79
CA GLU A 61 -12.15 -9.88 -6.93
C GLU A 61 -12.23 -8.43 -7.38
N SER A 62 -12.30 -7.52 -6.42
CA SER A 62 -12.34 -6.09 -6.68
C SER A 62 -11.20 -5.41 -5.93
N VAL A 63 -10.52 -4.48 -6.61
CA VAL A 63 -9.41 -3.75 -6.03
C VAL A 63 -9.61 -2.27 -6.33
N GLU A 64 -10.01 -1.51 -5.32
CA GLU A 64 -10.01 -0.05 -5.42
C GLU A 64 -8.57 0.44 -5.32
N MET A 65 -8.18 1.36 -6.21
CA MET A 65 -6.76 1.72 -6.31
C MET A 65 -6.51 3.16 -6.75
N LEU A 66 -7.45 3.78 -7.49
CA LEU A 66 -7.19 5.07 -8.10
C LEU A 66 -7.23 6.17 -7.04
N LEU A 67 -6.16 6.94 -6.94
CA LEU A 67 -6.11 8.09 -6.06
C LEU A 67 -6.93 9.23 -6.65
N SER A 68 -7.49 10.06 -5.78
CA SER A 68 -8.30 11.21 -6.23
C SER A 68 -7.36 12.39 -6.45
N SER A 69 -6.79 12.45 -7.66
CA SER A 69 -5.78 13.46 -7.98
C SER A 69 -5.45 13.38 -9.46
N ASP A 70 -4.91 14.48 -9.98
CA ASP A 70 -4.52 14.56 -11.39
C ASP A 70 -3.00 14.56 -11.58
N THR A 71 -2.23 14.30 -10.54
CA THR A 71 -0.78 14.28 -10.66
C THR A 71 -0.29 12.92 -11.16
N SER A 72 0.90 12.92 -11.75
CA SER A 72 1.52 11.66 -12.16
C SER A 72 2.01 10.88 -10.95
N SER A 73 2.48 11.58 -9.92
CA SER A 73 2.84 10.93 -8.67
C SER A 73 1.69 10.10 -8.12
N ALA A 74 0.48 10.64 -8.14
CA ALA A 74 -0.68 9.91 -7.67
C ALA A 74 -1.04 8.74 -8.57
N VAL A 75 -0.66 8.79 -9.85
CA VAL A 75 -0.81 7.62 -10.70
C VAL A 75 0.15 6.53 -10.28
N VAL A 76 1.39 6.91 -9.93
CA VAL A 76 2.35 5.92 -9.43
C VAL A 76 1.85 5.30 -8.13
N LYS A 77 1.34 6.13 -7.22
CA LYS A 77 0.77 5.61 -5.97
C LYS A 77 -0.40 4.68 -6.25
N SER A 78 -1.30 5.10 -7.14
CA SER A 78 -2.42 4.23 -7.53
C SER A 78 -1.92 2.90 -8.06
N MET A 79 -0.81 2.91 -8.81
CA MET A 79 -0.25 1.67 -9.30
C MET A 79 0.28 0.81 -8.16
N GLY A 80 0.85 1.45 -7.13
CA GLY A 80 1.29 0.70 -5.97
C GLY A 80 0.15 0.05 -5.22
N VAL A 81 -0.89 0.82 -4.91
CA VAL A 81 -2.10 0.25 -4.31
C VAL A 81 -2.63 -0.89 -5.17
N GLY A 82 -2.63 -0.70 -6.48
CA GLY A 82 -3.04 -1.77 -7.38
C GLY A 82 -2.23 -3.03 -7.18
N LEU A 83 -0.90 -2.91 -7.13
CA LEU A 83 -0.06 -4.08 -6.92
C LEU A 83 -0.38 -4.75 -5.59
N LEU A 84 -0.55 -3.96 -4.53
CA LEU A 84 -0.81 -4.51 -3.21
C LEU A 84 -2.13 -5.28 -3.18
N GLY A 85 -3.15 -4.77 -3.87
CA GLY A 85 -4.41 -5.49 -3.95
C GLY A 85 -4.32 -6.73 -4.85
N PHE A 86 -3.60 -6.61 -5.97
CA PHE A 86 -3.49 -7.72 -6.92
C PHE A 86 -2.73 -8.89 -6.32
N ALA A 87 -1.79 -8.62 -5.40
CA ALA A 87 -1.07 -9.72 -4.75
C ALA A 87 -2.04 -10.67 -4.06
N ASP A 88 -2.88 -10.14 -3.16
CA ASP A 88 -3.84 -10.99 -2.46
C ASP A 88 -4.95 -11.47 -3.38
N ALA A 89 -5.34 -10.66 -4.37
CA ALA A 89 -6.40 -11.06 -5.29
C ALA A 89 -5.98 -12.29 -6.09
N LEU A 90 -4.81 -12.23 -6.73
CA LEU A 90 -4.30 -13.40 -7.45
C LEU A 90 -3.97 -14.55 -6.51
N LYS A 91 -3.49 -14.24 -5.30
CA LYS A 91 -3.27 -15.27 -4.30
C LYS A 91 -4.54 -16.07 -4.04
N ARG A 92 -5.69 -15.40 -4.02
CA ARG A 92 -6.96 -16.07 -3.73
C ARG A 92 -7.54 -16.74 -4.98
N MET A 93 -7.48 -16.07 -6.13
CA MET A 93 -8.11 -16.62 -7.33
C MET A 93 -7.34 -17.82 -7.86
N GLN A 94 -6.01 -17.77 -7.82
CA GLN A 94 -5.12 -18.76 -8.43
C GLN A 94 -5.61 -19.14 -9.84
N PRO A 95 -5.67 -18.18 -10.76
CA PRO A 95 -6.21 -18.46 -12.09
C PRO A 95 -5.26 -19.35 -12.88
N ASP A 96 -5.84 -20.15 -13.76
CA ASP A 96 -5.01 -20.89 -14.71
C ASP A 96 -4.50 -19.96 -15.81
N VAL A 97 -5.31 -18.97 -16.20
CA VAL A 97 -4.93 -17.98 -17.20
C VAL A 97 -5.45 -16.63 -16.75
N LEU A 98 -4.66 -15.58 -16.97
CA LEU A 98 -5.13 -14.21 -16.78
C LEU A 98 -5.13 -13.49 -18.12
N VAL A 99 -6.27 -12.89 -18.46
CA VAL A 99 -6.47 -12.19 -19.72
C VAL A 99 -6.35 -10.70 -19.46
N VAL A 100 -5.48 -10.04 -20.21
CA VAL A 100 -5.20 -8.61 -20.07
C VAL A 100 -5.28 -7.97 -21.44
N LEU A 101 -6.08 -6.92 -21.58
CA LEU A 101 -6.25 -6.21 -22.83
C LEU A 101 -5.73 -4.78 -22.69
N GLY A 102 -5.04 -4.32 -23.73
CA GLY A 102 -4.74 -2.91 -23.87
C GLY A 102 -3.39 -2.48 -23.34
N ASP A 103 -3.32 -1.24 -22.84
CA ASP A 103 -2.04 -0.64 -22.48
C ASP A 103 -2.13 0.26 -21.25
N ARG A 104 -3.16 0.11 -20.42
CA ARG A 104 -3.29 0.94 -19.24
C ARG A 104 -2.30 0.51 -18.16
N PHE A 105 -1.96 1.45 -17.29
CA PHE A 105 -0.93 1.19 -16.28
C PHE A 105 -1.37 0.14 -15.28
N GLU A 106 -2.66 0.10 -14.94
CA GLU A 106 -3.15 -0.96 -14.06
C GLU A 106 -2.96 -2.34 -14.70
N ALA A 107 -3.09 -2.41 -16.02
CA ALA A 107 -2.86 -3.67 -16.72
C ALA A 107 -1.39 -4.05 -16.68
N LEU A 108 -0.49 -3.06 -16.75
CA LEU A 108 0.93 -3.35 -16.57
C LEU A 108 1.21 -3.87 -15.16
N ALA A 109 0.57 -3.26 -14.15
CA ALA A 109 0.75 -3.70 -12.78
C ALA A 109 0.28 -5.14 -12.58
N VAL A 110 -0.94 -5.45 -13.04
CA VAL A 110 -1.45 -6.80 -12.86
C VAL A 110 -0.66 -7.81 -13.70
N THR A 111 -0.11 -7.36 -14.83
CA THR A 111 0.68 -8.25 -15.66
C THR A 111 1.98 -8.64 -14.97
N GLN A 112 2.69 -7.65 -14.41
CA GLN A 112 3.92 -7.98 -13.71
C GLN A 112 3.65 -8.75 -12.42
N ALA A 113 2.54 -8.45 -11.75
CA ALA A 113 2.15 -9.22 -10.57
C ALA A 113 1.91 -10.68 -10.94
N ALA A 114 1.21 -10.92 -12.06
CA ALA A 114 1.01 -12.29 -12.52
C ALA A 114 2.32 -12.94 -12.91
N LEU A 115 3.23 -12.16 -13.50
CA LEU A 115 4.54 -12.69 -13.87
C LEU A 115 5.28 -13.21 -12.65
N ILE A 116 5.32 -12.40 -11.58
CA ILE A 116 6.04 -12.81 -10.37
C ILE A 116 5.39 -14.03 -9.73
N MET A 117 4.06 -14.14 -9.82
CA MET A 117 3.32 -15.20 -9.16
C MET A 117 2.98 -16.36 -10.08
N HIS A 118 3.60 -16.42 -11.27
CA HIS A 118 3.50 -17.57 -12.17
C HIS A 118 2.07 -17.79 -12.68
N VAL A 119 1.31 -16.71 -12.84
CA VAL A 119 -0.01 -16.78 -13.46
C VAL A 119 0.15 -16.41 -14.94
N PRO A 120 -0.02 -17.36 -15.86
CA PRO A 120 0.24 -17.06 -17.28
C PRO A 120 -0.69 -15.98 -17.80
N VAL A 121 -0.13 -15.05 -18.57
CA VAL A 121 -0.85 -13.90 -19.09
C VAL A 121 -1.10 -14.09 -20.59
N ALA A 122 -2.36 -13.98 -20.98
CA ALA A 122 -2.77 -13.83 -22.37
C ALA A 122 -3.04 -12.35 -22.61
N HIS A 123 -2.23 -11.72 -23.45
CA HIS A 123 -2.33 -10.29 -23.70
C HIS A 123 -3.04 -10.05 -25.03
N LEU A 124 -4.04 -9.17 -24.99
CA LEU A 124 -4.82 -8.81 -26.16
C LEU A 124 -4.40 -7.43 -26.66
N HIS A 125 -4.34 -7.28 -27.99
CA HIS A 125 -4.06 -6.02 -28.67
C HIS A 125 -2.59 -5.59 -28.53
N GLY A 126 -1.68 -6.54 -28.39
CA GLY A 126 -0.28 -6.21 -28.38
C GLY A 126 0.22 -5.87 -29.78
N GLY A 127 1.42 -5.29 -29.82
CA GLY A 127 2.06 -4.98 -31.08
C GLY A 127 1.46 -3.84 -31.88
N GLU A 128 0.59 -3.03 -31.27
CA GLU A 128 0.02 -1.89 -31.97
C GLU A 128 0.82 -0.63 -31.67
N ILE A 129 0.46 0.45 -32.36
CA ILE A 129 1.18 1.72 -32.31
C ILE A 129 0.17 2.85 -32.15
N THR A 130 0.29 3.61 -31.07
CA THR A 130 -0.65 4.68 -30.77
C THR A 130 0.13 5.95 -30.40
N GLU A 131 -0.61 7.04 -30.22
CA GLU A 131 -0.05 8.31 -29.80
C GLU A 131 -0.40 8.56 -28.34
N GLY A 132 0.62 8.84 -27.53
CA GLY A 132 0.40 9.08 -26.12
C GLY A 132 1.72 9.41 -25.45
N ALA A 133 1.61 9.85 -24.20
CA ALA A 133 2.81 10.12 -23.40
C ALA A 133 3.65 8.86 -23.25
N TYR A 134 3.03 7.74 -22.90
CA TYR A 134 3.77 6.50 -22.66
C TYR A 134 2.96 5.25 -22.92
N ASP A 135 1.71 5.36 -23.41
CA ASP A 135 0.83 4.20 -23.52
C ASP A 135 1.45 3.08 -24.36
N GLU A 136 2.18 3.44 -25.40
CA GLU A 136 2.76 2.40 -26.26
C GLU A 136 3.91 1.67 -25.56
N SER A 137 4.78 2.42 -24.87
CA SER A 137 5.82 1.78 -24.07
C SER A 137 5.23 0.79 -23.09
N ILE A 138 4.15 1.18 -22.40
CA ILE A 138 3.47 0.26 -21.48
C ILE A 138 2.96 -0.95 -22.24
N ARG A 139 2.36 -0.74 -23.42
CA ARG A 139 1.84 -1.85 -24.21
C ARG A 139 2.94 -2.87 -24.52
N HIS A 140 4.12 -2.39 -24.93
CA HIS A 140 5.20 -3.30 -25.25
C HIS A 140 5.79 -3.97 -24.01
N ALA A 141 5.82 -3.26 -22.88
CA ALA A 141 6.23 -3.88 -21.64
C ALA A 141 5.29 -5.01 -21.25
N ILE A 142 3.98 -4.79 -21.41
CA ILE A 142 3.01 -5.84 -21.13
C ILE A 142 3.21 -7.02 -22.07
N THR A 143 3.51 -6.73 -23.34
CA THR A 143 3.83 -7.80 -24.27
C THR A 143 5.00 -8.63 -23.80
N LYS A 144 6.06 -7.98 -23.31
CA LYS A 144 7.25 -8.73 -22.92
C LYS A 144 7.05 -9.55 -21.64
N MET A 145 6.06 -9.23 -20.82
CA MET A 145 5.77 -10.00 -19.61
C MET A 145 4.54 -10.89 -19.77
N SER A 146 4.11 -11.15 -21.00
CA SER A 146 2.96 -11.99 -21.27
C SER A 146 3.41 -13.30 -21.91
N ASN A 147 2.67 -14.37 -21.62
CA ASN A 147 3.03 -15.69 -22.11
C ASN A 147 2.41 -16.03 -23.44
N ILE A 148 1.24 -15.48 -23.77
CA ILE A 148 0.65 -15.74 -25.08
C ILE A 148 -0.04 -14.46 -25.54
N HIS A 149 -0.13 -14.29 -26.86
CA HIS A 149 -0.46 -13.01 -27.46
C HIS A 149 -1.55 -13.17 -28.50
N PHE A 150 -2.57 -12.33 -28.42
CA PHE A 150 -3.70 -12.33 -29.35
C PHE A 150 -3.75 -10.96 -30.02
N ALA A 151 -3.17 -10.87 -31.21
CA ALA A 151 -3.09 -9.61 -31.94
C ALA A 151 -4.33 -9.41 -32.80
N ALA A 152 -4.64 -8.14 -33.04
CA ALA A 152 -5.82 -7.78 -33.82
C ALA A 152 -5.60 -7.86 -35.32
N ALA A 153 -4.35 -7.96 -35.77
CA ALA A 153 -4.06 -7.97 -37.20
C ALA A 153 -2.67 -8.58 -37.42
N GLU A 154 -2.39 -8.91 -38.68
CA GLU A 154 -1.17 -9.62 -39.01
C GLU A 154 0.07 -8.77 -38.75
N GLU A 155 -0.02 -7.47 -39.01
CA GLU A 155 1.11 -6.59 -38.77
C GLU A 155 1.37 -6.41 -37.28
N TYR A 156 0.31 -6.40 -36.46
CA TYR A 156 0.48 -6.37 -35.01
C TYR A 156 1.12 -7.66 -34.52
N LYS A 157 0.59 -8.81 -34.98
CA LYS A 157 1.20 -10.10 -34.68
C LYS A 157 2.68 -10.10 -35.02
N LYS A 158 3.02 -9.52 -36.17
CA LYS A 158 4.39 -9.56 -36.64
C LYS A 158 5.29 -8.62 -35.85
N ARG A 159 4.77 -7.49 -35.39
CA ARG A 159 5.55 -6.64 -34.51
C ARG A 159 5.74 -7.29 -33.16
N ILE A 160 4.74 -8.02 -32.67
CA ILE A 160 4.92 -8.81 -31.46
C ILE A 160 6.04 -9.81 -31.65
N ILE A 161 6.09 -10.45 -32.83
CA ILE A 161 7.18 -11.37 -33.13
C ILE A 161 8.53 -10.64 -33.09
N GLN A 162 8.59 -9.44 -33.69
CA GLN A 162 9.84 -8.68 -33.65
C GLN A 162 10.23 -8.35 -32.21
N LEU A 163 9.24 -8.15 -31.34
CA LEU A 163 9.50 -7.85 -29.94
C LEU A 163 10.15 -9.02 -29.19
N GLY A 164 10.34 -10.16 -29.85
CA GLY A 164 11.01 -11.30 -29.23
C GLY A 164 10.10 -12.45 -28.88
N GLU A 165 8.80 -12.32 -29.10
CA GLU A 165 7.87 -13.40 -28.81
C GLU A 165 7.95 -14.49 -29.86
N GLN A 166 7.87 -15.74 -29.43
CA GLN A 166 7.97 -16.86 -30.35
C GLN A 166 6.74 -16.91 -31.23
N PRO A 167 6.89 -17.21 -32.52
CA PRO A 167 5.74 -17.19 -33.44
C PRO A 167 4.61 -18.11 -33.02
N GLU A 168 4.90 -19.21 -32.35
CA GLU A 168 3.86 -20.13 -31.90
C GLU A 168 3.14 -19.65 -30.64
N ARG A 169 3.47 -18.46 -30.14
CA ARG A 169 2.77 -17.85 -29.02
C ARG A 169 2.04 -16.58 -29.41
N VAL A 170 2.03 -16.24 -30.70
CA VAL A 170 1.34 -15.05 -31.21
C VAL A 170 0.30 -15.51 -32.22
N PHE A 171 -0.93 -15.02 -32.07
CA PHE A 171 -2.05 -15.45 -32.89
C PHE A 171 -2.83 -14.23 -33.35
N ASN A 172 -3.02 -14.10 -34.67
CA ASN A 172 -3.86 -13.06 -35.23
C ASN A 172 -5.30 -13.55 -35.20
N VAL A 173 -6.11 -13.01 -34.28
CA VAL A 173 -7.48 -13.41 -34.09
C VAL A 173 -8.47 -12.28 -34.35
N GLY A 174 -7.98 -11.14 -34.85
CA GLY A 174 -8.84 -10.00 -35.09
C GLY A 174 -9.14 -9.21 -33.82
N ALA A 175 -9.86 -8.11 -34.01
CA ALA A 175 -10.22 -7.22 -32.92
C ALA A 175 -11.38 -7.81 -32.12
N LEU A 176 -11.17 -7.96 -30.82
CA LEU A 176 -12.21 -8.54 -29.95
C LEU A 176 -13.51 -7.74 -30.01
N GLY A 177 -13.41 -6.40 -29.96
CA GLY A 177 -14.61 -5.58 -29.90
C GLY A 177 -15.54 -5.80 -31.07
N LEU A 178 -14.99 -6.07 -32.25
CA LEU A 178 -15.82 -6.24 -33.43
C LEU A 178 -16.74 -7.46 -33.34
N ASP A 179 -16.55 -8.32 -32.33
CA ASP A 179 -17.51 -9.39 -32.12
C ASP A 179 -18.91 -8.84 -31.92
N HIS A 180 -19.02 -7.63 -31.36
CA HIS A 180 -20.33 -6.99 -31.23
C HIS A 180 -21.02 -6.90 -32.59
N ILE A 181 -20.27 -6.47 -33.61
CA ILE A 181 -20.83 -6.36 -34.97
C ILE A 181 -21.42 -7.68 -35.41
N GLN A 182 -20.77 -8.79 -35.07
CA GLN A 182 -21.26 -10.08 -35.52
C GLN A 182 -22.45 -10.57 -34.71
N ARG A 183 -22.60 -10.09 -33.47
CA ARG A 183 -23.61 -10.65 -32.56
C ARG A 183 -24.74 -9.68 -32.25
N THR A 184 -24.69 -8.45 -32.77
CA THR A 184 -25.73 -7.48 -32.52
C THR A 184 -26.91 -7.72 -33.46
N THR A 185 -28.12 -7.69 -32.91
CA THR A 185 -29.34 -7.54 -33.70
C THR A 185 -29.64 -6.05 -33.76
N PHE A 186 -29.49 -5.47 -34.95
CA PHE A 186 -29.53 -4.02 -35.07
C PHE A 186 -30.95 -3.49 -34.92
N LYS A 187 -31.04 -2.26 -34.42
CA LYS A 187 -32.31 -1.55 -34.37
C LYS A 187 -32.61 -0.95 -35.74
N SER A 188 -33.86 -1.09 -36.18
CA SER A 188 -34.27 -0.48 -37.43
C SER A 188 -34.34 1.05 -37.26
N ILE A 189 -34.42 1.75 -38.39
CA ILE A 189 -34.56 3.20 -38.37
C ILE A 189 -35.82 3.60 -37.62
N SER A 190 -36.91 2.85 -37.79
CA SER A 190 -38.13 3.10 -37.03
C SER A 190 -37.86 3.10 -35.53
N GLU A 191 -37.26 2.00 -35.03
CA GLU A 191 -37.03 1.84 -33.60
C GLU A 191 -36.10 2.93 -33.07
N LEU A 192 -35.02 3.21 -33.80
CA LEU A 192 -34.12 4.29 -33.42
C LEU A 192 -34.85 5.63 -33.43
N SER A 193 -35.80 5.81 -34.34
CA SER A 193 -36.43 7.11 -34.53
C SER A 193 -37.49 7.40 -33.47
N GLU A 194 -38.16 6.39 -32.94
CA GLU A 194 -39.04 6.65 -31.80
C GLU A 194 -38.29 6.55 -30.47
N LEU A 195 -37.21 5.78 -30.41
CA LEU A 195 -36.46 5.69 -29.16
C LEU A 195 -35.79 7.02 -28.81
N TYR A 196 -35.35 7.78 -29.81
CA TYR A 196 -34.66 9.04 -29.60
C TYR A 196 -35.49 10.26 -30.00
N ASP A 197 -36.77 10.06 -30.34
CA ASP A 197 -37.63 11.12 -30.87
C ASP A 197 -36.87 12.01 -31.86
N PHE A 198 -36.28 11.37 -32.86
CA PHE A 198 -35.52 12.06 -33.88
C PHE A 198 -35.52 11.21 -35.13
N ASP A 199 -35.75 11.83 -36.28
CA ASP A 199 -35.95 11.08 -37.52
C ASP A 199 -34.60 10.65 -38.09
N PHE A 200 -34.38 9.34 -38.16
CA PHE A 200 -33.16 8.79 -38.73
C PHE A 200 -33.26 8.52 -40.22
N SER A 201 -34.45 8.70 -40.82
CA SER A 201 -34.58 8.48 -42.25
C SER A 201 -33.85 9.56 -43.04
N LYS A 202 -33.74 10.75 -42.48
CA LYS A 202 -32.92 11.78 -43.10
C LYS A 202 -31.45 11.42 -42.95
N PRO A 203 -30.65 11.56 -44.01
CA PRO A 203 -29.23 11.20 -43.90
C PRO A 203 -28.53 11.98 -42.79
N TYR A 204 -27.68 11.28 -42.06
CA TYR A 204 -27.07 11.82 -40.86
C TYR A 204 -25.60 11.41 -40.79
N PHE A 205 -24.76 12.36 -40.40
CA PHE A 205 -23.38 12.08 -40.01
C PHE A 205 -23.36 11.70 -38.53
N LEU A 206 -22.59 10.68 -38.20
CA LEU A 206 -22.37 10.30 -36.82
C LEU A 206 -20.97 10.73 -36.43
N ILE A 207 -20.85 11.37 -35.27
CA ILE A 207 -19.63 12.05 -34.89
C ILE A 207 -19.34 11.72 -33.43
N THR A 208 -18.09 11.36 -33.17
CA THR A 208 -17.55 11.24 -31.82
C THR A 208 -16.20 11.92 -31.89
N TYR A 209 -16.10 13.12 -31.34
CA TYR A 209 -14.84 13.86 -31.32
C TYR A 209 -14.33 13.85 -29.90
N HIS A 210 -13.29 13.10 -29.67
CA HIS A 210 -12.80 13.06 -28.32
C HIS A 210 -11.69 14.08 -28.16
N PRO A 211 -11.57 14.70 -26.99
CA PRO A 211 -10.49 15.69 -26.81
C PRO A 211 -9.15 15.01 -26.95
N GLU A 212 -8.36 15.45 -27.92
CA GLU A 212 -7.00 14.95 -28.03
C GLU A 212 -6.23 15.43 -26.81
N THR A 213 -5.94 14.51 -25.90
CA THR A 213 -5.37 14.86 -24.60
C THR A 213 -4.13 15.73 -24.77
N ASN A 214 -3.25 15.38 -25.70
CA ASN A 214 -2.06 16.18 -25.92
C ASN A 214 -2.42 17.53 -26.53
N LEU A 215 -3.47 17.58 -27.35
CA LEU A 215 -4.00 18.85 -27.86
C LEU A 215 -4.82 19.43 -26.71
N LEU A 216 -4.08 20.02 -25.76
CA LEU A 216 -4.61 20.43 -24.46
C LEU A 216 -5.95 21.15 -24.54
N GLU A 217 -5.98 22.31 -25.20
CA GLU A 217 -7.24 22.93 -25.58
C GLU A 217 -7.27 23.04 -27.10
N GLU A 218 -8.31 22.48 -27.70
CA GLU A 218 -8.40 22.32 -29.13
C GLU A 218 -9.24 23.45 -29.71
N ASN A 219 -8.83 23.96 -30.87
CA ASN A 219 -9.71 24.83 -31.63
C ASN A 219 -10.68 23.93 -32.40
N VAL A 220 -11.94 23.93 -31.98
CA VAL A 220 -12.93 23.02 -32.53
C VAL A 220 -13.64 23.57 -33.76
N ALA A 221 -13.60 24.89 -33.95
CA ALA A 221 -14.33 25.49 -35.07
C ALA A 221 -13.96 24.91 -36.44
N PRO A 222 -12.68 24.58 -36.76
CA PRO A 222 -12.37 24.12 -38.13
C PRO A 222 -13.23 22.96 -38.59
N LEU A 223 -13.82 22.23 -37.65
CA LEU A 223 -14.68 21.10 -37.96
C LEU A 223 -16.13 21.53 -38.06
N PHE A 224 -16.69 22.07 -36.98
CA PHE A 224 -18.09 22.50 -36.96
C PHE A 224 -18.41 23.42 -38.13
N ASP A 225 -17.50 24.36 -38.42
CA ASP A 225 -17.67 25.21 -39.59
C ASP A 225 -17.73 24.39 -40.88
N ALA A 226 -16.98 23.29 -40.93
CA ALA A 226 -17.09 22.40 -42.07
C ALA A 226 -18.40 21.62 -42.09
N LEU A 227 -19.06 21.45 -40.94
CA LEU A 227 -20.38 20.81 -40.92
C LEU A 227 -21.54 21.75 -41.20
N LYS A 228 -21.40 23.06 -40.98
CA LYS A 228 -22.48 23.94 -41.42
C LYS A 228 -22.45 24.10 -42.93
N GLN A 229 -21.29 23.89 -43.56
CA GLN A 229 -21.16 23.98 -45.01
C GLN A 229 -21.81 22.81 -45.73
N ILE A 230 -22.11 21.72 -45.03
CA ILE A 230 -22.83 20.59 -45.62
C ILE A 230 -24.30 20.70 -45.24
N ASN A 231 -25.16 20.80 -46.25
CA ASN A 231 -26.60 20.91 -46.07
C ASN A 231 -27.28 19.64 -46.54
N ASP A 232 -28.57 19.52 -46.22
CA ASP A 232 -29.40 18.36 -46.49
C ASP A 232 -28.97 17.15 -45.67
N VAL A 233 -28.15 17.36 -44.65
CA VAL A 233 -27.53 16.28 -43.88
C VAL A 233 -27.68 16.59 -42.40
N ASN A 234 -28.04 15.58 -41.62
CA ASN A 234 -28.15 15.72 -40.18
C ASN A 234 -26.83 15.39 -39.51
N PHE A 235 -26.69 15.82 -38.25
CA PHE A 235 -25.47 15.62 -37.48
C PHE A 235 -25.86 14.97 -36.16
N ILE A 236 -25.50 13.69 -35.98
CA ILE A 236 -25.75 12.99 -34.73
C ILE A 236 -24.43 12.77 -34.01
N PHE A 237 -24.44 12.97 -32.70
CA PHE A 237 -23.25 12.99 -31.87
C PHE A 237 -23.48 12.16 -30.63
N SER A 238 -22.41 11.55 -30.11
CA SER A 238 -22.40 11.06 -28.74
C SER A 238 -21.35 11.83 -27.95
N TYR A 239 -21.40 11.66 -26.59
CA TYR A 239 -20.56 12.60 -25.89
C TYR A 239 -19.13 12.07 -25.73
N PRO A 240 -18.15 12.97 -25.74
CA PRO A 240 -16.76 12.59 -25.45
C PRO A 240 -16.56 12.06 -24.03
N ASN A 241 -15.32 11.73 -23.68
CA ASN A 241 -15.01 11.10 -22.40
C ASN A 241 -14.80 12.12 -21.30
N ALA A 242 -13.93 11.80 -20.34
CA ALA A 242 -13.66 12.66 -19.19
C ALA A 242 -12.14 12.91 -19.11
N ASP A 243 -11.65 13.76 -20.02
CA ASP A 243 -10.24 14.13 -20.01
C ASP A 243 -10.05 15.62 -19.80
N ASN A 244 -8.88 16.15 -20.16
CA ASN A 244 -8.54 17.56 -19.93
C ASN A 244 -8.78 18.38 -21.21
N GLY A 245 -10.00 18.90 -21.34
CA GLY A 245 -10.34 19.77 -22.45
C GLY A 245 -11.65 19.45 -23.15
N ASN A 246 -12.43 18.54 -22.56
CA ASN A 246 -13.67 18.09 -23.19
C ASN A 246 -14.76 19.16 -23.18
N THR A 247 -14.80 20.01 -22.15
CA THR A 247 -15.97 20.87 -21.93
C THR A 247 -16.17 21.88 -23.05
N ASN A 248 -15.09 22.48 -23.55
CA ASN A 248 -15.29 23.43 -24.65
C ASN A 248 -15.80 22.71 -25.90
N ILE A 249 -15.53 21.40 -26.00
CA ILE A 249 -16.14 20.59 -27.06
C ILE A 249 -17.62 20.40 -26.78
N VAL A 250 -17.98 20.05 -25.54
CA VAL A 250 -19.40 19.77 -25.26
C VAL A 250 -20.24 21.01 -25.50
N LYS A 251 -19.69 22.20 -25.25
CA LYS A 251 -20.46 23.41 -25.54
C LYS A 251 -20.34 23.87 -26.98
N ALA A 252 -19.26 23.50 -27.68
CA ALA A 252 -19.26 23.68 -29.13
C ALA A 252 -20.37 22.87 -29.78
N MET A 253 -20.55 21.62 -29.33
CA MET A 253 -21.67 20.81 -29.75
C MET A 253 -22.99 21.48 -29.40
N LEU A 254 -23.22 21.72 -28.11
CA LEU A 254 -24.50 22.23 -27.65
C LEU A 254 -24.85 23.55 -28.32
N ASP A 255 -23.85 24.29 -28.79
CA ASP A 255 -24.10 25.54 -29.50
C ASP A 255 -24.31 25.36 -31.00
N LEU A 256 -23.71 24.34 -31.62
CA LEU A 256 -24.09 24.07 -33.01
C LEU A 256 -25.37 23.26 -33.11
N LYS A 257 -25.95 22.83 -31.99
CA LYS A 257 -27.32 22.31 -32.01
C LYS A 257 -28.34 23.34 -31.59
N ALA A 258 -28.01 24.20 -30.61
CA ALA A 258 -28.90 25.31 -30.28
C ALA A 258 -29.15 26.23 -31.46
N GLN A 259 -28.26 26.23 -32.47
CA GLN A 259 -28.51 26.99 -33.68
C GLN A 259 -29.55 26.29 -34.56
N LEU A 260 -29.45 24.97 -34.73
CA LEU A 260 -30.30 24.20 -35.62
C LEU A 260 -31.05 23.19 -34.76
N PRO A 261 -32.12 23.61 -34.09
CA PRO A 261 -32.85 22.65 -33.24
C PRO A 261 -33.58 21.57 -33.99
N ASP A 262 -33.56 21.57 -35.33
CA ASP A 262 -34.24 20.55 -36.12
C ASP A 262 -33.29 19.94 -37.15
N ARG A 263 -32.00 19.78 -36.81
CA ARG A 263 -31.11 19.07 -37.71
C ARG A 263 -29.98 18.33 -37.00
N VAL A 264 -29.87 18.40 -35.67
CA VAL A 264 -28.77 17.81 -34.92
C VAL A 264 -29.36 16.97 -33.79
N LEU A 265 -28.70 15.85 -33.48
CA LEU A 265 -29.11 14.97 -32.39
C LEU A 265 -27.92 14.71 -31.49
N LEU A 266 -28.11 14.89 -30.18
CA LEU A 266 -27.07 14.74 -29.18
C LEU A 266 -27.46 13.65 -28.21
N VAL A 267 -26.66 12.60 -28.10
CA VAL A 267 -26.91 11.49 -27.19
C VAL A 267 -25.74 11.37 -26.21
N LYS A 268 -26.06 11.29 -24.92
CA LYS A 268 -25.01 11.24 -23.90
C LYS A 268 -24.27 9.90 -23.95
N SER A 269 -24.99 8.80 -23.85
CA SER A 269 -24.40 7.46 -23.93
C SER A 269 -25.30 6.62 -24.82
N PHE A 270 -24.74 6.10 -25.91
CA PHE A 270 -25.55 5.37 -26.88
C PHE A 270 -25.84 3.95 -26.43
N GLY A 271 -24.86 3.27 -25.83
CA GLY A 271 -24.94 1.84 -25.66
C GLY A 271 -24.47 1.15 -26.92
N ILE A 272 -23.76 0.04 -26.79
CA ILE A 272 -23.10 -0.55 -27.96
C ILE A 272 -24.12 -0.95 -29.02
N GLN A 273 -25.29 -1.42 -28.60
CA GLN A 273 -26.29 -1.89 -29.57
C GLN A 273 -26.88 -0.72 -30.35
N ASN A 274 -27.35 0.31 -29.64
CA ASN A 274 -27.88 1.49 -30.31
C ASN A 274 -26.78 2.26 -31.03
N TYR A 275 -25.56 2.27 -30.49
CA TYR A 275 -24.46 2.96 -31.17
C TYR A 275 -24.17 2.31 -32.51
N LEU A 276 -24.01 0.98 -32.54
CA LEU A 276 -23.75 0.31 -33.80
C LEU A 276 -24.95 0.38 -34.75
N SER A 277 -26.16 0.43 -34.20
CA SER A 277 -27.34 0.59 -35.05
C SER A 277 -27.35 1.97 -35.72
N VAL A 278 -26.96 3.01 -34.97
CA VAL A 278 -26.88 4.34 -35.55
C VAL A 278 -25.74 4.42 -36.57
N LEU A 279 -24.59 3.85 -36.23
CA LEU A 279 -23.44 3.93 -37.12
C LEU A 279 -23.63 3.13 -38.39
N LYS A 280 -24.46 2.08 -38.34
CA LYS A 280 -24.63 1.21 -39.50
C LYS A 280 -25.27 1.96 -40.67
N ASN A 281 -26.23 2.83 -40.38
CA ASN A 281 -26.95 3.56 -41.42
C ASN A 281 -26.46 5.00 -41.55
N ALA A 282 -25.20 5.26 -41.20
CA ALA A 282 -24.63 6.58 -41.18
C ALA A 282 -24.01 6.92 -42.54
N LEU A 283 -23.77 8.22 -42.79
CA LEU A 283 -23.11 8.61 -44.03
C LEU A 283 -21.60 8.46 -43.91
N ALA A 284 -21.06 8.78 -42.74
CA ALA A 284 -19.69 8.47 -42.38
C ALA A 284 -19.54 8.56 -40.87
N MET A 285 -18.65 7.73 -40.32
CA MET A 285 -18.11 8.00 -39.00
C MET A 285 -17.02 9.05 -39.14
N VAL A 286 -17.28 10.26 -38.65
CA VAL A 286 -16.30 11.33 -38.76
C VAL A 286 -15.90 11.75 -37.35
N GLY A 287 -14.65 12.19 -37.22
CA GLY A 287 -14.09 12.53 -35.94
C GLY A 287 -12.76 11.83 -35.74
N ASN A 288 -12.40 11.54 -34.49
CA ASN A 288 -11.11 10.89 -34.20
C ASN A 288 -11.27 9.68 -33.29
N SER A 289 -12.45 9.07 -33.24
CA SER A 289 -12.64 7.93 -32.36
C SER A 289 -12.00 6.67 -32.93
N SER A 290 -11.76 5.70 -32.03
CA SER A 290 -11.23 4.41 -32.46
C SER A 290 -12.28 3.60 -33.21
N SER A 291 -13.56 3.84 -32.95
CA SER A 291 -14.62 3.21 -33.73
C SER A 291 -14.48 3.52 -35.20
N GLY A 292 -13.94 4.70 -35.54
CA GLY A 292 -13.71 5.06 -36.92
C GLY A 292 -12.73 4.15 -37.63
N LEU A 293 -11.85 3.47 -36.89
CA LEU A 293 -10.82 2.63 -37.49
C LEU A 293 -11.03 1.14 -37.24
N SER A 294 -12.25 0.75 -36.88
CA SER A 294 -12.54 -0.66 -36.66
C SER A 294 -14.00 -0.97 -36.95
N GLU A 295 -14.90 -0.31 -36.22
CA GLU A 295 -16.33 -0.58 -36.36
C GLU A 295 -16.91 0.03 -37.62
N ALA A 296 -16.54 1.28 -37.93
CA ALA A 296 -16.99 1.90 -39.18
C ALA A 296 -16.53 1.15 -40.42
N PRO A 297 -15.24 0.77 -40.57
CA PRO A 297 -14.89 -0.03 -41.75
C PRO A 297 -15.56 -1.39 -41.78
N ALA A 298 -15.73 -2.04 -40.63
CA ALA A 298 -16.38 -3.34 -40.60
C ALA A 298 -17.85 -3.26 -40.99
N LEU A 299 -18.47 -2.10 -40.86
CA LEU A 299 -19.84 -1.88 -41.33
C LEU A 299 -19.88 -1.24 -42.71
N GLN A 300 -18.74 -1.22 -43.41
CA GLN A 300 -18.65 -0.65 -44.75
C GLN A 300 -19.14 0.80 -44.79
N VAL A 301 -18.96 1.51 -43.68
CA VAL A 301 -19.30 2.93 -43.58
C VAL A 301 -17.99 3.72 -43.59
N PRO A 302 -17.83 4.68 -44.50
CA PRO A 302 -16.55 5.39 -44.59
C PRO A 302 -16.26 6.21 -43.35
N THR A 303 -14.98 6.53 -43.16
CA THR A 303 -14.51 7.26 -42.00
C THR A 303 -13.77 8.52 -42.42
N VAL A 304 -14.03 9.61 -41.69
CA VAL A 304 -13.28 10.85 -41.84
C VAL A 304 -12.52 11.04 -40.52
N ASN A 305 -11.23 10.71 -40.53
CA ASN A 305 -10.42 10.69 -39.32
C ASN A 305 -9.65 12.00 -39.20
N ILE A 306 -9.99 12.79 -38.18
CA ILE A 306 -9.46 14.13 -38.02
C ILE A 306 -8.41 14.13 -36.90
N GLY A 307 -7.27 14.75 -37.17
CA GLY A 307 -6.23 14.86 -36.17
C GLY A 307 -5.32 13.66 -36.12
N ASP A 308 -4.54 13.61 -35.04
CA ASP A 308 -3.54 12.57 -34.84
C ASP A 308 -3.86 11.66 -33.66
N ARG A 309 -5.12 11.68 -33.19
CA ARG A 309 -5.50 10.83 -32.07
C ARG A 309 -5.42 9.35 -32.43
N GLN A 310 -5.62 9.01 -33.71
CA GLN A 310 -5.60 7.63 -34.17
C GLN A 310 -4.35 7.31 -34.98
N LYS A 311 -3.33 8.16 -34.88
CA LYS A 311 -2.09 7.93 -35.62
C LYS A 311 -1.44 6.63 -35.15
N GLY A 312 -1.03 5.81 -36.13
CA GLY A 312 -0.35 4.56 -35.88
C GLY A 312 -1.19 3.34 -36.23
N ARG A 313 -2.51 3.47 -36.17
CA ARG A 313 -3.37 2.32 -36.48
C ARG A 313 -3.42 2.04 -37.97
N LEU A 314 -3.76 0.79 -38.27
CA LEU A 314 -3.98 0.34 -39.63
C LEU A 314 -5.03 1.20 -40.34
N ARG A 315 -4.67 1.66 -41.53
CA ARG A 315 -5.60 2.39 -42.40
C ARG A 315 -6.09 1.45 -43.48
N CYS A 316 -7.29 1.74 -43.99
CA CYS A 316 -7.88 0.96 -45.07
C CYS A 316 -8.60 1.90 -46.01
N GLU A 317 -9.12 1.34 -47.11
CA GLU A 317 -9.78 2.14 -48.14
C GLU A 317 -10.90 2.98 -47.56
N SER A 318 -11.63 2.44 -46.58
CA SER A 318 -12.72 3.18 -45.97
C SER A 318 -12.24 4.39 -45.18
N ILE A 319 -10.96 4.44 -44.83
CA ILE A 319 -10.42 5.52 -44.02
C ILE A 319 -9.97 6.66 -44.92
N LEU A 320 -10.46 7.87 -44.63
CA LEU A 320 -10.01 9.10 -45.27
C LEU A 320 -9.46 10.01 -44.18
N ASP A 321 -8.13 10.17 -44.16
CA ASP A 321 -7.45 10.86 -43.08
C ASP A 321 -7.32 12.35 -43.40
N VAL A 322 -7.63 13.17 -42.41
CA VAL A 322 -7.76 14.61 -42.59
C VAL A 322 -7.22 15.32 -41.35
N ARG A 323 -6.54 16.45 -41.56
CA ARG A 323 -6.11 17.30 -40.45
C ARG A 323 -7.31 18.07 -39.90
N LEU A 324 -7.05 18.94 -38.92
CA LEU A 324 -8.09 19.83 -38.42
C LEU A 324 -8.06 21.15 -39.19
N ASP A 325 -8.09 21.04 -40.52
CA ASP A 325 -8.29 22.18 -41.40
C ASP A 325 -9.71 22.12 -41.94
N GLU A 326 -10.31 23.29 -42.13
CA GLU A 326 -11.75 23.29 -42.39
C GLU A 326 -12.06 22.85 -43.82
N ASN A 327 -11.29 23.37 -44.78
CA ASN A 327 -11.42 22.99 -46.17
C ASN A 327 -11.15 21.49 -46.28
N GLU A 328 -9.91 21.10 -45.97
CA GLU A 328 -9.41 19.73 -46.00
C GLU A 328 -10.44 18.78 -45.39
N ILE A 329 -11.19 19.26 -44.39
CA ILE A 329 -12.30 18.49 -43.86
C ILE A 329 -13.43 18.42 -44.90
N VAL A 330 -13.79 19.57 -45.49
CA VAL A 330 -14.98 19.61 -46.33
C VAL A 330 -14.84 18.71 -47.56
N GLU A 331 -13.68 18.73 -48.22
CA GLU A 331 -13.50 17.76 -49.30
C GLU A 331 -13.62 16.33 -48.81
N ALA A 332 -13.25 16.06 -47.56
CA ALA A 332 -13.30 14.69 -47.06
C ALA A 332 -14.73 14.25 -46.78
N LEU A 333 -15.58 15.15 -46.27
CA LEU A 333 -16.99 14.80 -46.13
C LEU A 333 -17.65 14.61 -47.49
N GLN A 334 -17.38 15.50 -48.44
CA GLN A 334 -17.91 15.29 -49.79
C GLN A 334 -17.51 13.92 -50.33
N LYS A 335 -16.21 13.63 -50.36
CA LYS A 335 -15.75 12.31 -50.77
C LYS A 335 -16.27 11.18 -49.88
N ALA A 336 -16.83 11.49 -48.72
CA ALA A 336 -17.52 10.47 -47.93
C ALA A 336 -18.92 10.23 -48.48
N ILE A 337 -19.58 11.30 -48.94
CA ILE A 337 -20.88 11.16 -49.58
C ILE A 337 -20.76 10.53 -50.96
N ASN A 338 -19.55 10.49 -51.54
CA ASN A 338 -19.34 9.86 -52.84
C ASN A 338 -19.64 8.37 -52.84
N PHE A 339 -18.64 7.54 -52.57
CA PHE A 339 -18.75 6.11 -52.79
C PHE A 339 -19.79 5.50 -51.84
N PRO A 349 -11.16 -6.97 -44.31
CA PRO A 349 -10.39 -5.98 -43.54
C PRO A 349 -9.43 -6.62 -42.54
N PRO A 350 -8.31 -5.94 -42.27
CA PRO A 350 -7.30 -6.52 -41.36
C PRO A 350 -7.83 -6.87 -39.98
N LEU A 351 -8.67 -6.04 -39.38
CA LEU A 351 -9.10 -6.31 -38.00
C LEU A 351 -10.07 -7.47 -37.89
N GLY A 352 -10.40 -8.14 -38.99
CA GLY A 352 -11.21 -9.33 -38.93
C GLY A 352 -12.71 -9.06 -39.03
N LEU A 353 -13.45 -10.16 -38.96
CA LEU A 353 -14.90 -10.13 -39.16
C LEU A 353 -15.66 -9.99 -37.85
N GLY A 354 -15.17 -10.58 -36.76
CA GLY A 354 -15.86 -10.51 -35.49
C GLY A 354 -16.17 -11.84 -34.84
N ASN A 355 -15.30 -12.83 -35.05
CA ASN A 355 -15.41 -14.08 -34.30
C ASN A 355 -14.12 -14.29 -33.49
N THR A 356 -13.66 -13.23 -32.82
CA THR A 356 -12.36 -13.27 -32.16
C THR A 356 -12.42 -14.09 -30.88
N SER A 357 -13.53 -13.98 -30.12
CA SER A 357 -13.63 -14.66 -28.85
C SER A 357 -13.47 -16.17 -29.00
N GLN A 358 -14.10 -16.76 -30.01
CA GLN A 358 -14.04 -18.20 -30.19
C GLN A 358 -12.66 -18.66 -30.61
N LYS A 359 -11.96 -17.87 -31.43
CA LYS A 359 -10.59 -18.22 -31.78
C LYS A 359 -9.68 -18.16 -30.56
N ILE A 360 -9.85 -17.13 -29.74
CA ILE A 360 -9.06 -17.03 -28.50
C ILE A 360 -9.32 -18.24 -27.63
N ILE A 361 -10.60 -18.60 -27.44
CA ILE A 361 -10.93 -19.73 -26.57
C ILE A 361 -10.36 -21.03 -27.12
N GLU A 362 -10.45 -21.23 -28.44
CA GLU A 362 -9.88 -22.43 -29.04
C GLU A 362 -8.38 -22.51 -28.79
N VAL A 363 -7.68 -21.39 -28.98
CA VAL A 363 -6.23 -21.36 -28.75
C VAL A 363 -5.92 -21.67 -27.30
N ILE A 364 -6.68 -21.08 -26.37
CA ILE A 364 -6.43 -21.30 -24.95
C ILE A 364 -6.66 -22.77 -24.59
N LYS A 365 -7.70 -23.38 -25.16
CA LYS A 365 -7.97 -24.79 -24.91
C LYS A 365 -6.94 -25.71 -25.54
N THR A 366 -6.25 -25.27 -26.59
CA THR A 366 -5.38 -26.15 -27.35
C THR A 366 -3.90 -25.82 -27.22
N THR A 367 -3.52 -24.81 -26.45
CA THR A 367 -2.12 -24.40 -26.36
C THR A 367 -1.68 -24.37 -24.90
N ASP A 368 -0.49 -24.92 -24.64
CA ASP A 368 0.17 -24.78 -23.34
C ASP A 368 1.07 -23.56 -23.36
N PHE A 369 0.87 -22.66 -22.40
CA PHE A 369 1.70 -21.47 -22.28
C PHE A 369 1.96 -21.14 -20.82
N LYS A 370 2.17 -22.17 -20.01
CA LYS A 370 2.47 -21.96 -18.59
C LYS A 370 3.76 -21.18 -18.41
N LYS A 371 4.76 -21.45 -19.24
CA LYS A 371 6.06 -20.80 -19.15
C LYS A 371 6.24 -19.78 -20.25
N LYS A 372 6.97 -18.72 -19.93
CA LYS A 372 7.42 -17.78 -20.94
C LYS A 372 8.37 -18.48 -21.92
N ALA A 373 8.01 -18.46 -23.20
CA ALA A 373 8.83 -19.08 -24.21
C ALA A 373 10.19 -18.39 -24.30
N PRO A 374 11.24 -19.09 -24.73
CA PRO A 374 12.54 -18.45 -24.91
C PRO A 374 12.45 -17.27 -25.87
N PHE A 375 13.34 -16.30 -25.66
CA PHE A 375 13.36 -15.13 -26.52
C PHE A 375 13.63 -15.55 -27.97
N TYR A 376 12.99 -14.84 -28.89
CA TYR A 376 13.04 -15.18 -30.32
C TYR A 376 13.93 -14.16 -31.03
N ASP A 377 15.11 -14.60 -31.44
CA ASP A 377 16.03 -13.77 -32.20
C ASP A 377 15.77 -13.94 -33.69
N LEU A 378 15.61 -12.83 -34.40
CA LEU A 378 15.51 -12.90 -35.85
C LEU A 378 16.92 -13.10 -36.38
N LEU A 379 17.18 -14.26 -36.98
CA LEU A 379 18.52 -14.56 -37.48
C LEU A 379 18.84 -13.75 -38.73
N MET B 1 23.01 23.04 -14.35
CA MET B 1 23.58 21.77 -13.89
C MET B 1 22.54 20.66 -13.98
N LYS B 2 22.85 19.63 -14.76
CA LYS B 2 21.91 18.56 -15.07
C LYS B 2 21.90 17.52 -13.96
N LYS B 3 20.70 17.04 -13.62
CA LYS B 3 20.51 16.15 -12.48
C LYS B 3 20.42 14.69 -12.95
N ILE B 4 21.40 13.89 -12.52
CA ILE B 4 21.49 12.48 -12.85
C ILE B 4 21.23 11.70 -11.56
N ALA B 5 20.02 11.15 -11.45
CA ALA B 5 19.69 10.27 -10.35
C ALA B 5 20.04 8.84 -10.73
N VAL B 6 20.75 8.15 -9.85
CA VAL B 6 21.13 6.76 -10.05
C VAL B 6 20.32 5.90 -9.09
N PHE B 7 19.65 4.90 -9.62
CA PHE B 7 18.85 3.98 -8.83
C PHE B 7 19.71 2.82 -8.36
N THR B 8 19.51 2.38 -7.12
CA THR B 8 20.23 1.24 -6.60
C THR B 8 19.38 0.51 -5.58
N GLY B 9 19.33 -0.81 -5.71
CA GLY B 9 18.49 -1.63 -4.86
C GLY B 9 19.22 -2.77 -4.18
N THR B 10 20.35 -3.20 -4.73
CA THR B 10 21.17 -4.24 -4.13
C THR B 10 22.62 -3.79 -4.09
N ARG B 11 23.41 -4.41 -3.21
CA ARG B 11 24.82 -4.07 -3.12
C ARG B 11 25.57 -4.49 -4.39
N ALA B 12 25.11 -5.56 -5.05
CA ALA B 12 25.67 -6.00 -6.32
C ALA B 12 25.65 -4.88 -7.36
N GLU B 13 24.45 -4.51 -7.83
CA GLU B 13 24.36 -3.51 -8.88
C GLU B 13 24.86 -2.15 -8.43
N TYR B 14 24.88 -1.88 -7.12
CA TYR B 14 25.59 -0.69 -6.65
C TYR B 14 27.07 -0.78 -6.98
N GLY B 15 27.68 -1.91 -6.69
CA GLY B 15 29.06 -2.13 -7.10
C GLY B 15 29.25 -1.98 -8.59
N LEU B 16 28.31 -2.51 -9.38
CA LEU B 16 28.42 -2.35 -10.82
C LEU B 16 28.28 -0.89 -11.24
N LEU B 17 27.55 -0.08 -10.48
CA LEU B 17 27.31 1.32 -10.82
C LEU B 17 28.33 2.28 -10.20
N TYR B 18 29.25 1.78 -9.37
CA TYR B 18 30.10 2.65 -8.56
C TYR B 18 30.78 3.72 -9.40
N TRP B 19 31.48 3.32 -10.46
CA TRP B 19 32.33 4.28 -11.17
C TRP B 19 31.51 5.30 -11.95
N LEU B 20 30.34 4.91 -12.45
CA LEU B 20 29.44 5.90 -13.03
C LEU B 20 29.01 6.91 -11.98
N MET B 21 28.57 6.43 -10.81
CA MET B 21 28.14 7.35 -9.75
C MET B 21 29.27 8.29 -9.34
N ARG B 22 30.47 7.75 -9.16
CA ARG B 22 31.61 8.55 -8.70
C ARG B 22 32.04 9.57 -9.76
N ASP B 23 32.09 9.15 -11.02
CA ASP B 23 32.50 10.08 -12.07
C ASP B 23 31.44 11.16 -12.31
N ILE B 24 30.16 10.84 -12.08
CA ILE B 24 29.15 11.89 -12.09
C ILE B 24 29.38 12.84 -10.92
N GLN B 25 29.74 12.28 -9.75
CA GLN B 25 30.01 13.12 -8.59
C GLN B 25 31.20 14.04 -8.83
N GLN B 26 32.17 13.61 -9.64
CA GLN B 26 33.37 14.40 -9.91
C GLN B 26 33.18 15.42 -11.02
N ASP B 27 32.16 15.26 -11.87
CA ASP B 27 31.89 16.20 -12.95
C ASP B 27 31.10 17.40 -12.40
N PRO B 28 31.68 18.60 -12.42
CA PRO B 28 30.95 19.77 -11.90
C PRO B 28 29.73 20.15 -12.72
N GLU B 29 29.57 19.61 -13.93
CA GLU B 29 28.42 19.90 -14.77
C GLU B 29 27.28 18.91 -14.57
N LEU B 30 27.40 18.01 -13.60
CA LEU B 30 26.37 17.00 -13.34
C LEU B 30 26.19 16.84 -11.84
N GLU B 31 24.96 16.99 -11.37
CA GLU B 31 24.62 16.78 -9.97
C GLU B 31 24.14 15.34 -9.79
N LEU B 32 24.79 14.63 -8.85
CA LEU B 32 24.50 13.23 -8.61
C LEU B 32 23.42 13.10 -7.55
N GLN B 33 22.33 12.42 -7.89
CA GLN B 33 21.32 12.01 -6.93
C GLN B 33 21.35 10.49 -6.82
N ILE B 34 20.92 9.98 -5.68
CA ILE B 34 20.88 8.54 -5.44
C ILE B 34 19.50 8.18 -4.91
N LEU B 35 18.86 7.19 -5.53
CA LEU B 35 17.65 6.58 -5.01
C LEU B 35 17.99 5.16 -4.61
N ALA B 36 18.24 4.94 -3.32
CA ALA B 36 18.57 3.63 -2.77
C ALA B 36 17.34 3.01 -2.13
N THR B 37 17.19 1.70 -2.29
CA THR B 37 16.00 1.02 -1.79
C THR B 37 16.27 -0.46 -1.63
N ALA B 38 15.19 -1.23 -1.44
CA ALA B 38 15.19 -2.69 -1.42
C ALA B 38 16.23 -3.27 -0.47
N MET B 39 17.10 -4.14 -1.00
CA MET B 39 18.04 -4.90 -0.19
C MET B 39 19.04 -4.02 0.56
N HIS B 40 19.23 -2.77 0.13
CA HIS B 40 20.09 -1.87 0.88
C HIS B 40 19.58 -1.61 2.29
N TYR B 41 18.28 -1.82 2.54
CA TYR B 41 17.69 -1.50 3.84
C TYR B 41 17.08 -2.70 4.54
N SER B 42 17.51 -3.92 4.18
CA SER B 42 17.08 -5.12 4.86
C SER B 42 18.22 -5.68 5.69
N PRO B 43 17.99 -5.97 6.98
CA PRO B 43 19.07 -6.58 7.78
C PRO B 43 19.47 -7.96 7.30
N GLU B 44 18.60 -8.67 6.58
CA GLU B 44 18.93 -9.99 6.08
C GLU B 44 19.82 -9.95 4.85
N HIS B 45 20.11 -8.76 4.32
CA HIS B 45 20.99 -8.61 3.18
C HIS B 45 22.19 -7.72 3.48
N GLY B 46 22.44 -7.40 4.75
CA GLY B 46 23.62 -6.67 5.16
C GLY B 46 23.42 -5.19 5.42
N GLU B 47 22.22 -4.65 5.20
CA GLU B 47 21.96 -3.21 5.30
C GLU B 47 23.03 -2.43 4.54
N THR B 48 23.11 -2.71 3.24
CA THR B 48 24.22 -2.27 2.42
C THR B 48 24.16 -0.80 2.03
N TRP B 49 23.17 -0.04 2.53
CA TRP B 49 23.20 1.41 2.32
C TRP B 49 24.38 2.03 3.05
N LYS B 50 24.80 1.43 4.17
CA LYS B 50 25.95 1.93 4.90
C LYS B 50 27.21 1.87 4.06
N THR B 51 27.30 0.90 3.14
CA THR B 51 28.41 0.89 2.19
C THR B 51 28.33 2.07 1.24
N ILE B 52 27.11 2.40 0.77
CA ILE B 52 26.92 3.57 -0.07
C ILE B 52 27.40 4.83 0.65
N VAL B 53 27.10 4.95 1.94
CA VAL B 53 27.51 6.15 2.68
C VAL B 53 29.01 6.14 2.95
N LYS B 54 29.56 4.97 3.28
CA LYS B 54 30.98 4.88 3.63
C LYS B 54 31.87 5.22 2.44
N ASP B 55 31.40 4.98 1.22
CA ASP B 55 32.18 5.30 0.03
C ASP B 55 32.06 6.77 -0.38
N GLY B 56 31.56 7.63 0.50
CA GLY B 56 31.50 9.05 0.24
C GLY B 56 30.32 9.53 -0.55
N PHE B 57 29.31 8.70 -0.75
CA PHE B 57 28.11 9.08 -1.50
C PHE B 57 27.03 9.55 -0.54
N GLU B 58 26.17 10.44 -1.03
CA GLU B 58 25.02 10.91 -0.28
C GLU B 58 23.75 10.29 -0.86
N ILE B 59 22.96 9.67 0.00
CA ILE B 59 21.69 9.05 -0.42
C ILE B 59 20.63 10.14 -0.42
N THR B 60 20.25 10.59 -1.62
CA THR B 60 19.26 11.67 -1.73
C THR B 60 17.89 11.22 -1.24
N GLU B 61 17.50 9.99 -1.57
CA GLU B 61 16.21 9.45 -1.18
C GLU B 61 16.36 7.97 -0.83
N SER B 62 15.84 7.58 0.31
CA SER B 62 15.79 6.18 0.72
C SER B 62 14.33 5.73 0.80
N VAL B 63 14.06 4.53 0.30
CA VAL B 63 12.71 3.99 0.32
C VAL B 63 12.75 2.52 0.73
N GLU B 64 12.40 2.22 1.98
CA GLU B 64 12.28 0.84 2.40
C GLU B 64 11.04 0.22 1.78
N MET B 65 11.17 -1.01 1.29
CA MET B 65 10.07 -1.61 0.53
C MET B 65 9.91 -3.11 0.71
N LEU B 66 10.99 -3.81 1.10
CA LEU B 66 10.97 -5.27 1.09
C LEU B 66 10.14 -5.81 2.25
N LEU B 67 9.12 -6.61 1.92
CA LEU B 67 8.41 -7.39 2.92
C LEU B 67 9.23 -8.61 3.30
N SER B 68 9.16 -9.00 4.57
CA SER B 68 9.97 -10.10 5.06
C SER B 68 9.44 -11.47 4.65
N SER B 69 8.15 -11.57 4.32
CA SER B 69 7.59 -12.85 3.89
C SER B 69 8.25 -13.32 2.60
N ASP B 70 8.59 -14.60 2.55
CA ASP B 70 9.30 -15.18 1.41
C ASP B 70 8.31 -15.89 0.48
N THR B 71 7.49 -15.08 -0.18
CA THR B 71 6.53 -15.57 -1.17
C THR B 71 6.53 -14.63 -2.36
N SER B 72 6.00 -15.12 -3.48
CA SER B 72 5.89 -14.28 -4.67
C SER B 72 4.88 -13.16 -4.45
N SER B 73 3.80 -13.45 -3.73
CA SER B 73 2.83 -12.39 -3.40
C SER B 73 3.48 -11.30 -2.56
N ALA B 74 4.37 -11.69 -1.64
CA ALA B 74 5.07 -10.69 -0.85
C ALA B 74 6.04 -9.87 -1.70
N VAL B 75 6.60 -10.48 -2.75
CA VAL B 75 7.41 -9.72 -3.70
C VAL B 75 6.54 -8.68 -4.41
N VAL B 76 5.34 -9.09 -4.84
CA VAL B 76 4.42 -8.16 -5.50
C VAL B 76 4.09 -6.99 -4.58
N LYS B 77 3.74 -7.31 -3.32
CA LYS B 77 3.47 -6.26 -2.34
C LYS B 77 4.67 -5.35 -2.14
N SER B 78 5.88 -5.94 -2.09
CA SER B 78 7.08 -5.12 -1.97
C SER B 78 7.23 -4.17 -3.15
N MET B 79 6.87 -4.63 -4.35
CA MET B 79 6.87 -3.73 -5.50
C MET B 79 5.84 -2.62 -5.33
N GLY B 80 4.70 -2.94 -4.71
CA GLY B 80 3.72 -1.90 -4.44
C GLY B 80 4.21 -0.84 -3.48
N VAL B 81 4.81 -1.26 -2.37
CA VAL B 81 5.41 -0.32 -1.42
C VAL B 81 6.48 0.51 -2.11
N GLY B 82 7.33 -0.16 -2.90
CA GLY B 82 8.34 0.56 -3.65
C GLY B 82 7.76 1.65 -4.51
N LEU B 83 6.69 1.34 -5.25
CA LEU B 83 6.01 2.36 -6.05
C LEU B 83 5.55 3.51 -5.17
N LEU B 84 4.86 3.20 -4.07
CA LEU B 84 4.30 4.26 -3.22
C LEU B 84 5.39 5.16 -2.67
N GLY B 85 6.61 4.65 -2.48
CA GLY B 85 7.71 5.49 -2.05
C GLY B 85 8.36 6.26 -3.18
N PHE B 86 8.51 5.61 -4.33
CA PHE B 86 9.14 6.24 -5.47
C PHE B 86 8.31 7.41 -5.99
N ALA B 87 7.00 7.38 -5.77
CA ALA B 87 6.17 8.50 -6.20
C ALA B 87 6.62 9.79 -5.55
N ASP B 88 6.81 9.78 -4.22
CA ASP B 88 7.23 10.98 -3.53
C ASP B 88 8.72 11.25 -3.76
N ALA B 89 9.54 10.20 -3.72
CA ALA B 89 10.98 10.37 -3.90
C ALA B 89 11.29 11.03 -5.24
N LEU B 90 10.66 10.54 -6.32
CA LEU B 90 10.86 11.14 -7.63
C LEU B 90 10.15 12.47 -7.74
N LYS B 91 8.98 12.62 -7.10
CA LYS B 91 8.32 13.93 -7.04
C LYS B 91 9.26 14.99 -6.50
N ARG B 92 10.16 14.62 -5.60
CA ARG B 92 11.00 15.59 -4.90
C ARG B 92 12.38 15.75 -5.50
N MET B 93 12.99 14.66 -5.98
CA MET B 93 14.29 14.78 -6.63
C MET B 93 14.19 15.55 -7.94
N GLN B 94 13.08 15.41 -8.65
CA GLN B 94 12.81 15.98 -9.96
C GLN B 94 14.04 15.80 -10.86
N PRO B 95 14.51 14.56 -11.06
CA PRO B 95 15.76 14.38 -11.76
C PRO B 95 15.60 14.60 -13.25
N ASP B 96 16.70 15.01 -13.89
CA ASP B 96 16.70 15.15 -15.34
C ASP B 96 16.83 13.80 -16.03
N VAL B 97 17.50 12.84 -15.40
CA VAL B 97 17.53 11.48 -15.94
C VAL B 97 17.69 10.50 -14.78
N LEU B 98 17.06 9.34 -14.93
CA LEU B 98 17.19 8.24 -13.97
C LEU B 98 17.93 7.09 -14.63
N VAL B 99 19.09 6.75 -14.07
CA VAL B 99 19.87 5.61 -14.53
C VAL B 99 19.43 4.38 -13.74
N VAL B 100 18.95 3.37 -14.45
CA VAL B 100 18.57 2.09 -13.87
C VAL B 100 19.39 1.00 -14.54
N LEU B 101 19.99 0.13 -13.74
CA LEU B 101 20.76 -1.00 -14.25
C LEU B 101 20.07 -2.31 -13.88
N GLY B 102 19.96 -3.20 -14.84
CA GLY B 102 19.61 -4.57 -14.53
C GLY B 102 18.19 -5.01 -14.82
N ASP B 103 17.70 -5.93 -13.98
CA ASP B 103 16.48 -6.67 -14.31
C ASP B 103 15.71 -7.12 -13.08
N ARG B 104 15.95 -6.56 -11.91
CA ARG B 104 15.25 -6.98 -10.71
C ARG B 104 13.88 -6.31 -10.63
N PHE B 105 13.03 -6.85 -9.76
CA PHE B 105 11.66 -6.36 -9.71
C PHE B 105 11.57 -4.93 -9.18
N GLU B 106 12.46 -4.54 -8.26
CA GLU B 106 12.47 -3.15 -7.81
C GLU B 106 12.89 -2.22 -8.94
N ALA B 107 13.74 -2.69 -9.84
CA ALA B 107 14.09 -1.89 -11.01
C ALA B 107 12.89 -1.72 -11.93
N LEU B 108 12.05 -2.75 -12.01
CA LEU B 108 10.81 -2.63 -12.78
C LEU B 108 9.90 -1.57 -12.16
N ALA B 109 9.71 -1.64 -10.84
CA ALA B 109 8.87 -0.67 -10.15
C ALA B 109 9.37 0.75 -10.37
N VAL B 110 10.67 0.99 -10.15
CA VAL B 110 11.15 2.36 -10.29
C VAL B 110 11.13 2.80 -11.75
N THR B 111 11.33 1.87 -12.69
CA THR B 111 11.35 2.26 -14.10
C THR B 111 9.95 2.69 -14.56
N GLN B 112 8.92 1.93 -14.20
CA GLN B 112 7.58 2.36 -14.56
C GLN B 112 7.18 3.61 -13.80
N ALA B 113 7.66 3.78 -12.56
CA ALA B 113 7.39 5.00 -11.81
C ALA B 113 7.96 6.21 -12.54
N ALA B 114 9.21 6.12 -13.01
CA ALA B 114 9.81 7.23 -13.72
C ALA B 114 9.15 7.45 -15.07
N LEU B 115 8.73 6.37 -15.73
CA LEU B 115 8.04 6.51 -17.01
C LEU B 115 6.73 7.27 -16.86
N ILE B 116 5.93 6.91 -15.85
CA ILE B 116 4.65 7.57 -15.62
C ILE B 116 4.87 9.03 -15.25
N MET B 117 5.90 9.32 -14.47
CA MET B 117 6.19 10.67 -14.04
C MET B 117 7.10 11.44 -15.00
N HIS B 118 7.32 10.89 -16.21
CA HIS B 118 8.01 11.58 -17.30
C HIS B 118 9.46 11.88 -16.96
N VAL B 119 10.12 10.98 -16.25
CA VAL B 119 11.56 11.06 -15.99
C VAL B 119 12.25 10.14 -16.99
N PRO B 120 12.94 10.66 -18.01
CA PRO B 120 13.58 9.79 -18.99
C PRO B 120 14.58 8.84 -18.33
N VAL B 121 14.62 7.61 -18.85
CA VAL B 121 15.37 6.51 -18.23
C VAL B 121 16.53 6.11 -19.13
N ALA B 122 17.71 5.99 -18.52
CA ALA B 122 18.88 5.41 -19.14
C ALA B 122 19.07 4.02 -18.56
N HIS B 123 18.87 3.00 -19.39
CA HIS B 123 18.88 1.61 -18.96
C HIS B 123 20.23 0.99 -19.31
N LEU B 124 20.85 0.32 -18.33
CA LEU B 124 22.11 -0.37 -18.52
C LEU B 124 21.89 -1.87 -18.51
N HIS B 125 22.60 -2.57 -19.40
CA HIS B 125 22.62 -4.04 -19.49
C HIS B 125 21.33 -4.62 -20.03
N GLY B 126 20.64 -3.88 -20.92
CA GLY B 126 19.53 -4.45 -21.64
C GLY B 126 19.98 -5.34 -22.77
N GLY B 127 19.02 -6.04 -23.37
CA GLY B 127 19.32 -6.92 -24.48
C GLY B 127 19.99 -8.22 -24.13
N GLU B 128 20.03 -8.58 -22.85
CA GLU B 128 20.64 -9.83 -22.40
C GLU B 128 19.55 -10.84 -22.05
N ILE B 129 19.93 -12.11 -21.98
CA ILE B 129 18.98 -13.20 -21.78
C ILE B 129 19.38 -13.99 -20.55
N THR B 130 18.44 -14.13 -19.59
CA THR B 130 18.58 -14.95 -18.39
C THR B 130 17.27 -15.73 -18.25
N GLU B 131 17.12 -16.77 -19.08
CA GLU B 131 15.83 -17.42 -19.26
C GLU B 131 15.26 -17.99 -17.95
N GLY B 132 16.13 -18.47 -17.06
CA GLY B 132 15.67 -19.11 -15.85
C GLY B 132 15.08 -18.21 -14.79
N ALA B 133 15.10 -16.90 -14.98
CA ALA B 133 14.57 -15.95 -14.01
C ALA B 133 13.47 -15.12 -14.65
N TYR B 134 12.49 -14.71 -13.84
CA TYR B 134 11.53 -13.74 -14.35
C TYR B 134 12.18 -12.38 -14.57
N ASP B 135 13.43 -12.20 -14.14
CA ASP B 135 14.21 -11.02 -14.48
C ASP B 135 14.35 -10.84 -15.99
N GLU B 136 14.10 -11.88 -16.76
CA GLU B 136 14.19 -11.86 -18.23
C GLU B 136 13.16 -10.90 -18.80
N SER B 137 11.89 -11.28 -18.63
CA SER B 137 10.78 -10.45 -19.07
C SER B 137 10.83 -9.08 -18.43
N ILE B 138 11.24 -9.02 -17.16
CA ILE B 138 11.40 -7.74 -16.49
C ILE B 138 12.39 -6.86 -17.23
N ARG B 139 13.53 -7.44 -17.61
CA ARG B 139 14.58 -6.67 -18.30
C ARG B 139 14.07 -6.10 -19.61
N HIS B 140 13.39 -6.94 -20.40
CA HIS B 140 12.93 -6.43 -21.69
C HIS B 140 11.79 -5.41 -21.53
N ALA B 141 10.98 -5.57 -20.47
CA ALA B 141 9.99 -4.54 -20.16
C ALA B 141 10.66 -3.22 -19.79
N ILE B 142 11.74 -3.28 -19.01
CA ILE B 142 12.48 -2.07 -18.68
C ILE B 142 13.07 -1.46 -19.94
N THR B 143 13.53 -2.29 -20.87
CA THR B 143 14.03 -1.78 -22.15
C THR B 143 12.94 -1.00 -22.88
N LYS B 144 11.74 -1.58 -22.98
CA LYS B 144 10.69 -0.88 -23.70
C LYS B 144 10.18 0.35 -22.96
N MET B 145 10.48 0.48 -21.67
CA MET B 145 10.09 1.66 -20.91
C MET B 145 11.24 2.62 -20.69
N SER B 146 12.37 2.42 -21.36
CA SER B 146 13.55 3.26 -21.22
C SER B 146 13.77 4.08 -22.48
N ASN B 147 14.34 5.27 -22.30
CA ASN B 147 14.55 6.18 -23.42
C ASN B 147 15.91 6.03 -24.08
N ILE B 148 16.95 5.72 -23.30
CA ILE B 148 18.26 5.48 -23.88
C ILE B 148 18.88 4.25 -23.24
N HIS B 149 19.71 3.54 -23.99
CA HIS B 149 20.16 2.22 -23.60
C HIS B 149 21.67 2.09 -23.79
N PHE B 150 22.34 1.52 -22.79
CA PHE B 150 23.79 1.30 -22.82
C PHE B 150 24.04 -0.19 -22.67
N ALA B 151 24.27 -0.87 -23.79
CA ALA B 151 24.45 -2.31 -23.80
C ALA B 151 25.90 -2.66 -23.45
N ALA B 152 26.10 -3.93 -23.04
CA ALA B 152 27.42 -4.40 -22.65
C ALA B 152 28.18 -5.06 -23.80
N ALA B 153 27.48 -5.53 -24.82
CA ALA B 153 28.13 -6.19 -25.96
C ALA B 153 27.32 -5.92 -27.22
N GLU B 154 27.90 -6.31 -28.36
CA GLU B 154 27.26 -6.04 -29.64
C GLU B 154 25.98 -6.85 -29.81
N GLU B 155 25.99 -8.12 -29.39
CA GLU B 155 24.79 -8.93 -29.49
C GLU B 155 23.65 -8.34 -28.68
N TYR B 156 23.98 -7.80 -27.50
CA TYR B 156 22.96 -7.20 -26.65
C TYR B 156 22.38 -5.94 -27.27
N LYS B 157 23.24 -5.06 -27.80
CA LYS B 157 22.77 -3.90 -28.53
C LYS B 157 21.86 -4.31 -29.68
N LYS B 158 22.26 -5.35 -30.42
CA LYS B 158 21.45 -5.85 -31.52
C LYS B 158 20.07 -6.28 -31.05
N ARG B 159 20.02 -7.01 -29.92
CA ARG B 159 18.72 -7.46 -29.42
C ARG B 159 17.88 -6.29 -28.93
N ILE B 160 18.51 -5.28 -28.31
CA ILE B 160 17.79 -4.08 -27.92
C ILE B 160 17.16 -3.43 -29.15
N ILE B 161 17.91 -3.36 -30.25
CA ILE B 161 17.38 -2.76 -31.46
C ILE B 161 16.22 -3.58 -32.02
N GLN B 162 16.33 -4.92 -31.93
CA GLN B 162 15.23 -5.76 -32.40
C GLN B 162 13.98 -5.55 -31.55
N LEU B 163 14.15 -5.17 -30.28
CA LEU B 163 13.02 -4.85 -29.42
C LEU B 163 12.27 -3.60 -29.85
N GLY B 164 12.70 -2.93 -30.91
CA GLY B 164 12.04 -1.73 -31.38
C GLY B 164 12.66 -0.42 -30.91
N GLU B 165 13.84 -0.46 -30.31
CA GLU B 165 14.53 0.75 -29.91
C GLU B 165 15.29 1.33 -31.09
N GLN B 166 15.24 2.66 -31.23
CA GLN B 166 15.92 3.31 -32.33
C GLN B 166 17.42 3.11 -32.22
N PRO B 167 18.10 2.69 -33.29
CA PRO B 167 19.55 2.45 -33.21
C PRO B 167 20.35 3.63 -32.68
N GLU B 168 19.91 4.86 -32.93
CA GLU B 168 20.62 6.02 -32.41
C GLU B 168 20.48 6.20 -30.91
N ARG B 169 19.68 5.38 -30.24
CA ARG B 169 19.49 5.45 -28.80
C ARG B 169 20.11 4.28 -28.06
N VAL B 170 20.84 3.41 -28.77
CA VAL B 170 21.43 2.20 -28.19
C VAL B 170 22.93 2.25 -28.40
N PHE B 171 23.68 2.10 -27.32
CA PHE B 171 25.14 2.25 -27.35
C PHE B 171 25.79 1.03 -26.73
N ASN B 172 26.77 0.46 -27.43
CA ASN B 172 27.58 -0.65 -26.91
C ASN B 172 28.79 -0.05 -26.22
N VAL B 173 28.62 0.28 -24.94
CA VAL B 173 29.70 0.89 -24.15
C VAL B 173 30.45 -0.13 -23.31
N GLY B 174 30.00 -1.38 -23.26
CA GLY B 174 30.64 -2.39 -22.45
C GLY B 174 29.98 -2.53 -21.09
N ALA B 175 30.64 -3.31 -20.24
CA ALA B 175 30.15 -3.61 -18.90
C ALA B 175 30.76 -2.62 -17.91
N LEU B 176 29.92 -1.85 -17.24
CA LEU B 176 30.40 -0.79 -16.34
C LEU B 176 31.15 -1.38 -15.15
N GLY B 177 30.71 -2.52 -14.65
CA GLY B 177 31.37 -3.12 -13.50
C GLY B 177 32.82 -3.49 -13.78
N LEU B 178 33.13 -3.88 -15.02
CA LEU B 178 34.50 -4.27 -15.35
C LEU B 178 35.47 -3.11 -15.25
N ASP B 179 34.97 -1.86 -15.20
CA ASP B 179 35.84 -0.73 -14.90
C ASP B 179 36.61 -0.95 -13.60
N HIS B 180 36.00 -1.65 -12.65
CA HIS B 180 36.70 -1.99 -11.40
C HIS B 180 38.02 -2.69 -11.69
N ILE B 181 38.00 -3.67 -12.60
CA ILE B 181 39.20 -4.43 -12.94
C ILE B 181 40.34 -3.51 -13.33
N GLN B 182 40.01 -2.31 -13.82
CA GLN B 182 41.02 -1.35 -14.23
C GLN B 182 41.26 -0.25 -13.22
N ARG B 183 40.28 0.06 -12.37
CA ARG B 183 40.31 1.29 -11.59
C ARG B 183 40.21 1.10 -10.08
N THR B 184 39.98 -0.11 -9.59
CA THR B 184 39.81 -0.37 -8.17
C THR B 184 41.01 -1.16 -7.64
N THR B 185 41.55 -0.72 -6.50
CA THR B 185 42.63 -1.43 -5.85
C THR B 185 42.10 -2.69 -5.18
N PHE B 186 42.72 -3.83 -5.47
CA PHE B 186 42.34 -5.09 -4.87
C PHE B 186 43.03 -5.27 -3.53
N LYS B 187 42.48 -6.18 -2.72
CA LYS B 187 42.99 -6.47 -1.39
C LYS B 187 43.83 -7.74 -1.43
N SER B 188 44.91 -7.75 -0.66
CA SER B 188 45.79 -8.91 -0.60
C SER B 188 45.14 -10.01 0.25
N ILE B 189 45.68 -11.21 0.12
CA ILE B 189 45.15 -12.35 0.86
C ILE B 189 45.44 -12.21 2.34
N SER B 190 46.50 -11.50 2.71
CA SER B 190 46.77 -11.21 4.11
C SER B 190 45.65 -10.35 4.70
N GLU B 191 45.35 -9.22 4.05
CA GLU B 191 44.28 -8.36 4.51
C GLU B 191 42.95 -9.09 4.51
N LEU B 192 42.67 -9.83 3.44
CA LEU B 192 41.41 -10.58 3.34
C LEU B 192 41.27 -11.59 4.47
N SER B 193 42.37 -12.22 4.85
CA SER B 193 42.33 -13.12 6.00
C SER B 193 42.24 -12.36 7.31
N GLU B 194 42.66 -11.09 7.33
CA GLU B 194 42.62 -10.30 8.55
C GLU B 194 41.20 -9.85 8.88
N LEU B 195 40.55 -9.14 7.95
CA LEU B 195 39.27 -8.51 8.27
C LEU B 195 38.13 -9.51 8.45
N TYR B 196 38.22 -10.71 7.87
CA TYR B 196 37.16 -11.71 8.00
C TYR B 196 37.50 -12.82 8.98
N ASP B 197 38.67 -12.77 9.62
CA ASP B 197 39.08 -13.78 10.60
C ASP B 197 39.00 -15.19 10.00
N PHE B 198 39.28 -15.29 8.70
CA PHE B 198 39.18 -16.55 7.97
C PHE B 198 40.38 -16.66 7.05
N ASP B 199 41.09 -17.77 7.11
CA ASP B 199 42.35 -17.91 6.39
C ASP B 199 42.07 -18.11 4.90
N PHE B 200 42.19 -17.04 4.13
CA PHE B 200 42.09 -17.15 2.68
C PHE B 200 43.34 -17.76 2.06
N SER B 201 44.39 -17.96 2.85
CA SER B 201 45.61 -18.59 2.34
C SER B 201 45.36 -19.99 1.80
N LYS B 202 44.25 -20.61 2.18
CA LYS B 202 43.87 -21.96 1.80
C LYS B 202 42.86 -21.93 0.66
N PRO B 203 42.94 -22.92 -0.24
CA PRO B 203 42.04 -22.94 -1.40
C PRO B 203 40.58 -22.89 -1.00
N TYR B 204 39.78 -22.18 -1.80
CA TYR B 204 38.37 -22.01 -1.47
C TYR B 204 37.58 -21.71 -2.73
N PHE B 205 36.37 -22.28 -2.80
CA PHE B 205 35.38 -21.85 -3.77
C PHE B 205 34.64 -20.63 -3.23
N LEU B 206 34.32 -19.69 -4.12
CA LEU B 206 33.44 -18.59 -3.78
C LEU B 206 32.07 -18.90 -4.36
N ILE B 207 31.06 -19.03 -3.49
CA ILE B 207 29.76 -19.58 -3.88
C ILE B 207 28.69 -18.51 -3.68
N THR B 208 27.85 -18.35 -4.70
CA THR B 208 26.72 -17.43 -4.64
C THR B 208 25.61 -18.02 -5.50
N TYR B 209 24.56 -18.53 -4.87
CA TYR B 209 23.43 -19.12 -5.58
C TYR B 209 22.15 -18.38 -5.19
N HIS B 210 21.50 -17.77 -6.16
CA HIS B 210 20.24 -17.09 -6.00
C HIS B 210 19.09 -18.00 -6.43
N PRO B 211 17.87 -17.73 -5.96
CA PRO B 211 16.73 -18.57 -6.37
C PRO B 211 16.43 -18.39 -7.86
N GLU B 212 16.40 -19.51 -8.58
CA GLU B 212 16.00 -19.49 -9.98
C GLU B 212 14.48 -19.36 -10.01
N THR B 213 14.00 -18.14 -10.27
CA THR B 213 12.61 -17.82 -10.00
C THR B 213 11.63 -18.45 -10.98
N ASN B 214 12.10 -18.95 -12.12
CA ASN B 214 11.22 -19.67 -13.04
C ASN B 214 11.19 -21.16 -12.76
N LEU B 215 11.84 -21.62 -11.69
CA LEU B 215 11.77 -23.01 -11.29
C LEU B 215 10.48 -23.26 -10.53
N LEU B 216 9.74 -24.30 -10.95
CA LEU B 216 8.48 -24.64 -10.30
C LEU B 216 8.71 -24.96 -8.82
N GLU B 217 9.58 -25.92 -8.55
CA GLU B 217 10.00 -26.24 -7.19
C GLU B 217 11.51 -26.36 -7.19
N GLU B 218 12.16 -25.68 -6.25
CA GLU B 218 13.61 -25.56 -6.24
C GLU B 218 14.17 -26.22 -5.00
N ASN B 219 14.95 -27.28 -5.19
CA ASN B 219 15.70 -27.93 -4.13
C ASN B 219 17.19 -27.74 -4.42
N VAL B 220 17.87 -26.99 -3.54
CA VAL B 220 19.29 -26.70 -3.72
C VAL B 220 20.17 -27.75 -3.06
N ALA B 221 19.59 -28.84 -2.56
CA ALA B 221 20.38 -29.89 -1.94
C ALA B 221 21.50 -30.46 -2.82
N PRO B 222 21.30 -30.70 -4.13
CA PRO B 222 22.43 -31.22 -4.94
C PRO B 222 23.69 -30.37 -4.90
N LEU B 223 23.55 -29.04 -4.82
CA LEU B 223 24.72 -28.18 -4.76
C LEU B 223 25.50 -28.39 -3.46
N PHE B 224 24.80 -28.44 -2.33
CA PHE B 224 25.48 -28.57 -1.04
C PHE B 224 26.02 -29.98 -0.84
N ASP B 225 25.27 -30.99 -1.28
CA ASP B 225 25.78 -32.36 -1.27
C ASP B 225 27.02 -32.48 -2.13
N ALA B 226 27.02 -31.80 -3.28
CA ALA B 226 28.19 -31.83 -4.15
C ALA B 226 29.37 -31.13 -3.51
N LEU B 227 29.11 -30.02 -2.81
CA LEU B 227 30.20 -29.29 -2.15
C LEU B 227 30.78 -30.10 -1.00
N LYS B 228 29.94 -30.83 -0.27
CA LYS B 228 30.44 -31.66 0.83
C LYS B 228 31.42 -32.72 0.34
N GLN B 229 31.21 -33.25 -0.87
CA GLN B 229 32.06 -34.32 -1.38
C GLN B 229 33.46 -33.87 -1.74
N ILE B 230 33.76 -32.57 -1.66
CA ILE B 230 35.06 -32.04 -1.99
C ILE B 230 35.86 -31.85 -0.70
N ASN B 231 36.99 -32.55 -0.60
CA ASN B 231 37.85 -32.44 0.57
C ASN B 231 38.93 -31.38 0.34
N ASP B 232 39.53 -30.92 1.45
CA ASP B 232 40.68 -30.02 1.43
C ASP B 232 40.37 -28.69 0.76
N VAL B 233 39.09 -28.31 0.67
CA VAL B 233 38.68 -27.07 0.05
C VAL B 233 37.72 -26.35 0.99
N ASN B 234 37.85 -25.03 1.06
CA ASN B 234 36.95 -24.19 1.84
C ASN B 234 35.81 -23.67 0.99
N PHE B 235 34.73 -23.27 1.66
CA PHE B 235 33.51 -22.82 1.00
C PHE B 235 33.14 -21.45 1.58
N ILE B 236 33.25 -20.41 0.75
CA ILE B 236 32.97 -19.04 1.16
C ILE B 236 31.73 -18.57 0.40
N PHE B 237 30.75 -18.05 1.15
CA PHE B 237 29.42 -17.74 0.64
C PHE B 237 29.10 -16.26 0.77
N SER B 238 28.38 -15.75 -0.22
CA SER B 238 27.57 -14.55 -0.10
C SER B 238 26.11 -14.95 -0.12
N TYR B 239 25.26 -14.13 0.50
CA TYR B 239 23.87 -14.51 0.69
C TYR B 239 23.06 -14.31 -0.58
N PRO B 240 22.00 -15.10 -0.78
CA PRO B 240 21.13 -14.89 -1.93
C PRO B 240 20.40 -13.56 -1.84
N ASN B 241 19.90 -13.11 -3.00
CA ASN B 241 19.20 -11.84 -3.07
C ASN B 241 17.78 -11.98 -2.50
N ALA B 242 17.00 -10.90 -2.60
CA ALA B 242 15.69 -10.85 -1.96
C ALA B 242 14.60 -11.55 -2.75
N ASP B 243 14.90 -12.06 -3.94
CA ASP B 243 13.89 -12.78 -4.72
C ASP B 243 13.29 -13.91 -3.90
N ASN B 244 12.02 -14.20 -4.14
CA ASN B 244 11.33 -15.21 -3.37
C ASN B 244 11.94 -16.58 -3.59
N GLY B 245 12.12 -17.31 -2.49
CA GLY B 245 12.80 -18.59 -2.53
C GLY B 245 14.21 -18.57 -1.99
N ASN B 246 14.61 -17.49 -1.33
CA ASN B 246 16.00 -17.35 -0.87
C ASN B 246 16.22 -17.89 0.53
N THR B 247 15.19 -17.94 1.37
CA THR B 247 15.39 -18.41 2.74
C THR B 247 15.67 -19.90 2.80
N ASN B 248 15.25 -20.67 1.79
CA ASN B 248 15.66 -22.07 1.71
C ASN B 248 17.17 -22.18 1.44
N ILE B 249 17.68 -21.34 0.53
CA ILE B 249 19.11 -21.29 0.28
C ILE B 249 19.86 -20.88 1.54
N VAL B 250 19.33 -19.89 2.26
CA VAL B 250 19.96 -19.48 3.52
C VAL B 250 19.96 -20.62 4.52
N LYS B 251 18.85 -21.36 4.60
CA LYS B 251 18.80 -22.51 5.50
C LYS B 251 19.86 -23.54 5.14
N ALA B 252 20.00 -23.85 3.85
CA ALA B 252 21.03 -24.81 3.44
C ALA B 252 22.43 -24.29 3.74
N MET B 253 22.62 -22.97 3.66
CA MET B 253 23.93 -22.40 3.99
C MET B 253 24.23 -22.54 5.47
N LEU B 254 23.25 -22.22 6.33
CA LEU B 254 23.47 -22.39 7.77
C LEU B 254 23.64 -23.85 8.14
N ASP B 255 23.01 -24.75 7.39
CA ASP B 255 23.20 -26.18 7.63
C ASP B 255 24.61 -26.61 7.27
N LEU B 256 25.09 -26.25 6.09
CA LEU B 256 26.45 -26.56 5.70
C LEU B 256 27.46 -25.93 6.65
N LYS B 257 27.17 -24.74 7.16
CA LYS B 257 28.06 -24.09 8.13
C LYS B 257 28.08 -24.85 9.45
N ALA B 258 26.90 -25.25 9.94
CA ALA B 258 26.84 -26.00 11.19
C ALA B 258 27.43 -27.39 11.06
N GLN B 259 27.53 -27.92 9.83
CA GLN B 259 28.16 -29.22 9.60
C GLN B 259 29.68 -29.12 9.45
N LEU B 260 30.17 -28.15 8.68
CA LEU B 260 31.60 -27.96 8.44
C LEU B 260 31.99 -26.55 8.85
N PRO B 261 32.01 -26.27 10.16
CA PRO B 261 32.18 -24.87 10.59
C PRO B 261 33.55 -24.30 10.33
N ASP B 262 34.61 -25.11 10.33
CA ASP B 262 35.95 -24.58 10.11
C ASP B 262 36.26 -24.32 8.65
N ARG B 263 35.50 -24.91 7.73
CA ARG B 263 35.76 -24.78 6.29
C ARG B 263 34.74 -23.91 5.58
N VAL B 264 33.76 -23.37 6.30
CA VAL B 264 32.69 -22.57 5.69
C VAL B 264 32.73 -21.17 6.28
N LEU B 265 32.73 -20.17 5.41
CA LEU B 265 32.61 -18.77 5.79
C LEU B 265 31.34 -18.22 5.17
N LEU B 266 30.50 -17.61 5.99
CA LEU B 266 29.24 -17.02 5.53
C LEU B 266 29.32 -15.51 5.69
N VAL B 267 29.28 -14.78 4.57
CA VAL B 267 29.33 -13.33 4.59
C VAL B 267 28.07 -12.80 3.92
N LYS B 268 27.31 -11.99 4.67
CA LYS B 268 26.10 -11.40 4.10
C LYS B 268 26.42 -10.39 3.01
N SER B 269 27.45 -9.57 3.22
CA SER B 269 27.86 -8.57 2.24
C SER B 269 29.33 -8.26 2.42
N PHE B 270 30.06 -8.20 1.31
CA PHE B 270 31.52 -8.12 1.30
C PHE B 270 32.01 -6.69 1.21
N GLY B 271 31.86 -6.09 0.03
CA GLY B 271 32.37 -4.75 -0.21
C GLY B 271 32.79 -4.58 -1.65
N ILE B 272 32.73 -5.69 -2.41
CA ILE B 272 32.96 -5.73 -3.86
C ILE B 272 34.40 -5.34 -4.20
N GLN B 273 34.94 -4.32 -3.51
CA GLN B 273 36.38 -4.28 -3.32
C GLN B 273 36.84 -5.59 -2.70
N ASN B 274 36.24 -5.95 -1.56
CA ASN B 274 36.51 -7.24 -0.93
C ASN B 274 35.99 -8.39 -1.76
N TYR B 275 34.84 -8.22 -2.43
CA TYR B 275 34.30 -9.34 -3.20
C TYR B 275 35.14 -9.63 -4.44
N LEU B 276 35.60 -8.59 -5.13
CA LEU B 276 36.50 -8.82 -6.26
C LEU B 276 37.85 -9.34 -5.79
N SER B 277 38.30 -8.92 -4.61
CA SER B 277 39.55 -9.46 -4.08
C SER B 277 39.41 -10.94 -3.73
N VAL B 278 38.26 -11.33 -3.17
CA VAL B 278 38.03 -12.74 -2.82
C VAL B 278 37.86 -13.57 -4.08
N LEU B 279 37.15 -13.03 -5.07
CA LEU B 279 36.94 -13.75 -6.33
C LEU B 279 38.26 -13.93 -7.07
N LYS B 280 39.13 -12.92 -7.02
CA LYS B 280 40.42 -13.01 -7.71
C LYS B 280 41.24 -14.19 -7.19
N ASN B 281 41.25 -14.38 -5.87
CA ASN B 281 42.06 -15.41 -5.24
C ASN B 281 41.26 -16.69 -4.96
N ALA B 282 40.06 -16.81 -5.52
CA ALA B 282 39.25 -17.99 -5.33
C ALA B 282 39.60 -19.05 -6.37
N LEU B 283 39.32 -20.30 -6.04
CA LEU B 283 39.47 -21.38 -7.01
C LEU B 283 38.43 -21.26 -8.13
N ALA B 284 37.18 -21.05 -7.77
CA ALA B 284 36.11 -20.99 -8.77
C ALA B 284 34.94 -20.19 -8.22
N MET B 285 34.23 -19.52 -9.13
CA MET B 285 32.99 -18.82 -8.83
C MET B 285 31.84 -19.80 -9.08
N VAL B 286 31.31 -20.37 -8.01
CA VAL B 286 30.31 -21.42 -8.08
C VAL B 286 28.94 -20.84 -7.76
N GLY B 287 27.94 -21.24 -8.54
CA GLY B 287 26.58 -20.80 -8.31
C GLY B 287 25.89 -20.38 -9.60
N ASN B 288 25.01 -19.36 -9.51
CA ASN B 288 24.32 -18.84 -10.68
C ASN B 288 24.34 -17.32 -10.71
N SER B 289 25.28 -16.70 -10.01
CA SER B 289 25.44 -15.26 -10.04
C SER B 289 25.91 -14.80 -11.43
N SER B 290 25.52 -13.58 -11.80
CA SER B 290 25.98 -13.03 -13.07
C SER B 290 27.46 -12.68 -13.03
N SER B 291 28.05 -12.55 -11.84
CA SER B 291 29.49 -12.34 -11.76
C SER B 291 30.26 -13.50 -12.38
N GLY B 292 29.67 -14.70 -12.39
CA GLY B 292 30.30 -15.82 -13.06
C GLY B 292 30.35 -15.69 -14.58
N LEU B 293 29.57 -14.77 -15.14
CA LEU B 293 29.56 -14.54 -16.58
C LEU B 293 30.28 -13.26 -16.97
N SER B 294 30.96 -12.61 -16.03
CA SER B 294 31.60 -11.32 -16.31
C SER B 294 32.86 -11.13 -15.47
N GLU B 295 32.70 -10.83 -14.18
CA GLU B 295 33.85 -10.51 -13.34
C GLU B 295 34.79 -11.70 -13.19
N ALA B 296 34.22 -12.90 -12.99
CA ALA B 296 35.07 -14.06 -12.75
C ALA B 296 35.87 -14.46 -13.99
N PRO B 297 35.30 -14.55 -15.19
CA PRO B 297 36.16 -14.79 -16.37
C PRO B 297 37.10 -13.64 -16.66
N ALA B 298 36.73 -12.41 -16.28
CA ALA B 298 37.64 -11.29 -16.46
C ALA B 298 38.87 -11.43 -15.58
N LEU B 299 38.69 -11.93 -14.36
CA LEU B 299 39.79 -12.18 -13.45
C LEU B 299 40.47 -13.51 -13.69
N GLN B 300 40.19 -14.16 -14.83
CA GLN B 300 40.80 -15.45 -15.18
C GLN B 300 40.51 -16.51 -14.11
N VAL B 301 39.30 -16.48 -13.57
CA VAL B 301 38.87 -17.42 -12.54
C VAL B 301 37.74 -18.26 -13.12
N PRO B 302 37.84 -19.59 -13.11
CA PRO B 302 36.77 -20.41 -13.70
C PRO B 302 35.51 -20.37 -12.87
N THR B 303 34.37 -20.59 -13.54
CA THR B 303 33.06 -20.48 -12.93
C THR B 303 32.26 -21.77 -13.16
N VAL B 304 31.58 -22.21 -12.12
CA VAL B 304 30.66 -23.33 -12.21
C VAL B 304 29.26 -22.73 -12.15
N ASN B 305 28.68 -22.47 -13.31
CA ASN B 305 27.33 -21.93 -13.41
C ASN B 305 26.34 -23.08 -13.38
N ILE B 306 25.30 -22.94 -12.55
CA ILE B 306 24.33 -24.00 -12.30
C ILE B 306 22.95 -23.52 -12.69
N GLY B 307 22.16 -24.41 -13.29
CA GLY B 307 20.81 -24.06 -13.65
C GLY B 307 20.73 -23.09 -14.81
N ASP B 308 19.52 -22.55 -15.00
CA ASP B 308 19.22 -21.71 -16.15
C ASP B 308 19.09 -20.23 -15.81
N ARG B 309 19.42 -19.82 -14.59
CA ARG B 309 19.29 -18.42 -14.24
C ARG B 309 20.20 -17.53 -15.09
N GLN B 310 21.32 -18.07 -15.56
CA GLN B 310 22.23 -17.35 -16.45
C GLN B 310 22.12 -17.82 -17.90
N LYS B 311 21.12 -18.63 -18.22
CA LYS B 311 21.01 -19.19 -19.56
C LYS B 311 20.70 -18.10 -20.58
N GLY B 312 21.62 -17.91 -21.52
CA GLY B 312 21.43 -16.93 -22.58
C GLY B 312 22.55 -15.92 -22.69
N ARG B 313 23.17 -15.58 -21.56
CA ARG B 313 24.27 -14.63 -21.59
C ARG B 313 25.47 -15.23 -22.32
N LEU B 314 26.32 -14.35 -22.86
CA LEU B 314 27.46 -14.79 -23.65
C LEU B 314 28.40 -15.64 -22.81
N ARG B 315 28.93 -16.71 -23.42
CA ARG B 315 29.72 -17.71 -22.72
C ARG B 315 31.19 -17.56 -23.06
N CYS B 316 32.02 -17.45 -22.03
CA CYS B 316 33.47 -17.42 -22.17
C CYS B 316 34.02 -18.85 -22.11
N GLU B 317 35.33 -18.97 -22.31
CA GLU B 317 35.94 -20.30 -22.32
C GLU B 317 35.96 -20.93 -20.94
N SER B 318 36.10 -20.11 -19.89
CA SER B 318 36.21 -20.60 -18.52
C SER B 318 34.85 -20.87 -17.87
N ILE B 319 33.79 -20.98 -18.65
CA ILE B 319 32.44 -21.12 -18.11
C ILE B 319 32.05 -22.59 -18.17
N LEU B 320 31.89 -23.21 -17.00
CA LEU B 320 31.41 -24.59 -16.89
C LEU B 320 29.93 -24.54 -16.55
N ASP B 321 29.09 -24.94 -17.50
CA ASP B 321 27.63 -24.90 -17.35
C ASP B 321 27.13 -26.29 -17.01
N VAL B 322 26.72 -26.47 -15.76
CA VAL B 322 26.17 -27.73 -15.28
C VAL B 322 24.74 -27.50 -14.79
N ARG B 323 23.99 -28.59 -14.69
CA ARG B 323 22.64 -28.54 -14.16
C ARG B 323 22.68 -28.60 -12.63
N LEU B 324 21.52 -28.41 -12.02
CA LEU B 324 21.43 -28.55 -10.57
C LEU B 324 21.48 -30.02 -10.21
N ASP B 325 22.60 -30.67 -10.52
CA ASP B 325 22.73 -32.12 -10.41
C ASP B 325 24.00 -32.44 -9.65
N GLU B 326 23.92 -33.35 -8.69
CA GLU B 326 25.06 -33.66 -7.84
C GLU B 326 26.28 -34.06 -8.66
N ASN B 327 26.10 -35.00 -9.59
CA ASN B 327 27.23 -35.56 -10.34
C ASN B 327 27.96 -34.47 -11.13
N GLU B 328 27.23 -33.66 -11.89
CA GLU B 328 27.88 -32.68 -12.75
C GLU B 328 28.48 -31.53 -11.94
N ILE B 329 27.87 -31.19 -10.81
CA ILE B 329 28.46 -30.15 -9.97
C ILE B 329 29.77 -30.66 -9.37
N VAL B 330 29.79 -31.91 -8.92
CA VAL B 330 31.04 -32.50 -8.43
C VAL B 330 32.10 -32.48 -9.52
N GLU B 331 31.74 -32.98 -10.71
CA GLU B 331 32.67 -33.04 -11.82
C GLU B 331 33.23 -31.66 -12.17
N ALA B 332 32.35 -30.65 -12.25
CA ALA B 332 32.79 -29.31 -12.58
C ALA B 332 33.65 -28.71 -11.47
N LEU B 333 33.35 -29.02 -10.21
CA LEU B 333 34.17 -28.51 -9.12
C LEU B 333 35.59 -29.07 -9.19
N GLN B 334 35.71 -30.39 -9.29
CA GLN B 334 37.03 -31.01 -9.38
C GLN B 334 37.78 -30.54 -10.63
N LYS B 335 37.09 -30.49 -11.78
CA LYS B 335 37.71 -29.99 -12.99
C LYS B 335 38.20 -28.56 -12.82
N ALA B 336 37.44 -27.75 -12.08
CA ALA B 336 37.91 -26.40 -11.76
C ALA B 336 39.15 -26.44 -10.90
N ILE B 337 39.22 -27.41 -9.97
CA ILE B 337 40.42 -27.56 -9.15
C ILE B 337 41.61 -28.05 -9.99
N ASN B 338 41.36 -28.60 -11.17
CA ASN B 338 42.41 -29.24 -11.96
C ASN B 338 42.79 -28.46 -13.22
N PHE B 339 42.84 -27.13 -13.13
CA PHE B 339 43.49 -26.27 -14.14
C PHE B 339 43.44 -24.81 -13.72
N LEU B 353 39.14 -0.86 -22.34
CA LEU B 353 39.11 -1.53 -21.04
C LEU B 353 39.19 -0.53 -19.90
N GLY B 354 38.07 -0.34 -19.21
CA GLY B 354 38.00 0.56 -18.08
C GLY B 354 37.54 1.96 -18.38
N ASN B 355 36.70 2.15 -19.41
CA ASN B 355 36.26 3.48 -19.82
C ASN B 355 34.76 3.53 -20.08
N THR B 356 34.00 2.56 -19.56
CA THR B 356 32.57 2.54 -19.80
C THR B 356 31.88 3.73 -19.14
N SER B 357 32.29 4.07 -17.92
CA SER B 357 31.71 5.22 -17.23
C SER B 357 31.88 6.50 -18.04
N GLN B 358 33.07 6.69 -18.61
CA GLN B 358 33.33 7.87 -19.45
C GLN B 358 32.39 7.90 -20.65
N LYS B 359 32.21 6.76 -21.31
CA LYS B 359 31.35 6.72 -22.49
C LYS B 359 29.90 7.03 -22.14
N ILE B 360 29.39 6.39 -21.08
CA ILE B 360 28.01 6.64 -20.67
C ILE B 360 27.82 8.10 -20.31
N ILE B 361 28.78 8.68 -19.59
CA ILE B 361 28.67 10.08 -19.19
C ILE B 361 28.68 10.99 -20.41
N GLU B 362 29.57 10.72 -21.37
CA GLU B 362 29.63 11.52 -22.59
C GLU B 362 28.29 11.46 -23.34
N VAL B 363 27.76 10.24 -23.52
CA VAL B 363 26.51 10.09 -24.25
C VAL B 363 25.38 10.81 -23.54
N ILE B 364 25.31 10.66 -22.21
CA ILE B 364 24.23 11.30 -21.45
C ILE B 364 24.33 12.82 -21.55
N LYS B 365 25.56 13.35 -21.56
CA LYS B 365 25.76 14.79 -21.65
C LYS B 365 25.52 15.35 -23.05
N THR B 366 25.65 14.52 -24.10
CA THR B 366 25.62 15.02 -25.47
C THR B 366 24.40 14.61 -26.28
N THR B 367 23.50 13.80 -25.73
CA THR B 367 22.38 13.26 -26.49
C THR B 367 21.05 13.64 -25.85
N ASP B 368 20.10 14.04 -26.69
CA ASP B 368 18.73 14.30 -26.24
C ASP B 368 17.94 13.00 -26.30
N PHE B 369 17.38 12.59 -25.16
CA PHE B 369 16.55 11.40 -25.09
C PHE B 369 15.41 11.59 -24.10
N LYS B 370 14.95 12.83 -23.93
CA LYS B 370 13.85 13.09 -23.00
C LYS B 370 12.57 12.38 -23.43
N LYS B 371 12.29 12.37 -24.72
CA LYS B 371 11.10 11.70 -25.24
C LYS B 371 11.50 10.39 -25.90
N LYS B 372 10.78 9.33 -25.56
CA LYS B 372 10.95 8.03 -26.20
C LYS B 372 10.82 8.15 -27.71
N ALA B 373 11.83 7.66 -28.42
CA ALA B 373 11.75 7.61 -29.88
C ALA B 373 10.70 6.58 -30.29
N PRO B 374 10.10 6.77 -31.47
CA PRO B 374 9.07 5.81 -31.92
C PRO B 374 9.63 4.41 -32.11
N PHE B 375 8.72 3.44 -32.17
CA PHE B 375 9.12 2.04 -32.31
C PHE B 375 9.90 1.85 -33.60
N TYR B 376 11.04 1.16 -33.49
CA TYR B 376 11.89 0.92 -34.64
C TYR B 376 11.49 -0.42 -35.26
N ASP B 377 10.85 -0.36 -36.43
CA ASP B 377 10.54 -1.57 -37.18
C ASP B 377 11.74 -1.96 -38.03
N LEU B 378 12.01 -3.26 -38.09
CA LEU B 378 13.14 -3.75 -38.87
C LEU B 378 12.82 -3.65 -40.35
N LEU B 379 13.62 -2.89 -41.07
CA LEU B 379 13.40 -2.63 -42.50
C LEU B 379 13.78 -3.83 -43.36
N MET C 1 -26.55 -17.86 12.51
CA MET C 1 -25.13 -18.18 12.40
C MET C 1 -24.27 -16.92 12.36
N LYS C 2 -23.90 -16.41 13.53
CA LYS C 2 -23.04 -15.24 13.59
C LYS C 2 -21.65 -15.59 13.09
N LYS C 3 -21.08 -14.70 12.28
CA LYS C 3 -19.71 -14.85 11.81
C LYS C 3 -18.78 -14.13 12.78
N ILE C 4 -17.98 -14.89 13.50
CA ILE C 4 -17.03 -14.37 14.46
C ILE C 4 -15.64 -14.59 13.88
N ALA C 5 -14.99 -13.50 13.49
CA ALA C 5 -13.65 -13.54 12.91
C ALA C 5 -12.65 -13.22 13.99
N VAL C 6 -11.69 -14.11 14.20
CA VAL C 6 -10.64 -13.94 15.20
C VAL C 6 -9.40 -13.41 14.49
N PHE C 7 -8.87 -12.31 15.00
CA PHE C 7 -7.67 -11.70 14.46
C PHE C 7 -6.44 -12.22 15.20
N THR C 8 -5.40 -12.56 14.45
CA THR C 8 -4.17 -13.06 15.06
C THR C 8 -2.96 -12.61 14.26
N GLY C 9 -1.94 -12.14 14.99
CA GLY C 9 -0.74 -11.62 14.35
C GLY C 9 0.56 -12.24 14.81
N THR C 10 0.55 -12.95 15.95
CA THR C 10 1.75 -13.60 16.46
C THR C 10 1.40 -14.97 17.03
N ARG C 11 2.44 -15.80 17.13
CA ARG C 11 2.30 -17.15 17.67
C ARG C 11 1.78 -17.14 19.11
N ALA C 12 2.34 -16.27 19.95
CA ALA C 12 1.94 -16.23 21.36
C ALA C 12 0.49 -15.80 21.49
N GLU C 13 0.10 -14.71 20.82
CA GLU C 13 -1.26 -14.21 20.91
C GLU C 13 -2.26 -15.25 20.39
N TYR C 14 -1.91 -15.96 19.31
CA TYR C 14 -2.74 -17.05 18.84
C TYR C 14 -2.85 -18.14 19.90
N GLY C 15 -1.75 -18.42 20.60
CA GLY C 15 -1.81 -19.35 21.72
C GLY C 15 -2.76 -18.90 22.81
N LEU C 16 -2.86 -17.59 23.04
CA LEU C 16 -3.85 -17.07 23.98
C LEU C 16 -5.27 -17.30 23.46
N LEU C 17 -5.51 -17.05 22.17
CA LEU C 17 -6.85 -17.14 21.61
C LEU C 17 -7.28 -18.56 21.27
N TYR C 18 -6.38 -19.55 21.43
CA TYR C 18 -6.61 -20.89 20.91
C TYR C 18 -7.94 -21.47 21.34
N TRP C 19 -8.22 -21.48 22.65
CA TRP C 19 -9.41 -22.19 23.13
C TRP C 19 -10.70 -21.46 22.75
N LEU C 20 -10.65 -20.13 22.61
CA LEU C 20 -11.82 -19.43 22.10
C LEU C 20 -12.07 -19.78 20.64
N MET C 21 -11.00 -19.86 19.84
CA MET C 21 -11.15 -20.32 18.46
C MET C 21 -11.71 -21.74 18.40
N ARG C 22 -11.18 -22.63 19.24
CA ARG C 22 -11.69 -24.00 19.31
C ARG C 22 -13.17 -24.03 19.66
N ASP C 23 -13.57 -23.25 20.66
CA ASP C 23 -14.97 -23.25 21.10
C ASP C 23 -15.90 -22.71 20.02
N ILE C 24 -15.49 -21.64 19.34
CA ILE C 24 -16.32 -21.12 18.24
C ILE C 24 -16.42 -22.15 17.13
N GLN C 25 -15.31 -22.82 16.80
CA GLN C 25 -15.32 -23.85 15.77
C GLN C 25 -16.23 -25.00 16.14
N GLN C 26 -16.26 -25.36 17.43
CA GLN C 26 -17.10 -26.46 17.90
C GLN C 26 -18.58 -26.07 17.91
N ASP C 27 -18.88 -24.79 18.04
CA ASP C 27 -20.25 -24.36 18.24
C ASP C 27 -20.98 -24.27 16.90
N PRO C 28 -22.07 -25.01 16.70
CA PRO C 28 -22.78 -24.94 15.40
C PRO C 28 -23.49 -23.61 15.15
N GLU C 29 -23.65 -22.77 16.18
CA GLU C 29 -24.31 -21.48 16.01
C GLU C 29 -23.35 -20.38 15.56
N LEU C 30 -22.05 -20.61 15.61
CA LEU C 30 -21.07 -19.56 15.35
C LEU C 30 -20.08 -20.05 14.30
N GLU C 31 -19.98 -19.32 13.20
CA GLU C 31 -18.98 -19.62 12.18
C GLU C 31 -17.68 -18.90 12.52
N LEU C 32 -16.59 -19.65 12.60
CA LEU C 32 -15.29 -19.09 12.94
C LEU C 32 -14.58 -18.68 11.66
N GLN C 33 -14.19 -17.41 11.60
CA GLN C 33 -13.27 -16.92 10.59
C GLN C 33 -11.96 -16.56 11.27
N ILE C 34 -10.88 -16.52 10.49
CA ILE C 34 -9.57 -16.20 11.03
C ILE C 34 -8.89 -15.23 10.08
N LEU C 35 -8.37 -14.13 10.61
CA LEU C 35 -7.55 -13.23 9.83
C LEU C 35 -6.17 -13.27 10.47
N ALA C 36 -5.24 -13.97 9.82
CA ALA C 36 -3.87 -14.10 10.27
C ALA C 36 -2.99 -13.12 9.51
N THR C 37 -2.08 -12.46 10.24
CA THR C 37 -1.25 -11.44 9.60
C THR C 37 0.05 -11.30 10.40
N ALA C 38 0.82 -10.28 10.06
CA ALA C 38 2.03 -9.83 10.78
C ALA C 38 2.98 -11.02 10.95
N MET C 39 3.43 -11.32 12.18
CA MET C 39 4.54 -12.23 12.39
C MET C 39 4.22 -13.68 12.02
N HIS C 40 2.96 -14.01 11.75
CA HIS C 40 2.67 -15.33 11.21
C HIS C 40 3.29 -15.55 9.85
N TYR C 41 3.76 -14.50 9.19
CA TYR C 41 4.36 -14.62 7.87
C TYR C 41 5.79 -14.07 7.87
N SER C 42 6.47 -14.19 9.01
CA SER C 42 7.87 -13.83 9.12
C SER C 42 8.70 -15.10 9.12
N PRO C 43 9.66 -15.26 8.20
CA PRO C 43 10.54 -16.43 8.27
C PRO C 43 11.38 -16.46 9.53
N GLU C 44 11.69 -15.28 10.10
CA GLU C 44 12.37 -15.16 11.38
C GLU C 44 11.79 -16.10 12.43
N HIS C 45 10.46 -16.20 12.46
CA HIS C 45 9.76 -16.98 13.47
C HIS C 45 9.21 -18.29 12.92
N GLY C 46 9.57 -18.67 11.70
CA GLY C 46 9.25 -19.97 11.18
C GLY C 46 7.91 -20.10 10.48
N GLU C 47 7.31 -18.99 10.07
CA GLU C 47 5.99 -18.98 9.44
C GLU C 47 4.97 -19.73 10.31
N THR C 48 4.65 -19.09 11.44
CA THR C 48 3.79 -19.73 12.43
C THR C 48 2.35 -19.90 11.95
N TRP C 49 1.98 -19.32 10.81
CA TRP C 49 0.65 -19.55 10.27
C TRP C 49 0.41 -21.03 10.01
N LYS C 50 1.45 -21.76 9.61
CA LYS C 50 1.32 -23.20 9.42
C LYS C 50 0.83 -23.88 10.69
N THR C 51 1.29 -23.41 11.85
CA THR C 51 0.82 -23.95 13.12
C THR C 51 -0.69 -23.83 13.23
N ILE C 52 -1.23 -22.65 12.89
CA ILE C 52 -2.67 -22.45 12.91
C ILE C 52 -3.37 -23.51 12.07
N VAL C 53 -2.79 -23.84 10.91
CA VAL C 53 -3.41 -24.83 10.04
C VAL C 53 -3.23 -26.22 10.62
N LYS C 54 -2.09 -26.47 11.27
CA LYS C 54 -1.83 -27.81 11.79
C LYS C 54 -2.71 -28.12 12.99
N ASP C 55 -3.05 -27.12 13.79
CA ASP C 55 -3.96 -27.31 14.91
C ASP C 55 -5.41 -27.54 14.46
N GLY C 56 -5.69 -27.53 13.16
CA GLY C 56 -7.00 -27.85 12.66
C GLY C 56 -7.84 -26.70 12.18
N PHE C 57 -7.27 -25.50 12.09
CA PHE C 57 -8.02 -24.32 11.70
C PHE C 57 -7.78 -23.97 10.23
N GLU C 58 -8.71 -23.21 9.66
CA GLU C 58 -8.61 -22.73 8.29
C GLU C 58 -8.47 -21.21 8.31
N ILE C 59 -7.38 -20.72 7.72
CA ILE C 59 -7.13 -19.28 7.67
C ILE C 59 -8.04 -18.68 6.59
N THR C 60 -9.03 -17.91 7.03
CA THR C 60 -9.97 -17.31 6.08
C THR C 60 -9.29 -16.28 5.20
N GLU C 61 -8.52 -15.37 5.81
CA GLU C 61 -7.80 -14.34 5.08
C GLU C 61 -6.41 -14.20 5.66
N SER C 62 -5.43 -14.01 4.78
CA SER C 62 -4.04 -13.81 5.16
C SER C 62 -3.55 -12.51 4.56
N VAL C 63 -2.86 -11.71 5.37
CA VAL C 63 -2.33 -10.42 4.94
C VAL C 63 -0.86 -10.36 5.37
N GLU C 64 0.04 -10.55 4.42
CA GLU C 64 1.46 -10.28 4.66
C GLU C 64 1.68 -8.78 4.67
N MET C 65 2.44 -8.29 5.65
CA MET C 65 2.51 -6.84 5.85
C MET C 65 3.85 -6.37 6.41
N LEU C 66 4.57 -7.23 7.11
CA LEU C 66 5.78 -6.80 7.83
C LEU C 66 6.93 -6.57 6.87
N LEU C 67 7.48 -5.36 6.87
CA LEU C 67 8.68 -5.07 6.11
C LEU C 67 9.90 -5.70 6.80
N SER C 68 10.90 -6.04 5.99
CA SER C 68 12.13 -6.65 6.50
C SER C 68 13.06 -5.53 6.89
N SER C 69 12.92 -5.04 8.13
CA SER C 69 13.68 -3.90 8.61
C SER C 69 13.41 -3.73 10.09
N ASP C 70 14.35 -3.06 10.76
CA ASP C 70 14.26 -2.79 12.19
C ASP C 70 13.96 -1.33 12.51
N THR C 71 13.64 -0.52 11.51
CA THR C 71 13.35 0.89 11.74
C THR C 71 11.89 1.08 12.14
N SER C 72 11.62 2.19 12.83
CA SER C 72 10.24 2.53 13.17
C SER C 72 9.47 3.00 11.94
N SER C 73 10.14 3.69 11.02
CA SER C 73 9.52 4.06 9.76
C SER C 73 8.96 2.84 9.04
N ALA C 74 9.72 1.75 9.02
CA ALA C 74 9.26 0.52 8.39
C ALA C 74 8.13 -0.13 9.18
N VAL C 75 8.01 0.15 10.48
CA VAL C 75 6.84 -0.30 11.21
C VAL C 75 5.61 0.48 10.76
N VAL C 76 5.75 1.79 10.53
CA VAL C 76 4.63 2.56 10.01
C VAL C 76 4.23 2.07 8.62
N LYS C 77 5.23 1.81 7.76
CA LYS C 77 4.94 1.26 6.43
C LYS C 77 4.24 -0.09 6.54
N SER C 78 4.75 -0.97 7.40
CA SER C 78 4.10 -2.26 7.63
C SER C 78 2.65 -2.08 8.06
N MET C 79 2.39 -1.05 8.86
CA MET C 79 1.01 -0.76 9.26
C MET C 79 0.18 -0.29 8.08
N GLY C 80 0.78 0.46 7.15
CA GLY C 80 0.07 0.86 5.95
C GLY C 80 -0.33 -0.32 5.07
N VAL C 81 0.65 -1.18 4.78
CA VAL C 81 0.37 -2.43 4.06
C VAL C 81 -0.72 -3.21 4.78
N GLY C 82 -0.62 -3.29 6.12
CA GLY C 82 -1.64 -3.95 6.90
C GLY C 82 -3.03 -3.39 6.64
N LEU C 83 -3.16 -2.06 6.70
CA LEU C 83 -4.46 -1.44 6.44
C LEU C 83 -4.96 -1.78 5.05
N LEU C 84 -4.08 -1.70 4.05
CA LEU C 84 -4.50 -1.98 2.68
C LEU C 84 -5.00 -3.41 2.53
N GLY C 85 -4.35 -4.36 3.20
CA GLY C 85 -4.83 -5.73 3.16
C GLY C 85 -6.12 -5.94 3.94
N PHE C 86 -6.21 -5.29 5.10
CA PHE C 86 -7.39 -5.45 5.96
C PHE C 86 -8.64 -4.87 5.32
N ALA C 87 -8.49 -3.84 4.49
CA ALA C 87 -9.64 -3.27 3.80
C ALA C 87 -10.34 -4.33 2.95
N ASP C 88 -9.59 -4.97 2.04
CA ASP C 88 -10.18 -5.99 1.18
C ASP C 88 -10.51 -7.25 1.97
N ALA C 89 -9.72 -7.58 3.00
CA ALA C 89 -9.99 -8.77 3.78
C ALA C 89 -11.32 -8.67 4.50
N LEU C 90 -11.53 -7.58 5.25
CA LEU C 90 -12.81 -7.39 5.91
C LEU C 90 -13.93 -7.18 4.91
N LYS C 91 -13.62 -6.54 3.77
CA LYS C 91 -14.60 -6.42 2.69
C LYS C 91 -15.14 -7.78 2.28
N ARG C 92 -14.26 -8.76 2.11
CA ARG C 92 -14.69 -10.09 1.67
C ARG C 92 -15.30 -10.91 2.80
N MET C 93 -14.74 -10.80 4.00
CA MET C 93 -15.18 -11.64 5.11
C MET C 93 -16.57 -11.27 5.59
N GLN C 94 -16.88 -9.97 5.61
CA GLN C 94 -18.10 -9.42 6.17
C GLN C 94 -18.41 -10.04 7.55
N PRO C 95 -17.50 -9.91 8.52
CA PRO C 95 -17.74 -10.56 9.81
C PRO C 95 -18.84 -9.86 10.59
N ASP C 96 -19.57 -10.66 11.38
CA ASP C 96 -20.52 -10.06 12.31
C ASP C 96 -19.80 -9.48 13.52
N VAL C 97 -18.73 -10.14 13.96
CA VAL C 97 -17.91 -9.67 15.07
C VAL C 97 -16.46 -9.90 14.72
N LEU C 98 -15.59 -8.96 15.09
CA LEU C 98 -14.15 -9.14 14.98
C LEU C 98 -13.53 -9.14 16.37
N VAL C 99 -12.76 -10.19 16.65
CA VAL C 99 -12.12 -10.39 17.95
C VAL C 99 -10.68 -9.95 17.84
N VAL C 100 -10.27 -9.03 18.70
CA VAL C 100 -8.93 -8.46 18.70
C VAL C 100 -8.39 -8.49 20.12
N LEU C 101 -7.21 -9.08 20.30
CA LEU C 101 -6.58 -9.18 21.61
C LEU C 101 -5.29 -8.37 21.62
N GLY C 102 -5.04 -7.69 22.73
CA GLY C 102 -3.72 -7.13 22.99
C GLY C 102 -3.49 -5.69 22.57
N ASP C 103 -2.25 -5.38 22.21
CA ASP C 103 -1.86 -3.99 22.00
C ASP C 103 -0.83 -3.81 20.88
N ARG C 104 -0.68 -4.80 20.00
CA ARG C 104 0.26 -4.65 18.90
C ARG C 104 -0.31 -3.71 17.84
N PHE C 105 0.60 -3.12 17.05
CA PHE C 105 0.18 -2.09 16.10
C PHE C 105 -0.71 -2.66 15.00
N GLU C 106 -0.50 -3.92 14.60
CA GLU C 106 -1.40 -4.52 13.60
C GLU C 106 -2.82 -4.65 14.14
N ALA C 107 -2.96 -4.90 15.45
CA ALA C 107 -4.28 -4.98 16.05
C ALA C 107 -4.94 -3.60 16.08
N LEU C 108 -4.16 -2.55 16.29
CA LEU C 108 -4.69 -1.19 16.18
C LEU C 108 -5.15 -0.90 14.75
N ALA C 109 -4.36 -1.34 13.77
CA ALA C 109 -4.72 -1.13 12.37
C ALA C 109 -6.02 -1.84 12.02
N VAL C 110 -6.13 -3.12 12.36
CA VAL C 110 -7.34 -3.85 12.01
C VAL C 110 -8.52 -3.33 12.82
N THR C 111 -8.27 -2.81 14.03
CA THR C 111 -9.35 -2.26 14.83
C THR C 111 -9.93 -1.01 14.20
N GLN C 112 -9.06 -0.09 13.75
CA GLN C 112 -9.58 1.11 13.11
C GLN C 112 -10.20 0.80 11.75
N ALA C 113 -9.65 -0.18 11.03
CA ALA C 113 -10.27 -0.61 9.78
C ALA C 113 -11.67 -1.14 10.03
N ALA C 114 -11.85 -1.93 11.08
CA ALA C 114 -13.18 -2.42 11.42
C ALA C 114 -14.10 -1.28 11.84
N LEU C 115 -13.56 -0.30 12.57
CA LEU C 115 -14.36 0.86 12.96
C LEU C 115 -14.90 1.60 11.75
N ILE C 116 -14.03 1.87 10.77
CA ILE C 116 -14.47 2.61 9.59
C ILE C 116 -15.49 1.82 8.79
N MET C 117 -15.36 0.48 8.77
CA MET C 117 -16.21 -0.37 7.97
C MET C 117 -17.33 -1.02 8.77
N HIS C 118 -17.59 -0.54 9.99
CA HIS C 118 -18.75 -0.92 10.79
C HIS C 118 -18.74 -2.40 11.19
N VAL C 119 -17.55 -2.97 11.40
CA VAL C 119 -17.41 -4.33 11.92
C VAL C 119 -17.20 -4.22 13.43
N PRO C 120 -18.16 -4.64 14.26
CA PRO C 120 -18.02 -4.46 15.71
C PRO C 120 -16.82 -5.21 16.25
N VAL C 121 -16.07 -4.55 17.14
CA VAL C 121 -14.84 -5.10 17.69
C VAL C 121 -15.08 -5.52 19.13
N ALA C 122 -14.75 -6.77 19.42
CA ALA C 122 -14.61 -7.28 20.79
C ALA C 122 -13.13 -7.29 21.11
N HIS C 123 -12.74 -6.46 22.09
CA HIS C 123 -11.34 -6.31 22.46
C HIS C 123 -11.08 -7.08 23.76
N LEU C 124 -10.03 -7.89 23.74
CA LEU C 124 -9.61 -8.68 24.89
C LEU C 124 -8.37 -8.04 25.53
N HIS C 125 -8.32 -8.07 26.85
CA HIS C 125 -7.18 -7.62 27.65
C HIS C 125 -7.03 -6.10 27.63
N GLY C 126 -8.12 -5.36 27.47
CA GLY C 126 -8.07 -3.93 27.58
C GLY C 126 -7.95 -3.47 29.02
N GLY C 127 -7.61 -2.19 29.18
CA GLY C 127 -7.55 -1.60 30.50
C GLY C 127 -6.40 -2.08 31.36
N GLU C 128 -5.41 -2.75 30.78
CA GLU C 128 -4.27 -3.20 31.55
C GLU C 128 -3.15 -2.16 31.49
N ILE C 129 -2.09 -2.41 32.26
CA ILE C 129 -1.01 -1.46 32.45
C ILE C 129 0.31 -2.19 32.23
N THR C 130 1.07 -1.77 31.22
CA THR C 130 2.32 -2.44 30.90
C THR C 130 3.44 -1.44 30.69
N GLU C 131 4.55 -1.88 30.10
CA GLU C 131 5.67 -1.03 29.77
C GLU C 131 5.92 -1.07 28.27
N GLY C 132 6.83 -0.20 27.84
CA GLY C 132 7.17 -0.09 26.44
C GLY C 132 7.16 1.35 25.98
N ALA C 133 7.67 1.55 24.75
CA ALA C 133 7.65 2.86 24.12
C ALA C 133 6.22 3.36 23.98
N TYR C 134 5.31 2.50 23.50
CA TYR C 134 3.95 2.94 23.23
C TYR C 134 2.89 1.84 23.35
N ASP C 135 3.24 0.63 23.76
CA ASP C 135 2.29 -0.48 23.73
C ASP C 135 1.02 -0.15 24.52
N GLU C 136 1.14 0.58 25.63
CA GLU C 136 -0.03 0.85 26.45
C GLU C 136 -0.94 1.87 25.79
N SER C 137 -0.35 2.95 25.27
CA SER C 137 -1.13 3.95 24.52
C SER C 137 -1.90 3.28 23.40
N ILE C 138 -1.24 2.38 22.67
CA ILE C 138 -1.91 1.64 21.60
C ILE C 138 -3.04 0.79 22.17
N ARG C 139 -2.81 0.14 23.32
CA ARG C 139 -3.85 -0.67 23.95
C ARG C 139 -5.10 0.16 24.24
N HIS C 140 -4.91 1.35 24.81
CA HIS C 140 -6.06 2.19 25.12
C HIS C 140 -6.72 2.74 23.87
N ALA C 141 -5.92 3.02 22.83
CA ALA C 141 -6.50 3.43 21.56
C ALA C 141 -7.39 2.34 20.98
N ILE C 142 -6.94 1.08 21.05
CA ILE C 142 -7.75 -0.03 20.59
C ILE C 142 -9.02 -0.13 21.43
N THR C 143 -8.91 0.12 22.74
CA THR C 143 -10.09 0.14 23.59
C THR C 143 -11.11 1.16 23.10
N LYS C 144 -10.65 2.37 22.76
CA LYS C 144 -11.61 3.41 22.39
C LYS C 144 -12.28 3.16 21.05
N MET C 145 -11.71 2.31 20.19
CA MET C 145 -12.33 2.00 18.91
C MET C 145 -12.99 0.61 18.91
N SER C 146 -13.25 0.05 20.08
CA SER C 146 -13.90 -1.25 20.21
C SER C 146 -15.29 -1.09 20.77
N ASN C 147 -16.19 -1.99 20.35
CA ASN C 147 -17.58 -1.91 20.76
C ASN C 147 -17.89 -2.69 22.03
N ILE C 148 -17.15 -3.76 22.30
CA ILE C 148 -17.36 -4.52 23.53
C ILE C 148 -16.01 -5.00 24.04
N HIS C 149 -15.90 -5.17 25.36
CA HIS C 149 -14.63 -5.31 26.03
C HIS C 149 -14.66 -6.48 27.00
N PHE C 150 -13.63 -7.32 26.95
CA PHE C 150 -13.50 -8.48 27.82
C PHE C 150 -12.19 -8.33 28.59
N ALA C 151 -12.29 -7.82 29.81
CA ALA C 151 -11.12 -7.57 30.65
C ALA C 151 -10.76 -8.81 31.44
N ALA C 152 -9.48 -8.92 31.77
CA ALA C 152 -8.99 -10.08 32.49
C ALA C 152 -9.23 -10.01 34.00
N ALA C 153 -9.60 -8.84 34.53
CA ALA C 153 -9.77 -8.69 35.97
C ALA C 153 -10.62 -7.45 36.24
N GLU C 154 -11.06 -7.33 37.50
CA GLU C 154 -12.00 -6.27 37.87
C GLU C 154 -11.38 -4.88 37.76
N GLU C 155 -10.12 -4.71 38.17
CA GLU C 155 -9.52 -3.39 38.06
C GLU C 155 -9.25 -3.01 36.61
N TYR C 156 -8.93 -3.99 35.76
CA TYR C 156 -8.82 -3.71 34.33
C TYR C 156 -10.17 -3.28 33.78
N LYS C 157 -11.22 -4.04 34.10
CA LYS C 157 -12.57 -3.65 33.71
C LYS C 157 -12.90 -2.23 34.15
N LYS C 158 -12.54 -1.86 35.38
CA LYS C 158 -12.91 -0.55 35.89
C LYS C 158 -12.06 0.55 35.24
N ARG C 159 -10.82 0.24 34.85
CA ARG C 159 -10.06 1.22 34.09
C ARG C 159 -10.63 1.41 32.69
N ILE C 160 -11.14 0.32 32.09
CA ILE C 160 -11.89 0.45 30.84
C ILE C 160 -13.12 1.32 31.04
N ILE C 161 -13.79 1.17 32.19
CA ILE C 161 -14.94 2.03 32.52
C ILE C 161 -14.50 3.49 32.54
N GLN C 162 -13.38 3.76 33.22
CA GLN C 162 -12.89 5.13 33.30
C GLN C 162 -12.52 5.68 31.93
N LEU C 163 -12.09 4.81 31.01
CA LEU C 163 -11.74 5.21 29.66
C LEU C 163 -12.94 5.70 28.85
N GLY C 164 -14.14 5.64 29.39
CA GLY C 164 -15.33 6.13 28.72
C GLY C 164 -16.27 5.05 28.21
N GLU C 165 -15.93 3.78 28.38
CA GLU C 165 -16.80 2.70 27.93
C GLU C 165 -17.96 2.50 28.91
N GLN C 166 -19.14 2.24 28.37
CA GLN C 166 -20.30 2.04 29.22
C GLN C 166 -20.18 0.72 29.98
N PRO C 167 -20.61 0.69 31.26
CA PRO C 167 -20.43 -0.53 32.06
C PRO C 167 -21.09 -1.77 31.48
N GLU C 168 -22.17 -1.62 30.71
CA GLU C 168 -22.83 -2.75 30.09
C GLU C 168 -22.10 -3.27 28.86
N ARG C 169 -20.94 -2.70 28.53
CA ARG C 169 -20.12 -3.18 27.43
C ARG C 169 -18.77 -3.71 27.89
N VAL C 170 -18.51 -3.76 29.19
CA VAL C 170 -17.26 -4.25 29.74
C VAL C 170 -17.57 -5.44 30.65
N PHE C 171 -16.84 -6.54 30.45
CA PHE C 171 -17.11 -7.78 31.17
C PHE C 171 -15.79 -8.37 31.68
N ASN C 172 -15.74 -8.66 32.97
CA ASN C 172 -14.58 -9.35 33.55
C ASN C 172 -14.78 -10.85 33.36
N VAL C 173 -14.04 -11.44 32.43
CA VAL C 173 -14.16 -12.85 32.10
C VAL C 173 -12.87 -13.61 32.37
N GLY C 174 -11.88 -12.96 32.99
CA GLY C 174 -10.60 -13.59 33.25
C GLY C 174 -9.71 -13.62 32.02
N ALA C 175 -8.48 -14.10 32.24
CA ALA C 175 -7.49 -14.17 31.17
C ALA C 175 -7.78 -15.37 30.30
N LEU C 176 -7.95 -15.14 28.99
CA LEU C 176 -8.27 -16.23 28.06
C LEU C 176 -7.21 -17.33 28.10
N GLY C 177 -5.92 -16.95 28.14
CA GLY C 177 -4.86 -17.94 28.10
C GLY C 177 -4.96 -18.98 29.20
N LEU C 178 -5.43 -18.56 30.39
CA LEU C 178 -5.51 -19.48 31.51
C LEU C 178 -6.50 -20.61 31.26
N ASP C 179 -7.31 -20.54 30.20
CA ASP C 179 -8.15 -21.68 29.85
C ASP C 179 -7.30 -22.93 29.62
N HIS C 180 -6.06 -22.76 29.15
CA HIS C 180 -5.18 -23.90 29.01
C HIS C 180 -5.05 -24.65 30.33
N ILE C 181 -4.84 -23.92 31.42
CA ILE C 181 -4.72 -24.53 32.74
C ILE C 181 -5.93 -25.41 33.03
N GLN C 182 -7.11 -24.95 32.65
CA GLN C 182 -8.31 -25.70 32.96
C GLN C 182 -8.52 -26.89 32.04
N ARG C 183 -7.94 -26.87 30.84
CA ARG C 183 -8.23 -27.87 29.82
C ARG C 183 -7.05 -28.77 29.51
N THR C 184 -5.90 -28.55 30.13
CA THR C 184 -4.73 -29.39 29.89
C THR C 184 -4.80 -30.67 30.71
N THR C 185 -4.50 -31.79 30.07
CA THR C 185 -4.18 -33.02 30.78
C THR C 185 -2.66 -33.05 30.96
N PHE C 186 -2.21 -32.89 32.20
CA PHE C 186 -0.79 -32.69 32.45
C PHE C 186 -0.01 -33.99 32.32
N LYS C 187 1.25 -33.86 31.95
CA LYS C 187 2.17 -34.99 31.94
C LYS C 187 2.66 -35.27 33.35
N SER C 188 2.71 -36.55 33.72
CA SER C 188 3.25 -36.93 35.01
C SER C 188 4.75 -36.68 35.06
N ILE C 189 5.30 -36.73 36.28
CA ILE C 189 6.74 -36.56 36.46
C ILE C 189 7.50 -37.60 35.65
N SER C 190 7.02 -38.85 35.67
CA SER C 190 7.60 -39.92 34.88
C SER C 190 7.64 -39.56 33.39
N GLU C 191 6.50 -39.17 32.83
CA GLU C 191 6.42 -38.90 31.40
C GLU C 191 7.35 -37.76 31.00
N LEU C 192 7.34 -36.67 31.77
CA LEU C 192 8.26 -35.57 31.49
C LEU C 192 9.71 -36.03 31.60
N SER C 193 10.01 -36.95 32.51
CA SER C 193 11.38 -37.32 32.74
C SER C 193 11.91 -38.28 31.70
N GLU C 194 11.04 -39.10 31.10
CA GLU C 194 11.46 -39.98 30.03
C GLU C 194 11.40 -39.34 28.66
N LEU C 195 10.51 -38.36 28.45
CA LEU C 195 10.48 -37.67 27.16
C LEU C 195 11.71 -36.78 26.98
N TYR C 196 12.24 -36.21 28.06
CA TYR C 196 13.37 -35.30 27.98
C TYR C 196 14.66 -35.92 28.51
N ASP C 197 14.64 -37.21 28.83
CA ASP C 197 15.77 -37.94 29.42
C ASP C 197 16.52 -37.08 30.45
N PHE C 198 15.73 -36.63 31.44
CA PHE C 198 16.22 -35.81 32.54
C PHE C 198 15.26 -36.04 33.70
N ASP C 199 15.82 -36.22 34.89
CA ASP C 199 15.01 -36.64 36.04
C ASP C 199 14.29 -35.43 36.62
N PHE C 200 12.95 -35.42 36.54
CA PHE C 200 12.14 -34.35 37.09
C PHE C 200 11.71 -34.60 38.52
N SER C 201 12.00 -35.79 39.07
CA SER C 201 11.62 -36.06 40.46
C SER C 201 12.47 -35.24 41.43
N LYS C 202 13.67 -34.85 41.02
CA LYS C 202 14.50 -34.01 41.87
C LYS C 202 14.08 -32.55 41.73
N PRO C 203 14.02 -31.81 42.83
CA PRO C 203 13.44 -30.45 42.80
C PRO C 203 14.09 -29.56 41.75
N TYR C 204 13.27 -28.74 41.08
CA TYR C 204 13.71 -27.97 39.94
C TYR C 204 13.10 -26.57 39.97
N PHE C 205 13.92 -25.58 39.59
CA PHE C 205 13.42 -24.26 39.24
C PHE C 205 13.11 -24.21 37.74
N LEU C 206 11.98 -23.59 37.38
CA LEU C 206 11.68 -23.37 35.97
C LEU C 206 11.78 -21.88 35.66
N ILE C 207 12.46 -21.55 34.55
CA ILE C 207 12.91 -20.20 34.28
C ILE C 207 12.68 -19.86 32.81
N THR C 208 12.13 -18.69 32.56
CA THR C 208 12.16 -18.05 31.24
C THR C 208 12.49 -16.58 31.45
N TYR C 209 13.71 -16.18 31.11
CA TYR C 209 14.15 -14.80 31.23
C TYR C 209 14.25 -14.23 29.82
N HIS C 210 13.34 -13.35 29.48
CA HIS C 210 13.36 -12.80 28.13
C HIS C 210 14.08 -11.45 28.09
N PRO C 211 14.72 -11.14 26.96
CA PRO C 211 15.53 -9.92 26.86
C PRO C 211 14.71 -8.66 27.07
N GLU C 212 15.10 -7.89 28.08
CA GLU C 212 14.55 -6.57 28.36
C GLU C 212 14.97 -5.62 27.25
N THR C 213 14.04 -5.31 26.35
CA THR C 213 14.38 -4.56 25.14
C THR C 213 15.00 -3.20 25.47
N ASN C 214 14.31 -2.42 26.32
CA ASN C 214 14.82 -1.09 26.66
C ASN C 214 16.02 -1.16 27.61
N LEU C 215 16.09 -2.19 28.45
CA LEU C 215 17.20 -2.35 29.39
C LEU C 215 18.46 -2.84 28.66
N LEU C 216 19.05 -1.93 27.89
CA LEU C 216 20.28 -2.26 27.17
C LEU C 216 21.37 -2.77 28.10
N GLU C 217 21.35 -2.35 29.37
CA GLU C 217 22.33 -2.76 30.37
C GLU C 217 22.02 -4.16 30.86
N GLU C 218 21.92 -5.12 29.95
CA GLU C 218 21.51 -6.48 30.32
C GLU C 218 22.76 -7.29 30.70
N ASN C 219 23.28 -6.96 31.87
CA ASN C 219 24.20 -7.86 32.56
C ASN C 219 23.45 -9.12 32.96
N VAL C 220 23.84 -10.25 32.38
CA VAL C 220 23.11 -11.49 32.58
C VAL C 220 23.56 -12.23 33.84
N ALA C 221 24.76 -11.93 34.33
CA ALA C 221 25.29 -12.65 35.50
C ALA C 221 24.48 -12.55 36.78
N PRO C 222 23.94 -11.39 37.18
CA PRO C 222 23.41 -11.27 38.56
C PRO C 222 22.45 -12.35 39.00
N LEU C 223 21.77 -13.02 38.07
CA LEU C 223 20.86 -14.08 38.48
C LEU C 223 21.50 -15.46 38.46
N PHE C 224 22.29 -15.79 37.43
CA PHE C 224 22.70 -17.19 37.34
C PHE C 224 23.79 -17.53 38.35
N ASP C 225 24.65 -16.57 38.69
CA ASP C 225 25.51 -16.75 39.85
C ASP C 225 24.68 -16.96 41.11
N ALA C 226 23.54 -16.28 41.21
CA ALA C 226 22.63 -16.47 42.33
C ALA C 226 21.99 -17.83 42.31
N LEU C 227 21.97 -18.50 41.15
CA LEU C 227 21.54 -19.88 41.10
C LEU C 227 22.64 -20.84 41.49
N LYS C 228 23.91 -20.42 41.39
CA LYS C 228 25.00 -21.24 41.90
C LYS C 228 25.12 -21.17 43.42
N GLN C 229 24.75 -20.04 44.03
CA GLN C 229 24.80 -19.93 45.49
C GLN C 229 23.67 -20.69 46.16
N ILE C 230 22.62 -21.06 45.43
CA ILE C 230 21.55 -21.90 45.96
C ILE C 230 21.75 -23.32 45.45
N ASN C 231 21.93 -24.26 46.37
CA ASN C 231 22.08 -25.66 46.04
C ASN C 231 20.86 -26.44 46.52
N ASP C 232 20.78 -27.70 46.06
CA ASP C 232 19.74 -28.70 46.29
C ASP C 232 18.69 -28.76 45.19
N VAL C 233 18.75 -27.86 44.21
CA VAL C 233 17.65 -27.67 43.26
C VAL C 233 18.20 -27.60 41.83
N ASN C 234 17.48 -28.22 40.90
CA ASN C 234 17.84 -28.24 39.49
C ASN C 234 17.29 -27.01 38.77
N PHE C 235 17.82 -26.78 37.57
CA PHE C 235 17.48 -25.61 36.76
C PHE C 235 17.01 -26.08 35.39
N ILE C 236 15.72 -25.93 35.11
CA ILE C 236 15.15 -26.27 33.81
C ILE C 236 14.79 -24.98 33.09
N PHE C 237 15.14 -24.89 31.81
CA PHE C 237 15.02 -23.65 31.07
C PHE C 237 14.43 -23.90 29.69
N SER C 238 13.67 -22.92 29.21
CA SER C 238 13.41 -22.78 27.79
C SER C 238 14.01 -21.46 27.31
N TYR C 239 14.13 -21.33 26.00
CA TYR C 239 14.91 -20.29 25.33
C TYR C 239 14.11 -19.02 25.08
N PRO C 240 14.77 -17.87 25.21
CA PRO C 240 14.12 -16.60 24.90
C PRO C 240 13.72 -16.42 23.44
N ASN C 241 13.08 -15.28 23.15
CA ASN C 241 12.52 -14.98 21.84
C ASN C 241 13.53 -14.24 20.97
N ALA C 242 13.05 -13.30 20.15
CA ALA C 242 13.87 -12.58 19.18
C ALA C 242 13.78 -11.08 19.45
N ASP C 243 14.47 -10.62 20.50
CA ASP C 243 14.56 -9.20 20.81
C ASP C 243 16.02 -8.77 20.76
N ASN C 244 16.34 -7.63 21.37
CA ASN C 244 17.70 -7.08 21.37
C ASN C 244 18.33 -7.48 22.69
N GLY C 245 19.05 -8.61 22.67
CA GLY C 245 19.67 -9.14 23.87
C GLY C 245 19.51 -10.64 23.96
N ASN C 246 19.15 -11.25 22.82
CA ASN C 246 18.81 -12.67 22.76
C ASN C 246 20.03 -13.54 23.04
N THR C 247 21.15 -13.27 22.37
CA THR C 247 22.31 -14.15 22.46
C THR C 247 23.02 -13.99 23.81
N ASN C 248 23.09 -12.76 24.31
CA ASN C 248 23.78 -12.49 25.56
C ASN C 248 23.11 -13.19 26.73
N ILE C 249 21.81 -13.45 26.64
CA ILE C 249 21.13 -14.30 27.60
C ILE C 249 21.39 -15.78 27.30
N VAL C 250 21.25 -16.17 26.03
CA VAL C 250 21.29 -17.60 25.71
C VAL C 250 22.61 -18.24 26.13
N LYS C 251 23.73 -17.54 25.94
CA LYS C 251 24.99 -18.19 26.31
C LYS C 251 25.26 -18.10 27.80
N ALA C 252 24.77 -17.05 28.45
CA ALA C 252 24.71 -17.04 29.90
C ALA C 252 24.07 -18.31 30.43
N MET C 253 23.01 -18.77 29.79
CA MET C 253 22.44 -20.07 30.11
C MET C 253 23.43 -21.20 29.82
N LEU C 254 23.79 -21.36 28.54
CA LEU C 254 24.55 -22.55 28.11
C LEU C 254 25.89 -22.74 28.81
N ASP C 255 26.49 -21.69 29.38
CA ASP C 255 27.71 -21.98 30.13
C ASP C 255 27.42 -22.43 31.54
N LEU C 256 26.28 -22.03 32.11
CA LEU C 256 25.84 -22.63 33.36
C LEU C 256 25.19 -23.99 33.13
N LYS C 257 25.13 -24.42 31.87
CA LYS C 257 24.86 -25.83 31.58
C LYS C 257 26.14 -26.62 31.32
N ALA C 258 27.11 -26.02 30.63
CA ALA C 258 28.41 -26.67 30.50
C ALA C 258 29.09 -26.89 31.85
N GLN C 259 28.89 -25.99 32.81
CA GLN C 259 29.54 -26.08 34.13
C GLN C 259 28.89 -27.18 35.00
N LEU C 260 27.53 -27.26 35.05
CA LEU C 260 26.79 -28.37 35.69
C LEU C 260 25.77 -29.06 34.79
N PRO C 261 26.22 -30.03 33.99
CA PRO C 261 25.28 -30.83 33.18
C PRO C 261 24.40 -31.76 34.00
N ASP C 262 24.52 -31.78 35.33
CA ASP C 262 23.74 -32.68 36.19
C ASP C 262 22.87 -31.89 37.16
N ARG C 263 22.43 -30.71 36.71
CA ARG C 263 21.46 -29.90 37.42
C ARG C 263 20.67 -29.02 36.48
N VAL C 264 20.96 -29.04 35.17
CA VAL C 264 20.39 -28.11 34.21
C VAL C 264 19.79 -28.90 33.06
N LEU C 265 18.65 -28.42 32.55
CA LEU C 265 17.98 -29.00 31.40
C LEU C 265 17.63 -27.87 30.44
N LEU C 266 17.92 -28.06 29.16
CA LEU C 266 17.71 -27.06 28.13
C LEU C 266 16.67 -27.57 27.15
N VAL C 267 15.55 -26.87 27.05
CA VAL C 267 14.49 -27.20 26.11
C VAL C 267 14.27 -25.99 25.21
N LYS C 268 14.36 -26.20 23.90
CA LYS C 268 14.22 -25.08 22.97
C LYS C 268 12.80 -24.53 22.99
N SER C 269 11.82 -25.35 22.61
CA SER C 269 10.42 -24.98 22.67
C SER C 269 9.67 -26.07 23.40
N PHE C 270 9.00 -25.69 24.49
CA PHE C 270 8.34 -26.66 25.37
C PHE C 270 7.03 -27.16 24.79
N GLY C 271 6.24 -26.27 24.20
CA GLY C 271 4.85 -26.58 23.92
C GLY C 271 4.01 -26.29 25.16
N ILE C 272 2.79 -25.77 24.97
CA ILE C 272 2.03 -25.26 26.10
C ILE C 272 1.71 -26.36 27.10
N GLN C 273 1.47 -27.58 26.61
CA GLN C 273 1.11 -28.68 27.49
C GLN C 273 2.29 -29.12 28.35
N ASN C 274 3.43 -29.38 27.71
CA ASN C 274 4.63 -29.75 28.46
C ASN C 274 5.14 -28.59 29.30
N TYR C 275 4.96 -27.35 28.83
CA TYR C 275 5.38 -26.20 29.61
C TYR C 275 4.60 -26.12 30.91
N LEU C 276 3.26 -26.22 30.83
CA LEU C 276 2.45 -26.18 32.04
C LEU C 276 2.70 -27.39 32.92
N SER C 277 3.01 -28.55 32.32
CA SER C 277 3.33 -29.73 33.12
C SER C 277 4.62 -29.53 33.90
N VAL C 278 5.63 -28.91 33.27
CA VAL C 278 6.87 -28.60 33.96
C VAL C 278 6.63 -27.56 35.05
N LEU C 279 5.85 -26.52 34.74
CA LEU C 279 5.63 -25.47 35.73
C LEU C 279 4.80 -25.97 36.90
N LYS C 280 3.97 -27.00 36.69
CA LYS C 280 3.03 -27.44 37.72
C LYS C 280 3.74 -27.93 38.98
N ASN C 281 4.85 -28.64 38.83
CA ASN C 281 5.56 -29.21 39.97
C ASN C 281 6.80 -28.41 40.36
N ALA C 282 6.81 -27.12 40.07
CA ALA C 282 8.00 -26.33 40.34
C ALA C 282 7.91 -25.68 41.71
N LEU C 283 9.09 -25.37 42.25
CA LEU C 283 9.14 -24.55 43.45
C LEU C 283 9.15 -23.07 43.11
N ALA C 284 9.68 -22.70 41.94
CA ALA C 284 9.44 -21.35 41.46
C ALA C 284 9.56 -21.27 39.94
N MET C 285 8.67 -20.46 39.37
CA MET C 285 8.84 -19.81 38.07
C MET C 285 9.63 -18.54 38.31
N VAL C 286 10.87 -18.48 37.85
CA VAL C 286 11.66 -17.27 38.08
C VAL C 286 12.03 -16.66 36.75
N GLY C 287 12.17 -15.34 36.74
CA GLY C 287 12.46 -14.60 35.53
C GLY C 287 11.53 -13.43 35.33
N ASN C 288 11.28 -13.06 34.08
CA ASN C 288 10.45 -11.91 33.75
C ASN C 288 9.36 -12.26 32.75
N SER C 289 8.99 -13.52 32.63
CA SER C 289 7.95 -13.89 31.69
C SER C 289 6.57 -13.53 32.22
N SER C 290 5.62 -13.39 31.30
CA SER C 290 4.24 -13.15 31.68
C SER C 290 3.59 -14.40 32.27
N SER C 291 4.11 -15.58 31.91
CA SER C 291 3.65 -16.82 32.54
C SER C 291 3.84 -16.79 34.04
N GLY C 292 4.88 -16.10 34.51
CA GLY C 292 5.11 -15.96 35.94
C GLY C 292 4.00 -15.23 36.67
N LEU C 293 3.24 -14.39 35.98
CA LEU C 293 2.21 -13.58 36.63
C LEU C 293 0.80 -13.99 36.26
N SER C 294 0.61 -15.21 35.75
CA SER C 294 -0.72 -15.69 35.40
C SER C 294 -0.79 -17.21 35.56
N GLU C 295 0.04 -17.93 34.81
CA GLU C 295 0.00 -19.39 34.84
C GLU C 295 0.63 -19.94 36.11
N ALA C 296 1.77 -19.39 36.53
CA ALA C 296 2.39 -19.83 37.78
C ALA C 296 1.49 -19.60 38.99
N PRO C 297 0.87 -18.43 39.20
CA PRO C 297 -0.06 -18.30 40.33
C PRO C 297 -1.26 -19.22 40.22
N ALA C 298 -1.79 -19.42 39.02
CA ALA C 298 -2.94 -20.31 38.85
C ALA C 298 -2.61 -21.75 39.15
N LEU C 299 -1.33 -22.14 39.06
CA LEU C 299 -0.88 -23.47 39.43
C LEU C 299 -0.36 -23.54 40.85
N GLN C 300 -0.59 -22.50 41.65
CA GLN C 300 -0.15 -22.44 43.05
C GLN C 300 1.36 -22.67 43.16
N VAL C 301 2.11 -22.28 42.14
CA VAL C 301 3.56 -22.36 42.15
C VAL C 301 4.08 -20.92 42.32
N PRO C 302 4.90 -20.65 43.32
CA PRO C 302 5.34 -19.28 43.54
C PRO C 302 6.22 -18.81 42.39
N THR C 303 6.23 -17.51 42.20
CA THR C 303 7.04 -16.88 41.17
C THR C 303 7.88 -15.79 41.81
N VAL C 304 9.13 -15.71 41.40
CA VAL C 304 10.02 -14.66 41.84
C VAL C 304 10.34 -13.80 40.63
N ASN C 305 9.74 -12.61 40.61
CA ASN C 305 9.69 -11.76 39.42
C ASN C 305 10.90 -10.82 39.39
N ILE C 306 11.74 -10.98 38.38
CA ILE C 306 13.00 -10.27 38.26
C ILE C 306 12.87 -9.15 37.24
N GLY C 307 13.29 -7.95 37.63
CA GLY C 307 13.27 -6.84 36.72
C GLY C 307 11.88 -6.21 36.67
N ASP C 308 11.71 -5.34 35.67
CA ASP C 308 10.46 -4.64 35.47
C ASP C 308 9.80 -4.96 34.14
N ARG C 309 10.15 -6.10 33.52
CA ARG C 309 9.48 -6.48 32.28
C ARG C 309 7.99 -6.69 32.50
N GLN C 310 7.60 -7.08 33.72
CA GLN C 310 6.20 -7.32 34.06
C GLN C 310 5.64 -6.26 34.99
N LYS C 311 6.27 -5.08 35.05
CA LYS C 311 5.74 -4.02 35.91
C LYS C 311 4.41 -3.52 35.37
N GLY C 312 3.53 -3.13 36.30
CA GLY C 312 2.18 -2.74 35.95
C GLY C 312 1.18 -3.87 36.05
N ARG C 313 1.64 -5.11 35.98
CA ARG C 313 0.74 -6.26 35.98
C ARG C 313 0.13 -6.45 37.36
N LEU C 314 -1.04 -7.08 37.41
CA LEU C 314 -1.62 -7.48 38.68
C LEU C 314 -0.67 -8.36 39.48
N ARG C 315 -0.47 -8.01 40.74
CA ARG C 315 0.34 -8.80 41.65
C ARG C 315 -0.54 -9.64 42.57
N CYS C 316 0.02 -10.76 43.02
CA CYS C 316 -0.63 -11.65 43.96
C CYS C 316 0.41 -12.18 44.93
N GLU C 317 -0.06 -12.92 45.93
CA GLU C 317 0.83 -13.43 46.98
C GLU C 317 1.98 -14.24 46.41
N SER C 318 1.72 -15.02 45.36
CA SER C 318 2.76 -15.86 44.77
C SER C 318 3.88 -15.04 44.12
N ILE C 319 3.64 -13.75 43.88
CA ILE C 319 4.63 -12.91 43.21
C ILE C 319 5.63 -12.41 44.24
N LEU C 320 6.91 -12.62 44.00
CA LEU C 320 7.97 -12.05 44.82
C LEU C 320 8.83 -11.18 43.92
N ASP C 321 8.72 -9.87 44.08
CA ASP C 321 9.30 -8.92 43.14
C ASP C 321 10.72 -8.55 43.56
N VAL C 322 11.66 -8.66 42.61
CA VAL C 322 13.09 -8.44 42.86
C VAL C 322 13.69 -7.80 41.62
N ARG C 323 14.92 -7.30 41.75
CA ARG C 323 15.64 -6.62 40.68
C ARG C 323 16.66 -7.59 40.06
N LEU C 324 17.62 -7.05 39.29
CA LEU C 324 18.63 -7.89 38.66
C LEU C 324 20.02 -7.70 39.28
N ASP C 325 20.08 -7.73 40.62
CA ASP C 325 21.32 -7.90 41.37
C ASP C 325 21.20 -9.21 42.15
N GLU C 326 22.34 -9.71 42.64
CA GLU C 326 22.36 -11.07 43.18
C GLU C 326 21.70 -11.20 44.56
N ASN C 327 21.90 -10.23 45.45
CA ASN C 327 21.41 -10.37 46.82
C ASN C 327 19.91 -10.65 46.94
N GLU C 328 19.08 -9.61 46.77
CA GLU C 328 17.62 -9.64 46.88
C GLU C 328 16.95 -10.83 46.17
N ILE C 329 17.63 -11.42 45.19
CA ILE C 329 17.07 -12.56 44.45
C ILE C 329 16.98 -13.81 45.33
N VAL C 330 18.09 -14.21 45.94
CA VAL C 330 18.15 -15.54 46.58
C VAL C 330 17.18 -15.65 47.75
N GLU C 331 17.01 -14.57 48.53
CA GLU C 331 15.97 -14.55 49.56
C GLU C 331 14.63 -14.91 48.94
N ALA C 332 14.42 -14.54 47.68
CA ALA C 332 13.18 -14.81 46.98
C ALA C 332 13.12 -16.26 46.50
N LEU C 333 14.26 -16.86 46.08
CA LEU C 333 14.24 -18.28 45.77
C LEU C 333 13.96 -19.14 47.01
N GLN C 334 14.69 -18.87 48.09
CA GLN C 334 14.39 -19.51 49.36
C GLN C 334 12.95 -19.22 49.74
N LYS C 335 12.57 -17.94 49.69
CA LYS C 335 11.21 -17.48 49.94
C LYS C 335 10.19 -18.18 49.06
N ALA C 336 10.66 -18.86 48.00
CA ALA C 336 9.86 -19.84 47.26
C ALA C 336 9.90 -21.22 47.90
N ILE C 337 11.07 -21.68 48.35
CA ILE C 337 11.19 -23.02 48.93
C ILE C 337 10.63 -23.16 50.34
N ASN C 338 10.23 -22.08 51.03
CA ASN C 338 9.84 -22.23 52.43
C ASN C 338 8.33 -22.24 52.69
N PHE C 339 7.51 -21.71 51.78
CA PHE C 339 6.08 -21.98 51.87
C PHE C 339 5.83 -23.18 50.98
N PRO C 349 -7.78 -15.86 42.74
CA PRO C 349 -6.91 -14.93 42.01
C PRO C 349 -7.68 -13.99 41.07
N PRO C 350 -7.16 -12.78 40.88
CA PRO C 350 -7.88 -11.80 40.03
C PRO C 350 -8.11 -12.28 38.60
N LEU C 351 -7.12 -12.93 37.98
CA LEU C 351 -7.22 -13.30 36.57
C LEU C 351 -8.21 -14.43 36.31
N GLY C 352 -8.90 -14.93 37.33
CA GLY C 352 -9.92 -15.94 37.11
C GLY C 352 -9.39 -17.35 37.15
N LEU C 353 -10.31 -18.28 36.90
CA LEU C 353 -10.04 -19.70 37.02
C LEU C 353 -9.58 -20.35 35.72
N GLY C 354 -10.11 -19.91 34.57
CA GLY C 354 -9.75 -20.49 33.30
C GLY C 354 -10.93 -20.99 32.48
N ASN C 355 -12.08 -20.34 32.61
CA ASN C 355 -13.20 -20.62 31.72
C ASN C 355 -13.59 -19.36 30.95
N THR C 356 -12.60 -18.66 30.40
CA THR C 356 -12.84 -17.36 29.79
C THR C 356 -13.58 -17.49 28.46
N SER C 357 -13.23 -18.50 27.66
CA SER C 357 -13.82 -18.66 26.33
C SER C 357 -15.34 -18.76 26.41
N GLN C 358 -15.86 -19.57 27.33
CA GLN C 358 -17.31 -19.78 27.40
C GLN C 358 -18.02 -18.52 27.89
N LYS C 359 -17.41 -17.77 28.80
CA LYS C 359 -17.99 -16.51 29.24
C LYS C 359 -18.06 -15.51 28.10
N ILE C 360 -16.98 -15.42 27.32
CA ILE C 360 -16.96 -14.53 26.16
C ILE C 360 -18.06 -14.92 25.18
N ILE C 361 -18.17 -16.22 24.87
CA ILE C 361 -19.17 -16.67 23.91
C ILE C 361 -20.57 -16.38 24.43
N GLU C 362 -20.80 -16.60 25.73
CA GLU C 362 -22.09 -16.29 26.32
C GLU C 362 -22.45 -14.82 26.13
N VAL C 363 -21.50 -13.93 26.43
CA VAL C 363 -21.76 -12.50 26.29
C VAL C 363 -22.05 -12.14 24.83
N ILE C 364 -21.25 -12.69 23.91
CA ILE C 364 -21.43 -12.38 22.49
C ILE C 364 -22.80 -12.86 22.00
N LYS C 365 -23.23 -14.03 22.46
CA LYS C 365 -24.54 -14.55 22.08
C LYS C 365 -25.69 -13.77 22.71
N THR C 366 -25.46 -13.10 23.84
CA THR C 366 -26.56 -12.49 24.57
C THR C 366 -26.55 -10.96 24.55
N THR C 367 -25.60 -10.33 23.88
CA THR C 367 -25.48 -8.87 23.89
C THR C 367 -25.45 -8.32 22.48
N ASP C 368 -26.22 -7.26 22.25
CA ASP C 368 -26.13 -6.48 21.01
C ASP C 368 -25.11 -5.37 21.20
N PHE C 369 -24.11 -5.33 20.32
CA PHE C 369 -23.08 -4.29 20.37
C PHE C 369 -22.67 -3.87 18.97
N LYS C 370 -23.64 -3.79 18.06
CA LYS C 370 -23.35 -3.35 16.70
C LYS C 370 -22.83 -1.91 16.68
N LYS C 371 -23.35 -1.06 17.55
CA LYS C 371 -22.98 0.34 17.60
C LYS C 371 -22.08 0.61 18.80
N LYS C 372 -21.15 1.54 18.63
CA LYS C 372 -20.37 2.06 19.75
C LYS C 372 -21.31 2.77 20.72
N ALA C 373 -21.32 2.31 21.97
CA ALA C 373 -22.18 2.93 22.97
C ALA C 373 -21.77 4.38 23.20
N PRO C 374 -22.70 5.23 23.66
CA PRO C 374 -22.33 6.62 23.97
C PRO C 374 -21.21 6.66 25.00
N PHE C 375 -20.42 7.73 24.94
CA PHE C 375 -19.32 7.90 25.88
C PHE C 375 -19.85 7.94 27.31
N TYR C 376 -19.08 7.37 28.23
CA TYR C 376 -19.48 7.22 29.62
C TYR C 376 -18.70 8.20 30.49
N ASP C 377 -19.39 9.22 30.98
CA ASP C 377 -18.81 10.20 31.89
C ASP C 377 -19.04 9.78 33.34
N LEU C 378 -17.97 9.81 34.13
CA LEU C 378 -18.05 9.55 35.56
C LEU C 378 -18.61 10.76 36.31
N LEU C 379 -19.62 10.52 37.13
CA LEU C 379 -20.27 11.59 37.89
C LEU C 379 -19.31 12.24 38.87
N MET D 1 16.88 25.34 18.25
CA MET D 1 15.62 25.83 17.71
C MET D 1 14.68 24.66 17.43
N LYS D 2 13.58 24.59 18.18
CA LYS D 2 12.70 23.42 18.11
C LYS D 2 11.90 23.42 16.82
N LYS D 3 11.63 22.20 16.32
CA LYS D 3 10.89 22.00 15.08
C LYS D 3 9.44 21.63 15.43
N ILE D 4 8.53 22.54 15.13
CA ILE D 4 7.10 22.37 15.38
C ILE D 4 6.46 22.03 14.05
N ALA D 5 6.24 20.75 13.81
CA ALA D 5 5.50 20.33 12.63
C ALA D 5 4.01 20.43 12.90
N VAL D 6 3.28 20.98 11.95
CA VAL D 6 1.82 21.10 12.04
C VAL D 6 1.22 20.23 10.95
N PHE D 7 0.27 19.39 11.34
CA PHE D 7 -0.40 18.49 10.41
C PHE D 7 -1.70 19.14 9.93
N THR D 8 -1.95 19.06 8.62
CA THR D 8 -3.22 19.52 8.08
C THR D 8 -3.67 18.62 6.93
N GLY D 9 -4.96 18.27 6.95
CA GLY D 9 -5.54 17.38 5.98
C GLY D 9 -6.76 17.93 5.28
N THR D 10 -7.37 18.97 5.84
CA THR D 10 -8.52 19.63 5.23
C THR D 10 -8.34 21.15 5.31
N ARG D 11 -9.07 21.85 4.43
CA ARG D 11 -9.09 23.30 4.50
C ARG D 11 -9.63 23.78 5.83
N ALA D 12 -10.64 23.07 6.35
CA ALA D 12 -11.26 23.38 7.64
C ALA D 12 -10.24 23.52 8.76
N GLU D 13 -9.63 22.40 9.13
CA GLU D 13 -8.71 22.41 10.26
C GLU D 13 -7.48 23.25 9.96
N TYR D 14 -7.12 23.43 8.69
CA TYR D 14 -6.06 24.37 8.36
C TYR D 14 -6.45 25.78 8.76
N GLY D 15 -7.69 26.17 8.47
CA GLY D 15 -8.17 27.47 8.92
C GLY D 15 -8.21 27.57 10.42
N LEU D 16 -8.60 26.49 11.09
CA LEU D 16 -8.54 26.48 12.56
C LEU D 16 -7.11 26.70 13.04
N LEU D 17 -6.13 26.18 12.32
CA LEU D 17 -4.74 26.20 12.73
C LEU D 17 -3.97 27.43 12.24
N TYR D 18 -4.62 28.31 11.46
CA TYR D 18 -3.88 29.33 10.72
C TYR D 18 -3.02 30.20 11.64
N TRP D 19 -3.57 30.62 12.79
CA TRP D 19 -2.84 31.56 13.62
C TRP D 19 -1.76 30.89 14.46
N LEU D 20 -1.93 29.60 14.78
CA LEU D 20 -0.83 28.87 15.40
C LEU D 20 0.34 28.72 14.44
N MET D 21 0.05 28.34 13.19
CA MET D 21 1.10 28.20 12.20
C MET D 21 1.77 29.54 11.92
N ARG D 22 0.98 30.61 11.81
CA ARG D 22 1.54 31.93 11.50
C ARG D 22 2.36 32.45 12.67
N ASP D 23 1.92 32.18 13.91
CA ASP D 23 2.69 32.65 15.05
C ASP D 23 3.96 31.84 15.27
N ILE D 24 3.94 30.54 14.94
CA ILE D 24 5.16 29.75 15.00
C ILE D 24 6.13 30.20 13.91
N GLN D 25 5.62 30.46 12.71
CA GLN D 25 6.46 31.04 11.65
C GLN D 25 7.05 32.36 12.10
N GLN D 26 6.27 33.18 12.81
CA GLN D 26 6.74 34.48 13.26
C GLN D 26 7.81 34.36 14.34
N ASP D 27 7.65 33.40 15.24
CA ASP D 27 8.58 33.23 16.35
C ASP D 27 9.95 32.81 15.83
N PRO D 28 11.03 33.54 16.14
CA PRO D 28 12.35 33.13 15.67
C PRO D 28 12.93 31.95 16.41
N GLU D 29 12.39 31.60 17.57
CA GLU D 29 12.88 30.45 18.34
C GLU D 29 12.22 29.14 17.93
N LEU D 30 11.23 29.17 17.06
CA LEU D 30 10.53 27.97 16.61
C LEU D 30 10.57 27.90 15.09
N GLU D 31 10.84 26.70 14.57
CA GLU D 31 10.84 26.46 13.14
C GLU D 31 9.54 25.72 12.77
N LEU D 32 8.74 26.33 11.90
CA LEU D 32 7.48 25.75 11.49
C LEU D 32 7.70 24.74 10.37
N GLN D 33 7.20 23.52 10.57
CA GLN D 33 7.08 22.52 9.52
C GLN D 33 5.59 22.30 9.25
N ILE D 34 5.30 21.77 8.06
CA ILE D 34 3.92 21.53 7.65
C ILE D 34 3.85 20.19 6.94
N LEU D 35 2.93 19.34 7.39
CA LEU D 35 2.62 18.07 6.72
C LEU D 35 1.19 18.17 6.22
N ALA D 36 1.03 18.47 4.93
CA ALA D 36 -0.27 18.60 4.30
C ALA D 36 -0.63 17.34 3.54
N THR D 37 -1.87 16.92 3.64
CA THR D 37 -2.27 15.63 3.07
C THR D 37 -3.77 15.63 2.81
N ALA D 38 -4.25 14.50 2.29
CA ALA D 38 -5.68 14.17 2.17
C ALA D 38 -6.40 15.23 1.35
N MET D 39 -7.42 15.90 1.89
CA MET D 39 -8.29 16.75 1.07
C MET D 39 -7.54 17.93 0.46
N HIS D 40 -6.38 18.30 1.01
CA HIS D 40 -5.60 19.36 0.41
C HIS D 40 -5.11 19.03 -0.99
N TYR D 41 -5.21 17.77 -1.43
CA TYR D 41 -4.70 17.38 -2.73
C TYR D 41 -5.73 16.66 -3.60
N SER D 42 -7.01 16.70 -3.22
CA SER D 42 -8.04 16.13 -4.09
C SER D 42 -8.72 17.24 -4.87
N PRO D 43 -8.78 17.15 -6.20
CA PRO D 43 -9.46 18.20 -6.96
C PRO D 43 -10.95 18.27 -6.69
N GLU D 44 -11.57 17.17 -6.26
CA GLU D 44 -12.97 17.20 -5.87
C GLU D 44 -13.19 17.93 -4.55
N HIS D 45 -12.13 18.37 -3.88
CA HIS D 45 -12.22 19.17 -2.67
C HIS D 45 -11.54 20.52 -2.82
N GLY D 46 -11.10 20.88 -4.02
CA GLY D 46 -10.58 22.21 -4.28
C GLY D 46 -9.07 22.31 -4.41
N GLU D 47 -8.33 21.24 -4.15
CA GLU D 47 -6.87 21.27 -4.10
C GLU D 47 -6.38 22.40 -3.19
N THR D 48 -6.83 22.34 -1.93
CA THR D 48 -6.66 23.45 -1.01
C THR D 48 -5.22 23.62 -0.51
N TRP D 49 -4.26 22.81 -0.97
CA TRP D 49 -2.86 23.09 -0.65
C TRP D 49 -2.43 24.41 -1.26
N LYS D 50 -3.00 24.76 -2.41
CA LYS D 50 -2.71 26.03 -3.05
C LYS D 50 -3.00 27.19 -2.10
N THR D 51 -4.07 27.08 -1.31
CA THR D 51 -4.37 28.13 -0.34
C THR D 51 -3.29 28.22 0.72
N ILE D 52 -2.82 27.06 1.20
CA ILE D 52 -1.72 27.05 2.17
C ILE D 52 -0.51 27.78 1.59
N VAL D 53 -0.22 27.56 0.32
CA VAL D 53 0.94 28.20 -0.30
C VAL D 53 0.68 29.70 -0.49
N LYS D 54 -0.56 30.08 -0.79
CA LYS D 54 -0.86 31.49 -1.05
C LYS D 54 -0.77 32.33 0.23
N ASP D 55 -0.97 31.71 1.39
CA ASP D 55 -0.90 32.42 2.66
C ASP D 55 0.52 32.49 3.21
N GLY D 56 1.54 32.35 2.35
CA GLY D 56 2.91 32.54 2.75
C GLY D 56 3.58 31.34 3.41
N PHE D 57 2.88 30.24 3.58
CA PHE D 57 3.45 29.07 4.24
C PHE D 57 4.18 28.18 3.24
N GLU D 58 5.21 27.49 3.74
CA GLU D 58 5.93 26.49 2.96
C GLU D 58 5.48 25.10 3.39
N ILE D 59 4.98 24.31 2.45
CA ILE D 59 4.60 22.93 2.72
C ILE D 59 5.87 22.09 2.76
N THR D 60 6.25 21.63 3.96
CA THR D 60 7.47 20.84 4.09
C THR D 60 7.33 19.50 3.39
N GLU D 61 6.26 18.76 3.68
CA GLU D 61 6.02 17.45 3.09
C GLU D 61 4.58 17.36 2.64
N SER D 62 4.38 16.82 1.44
CA SER D 62 3.06 16.54 0.90
C SER D 62 2.89 15.03 0.75
N VAL D 63 1.70 14.54 1.08
CA VAL D 63 1.38 13.12 0.97
C VAL D 63 -0.02 12.99 0.39
N GLU D 64 -0.11 12.57 -0.87
CA GLU D 64 -1.40 12.26 -1.47
C GLU D 64 -1.83 10.86 -1.02
N MET D 65 -3.09 10.74 -0.63
CA MET D 65 -3.57 9.49 -0.04
C MET D 65 -5.02 9.13 -0.35
N LEU D 66 -5.88 10.08 -0.72
CA LEU D 66 -7.29 9.78 -0.82
C LEU D 66 -7.60 8.96 -2.07
N LEU D 67 -8.22 7.80 -1.88
CA LEU D 67 -8.76 7.04 -3.00
C LEU D 67 -10.08 7.64 -3.44
N SER D 68 -10.31 7.64 -4.75
CA SER D 68 -11.52 8.28 -5.28
C SER D 68 -12.78 7.47 -4.98
N SER D 69 -12.65 6.15 -4.82
CA SER D 69 -13.81 5.32 -4.55
C SER D 69 -14.49 5.73 -3.26
N ASP D 70 -15.83 5.87 -3.31
CA ASP D 70 -16.60 6.36 -2.17
C ASP D 70 -17.15 5.18 -1.36
N THR D 71 -16.23 4.48 -0.71
CA THR D 71 -16.58 3.36 0.16
C THR D 71 -15.75 3.46 1.44
N SER D 72 -16.20 2.73 2.46
CA SER D 72 -15.45 2.67 3.71
C SER D 72 -14.12 1.94 3.53
N SER D 73 -14.11 0.88 2.72
CA SER D 73 -12.86 0.17 2.44
C SER D 73 -11.87 1.08 1.75
N ALA D 74 -12.34 1.97 0.88
CA ALA D 74 -11.46 2.91 0.23
C ALA D 74 -10.96 3.96 1.20
N VAL D 75 -11.74 4.27 2.24
CA VAL D 75 -11.23 5.12 3.31
C VAL D 75 -10.09 4.44 4.04
N VAL D 76 -10.25 3.14 4.33
CA VAL D 76 -9.19 2.40 5.02
C VAL D 76 -7.94 2.33 4.16
N LYS D 77 -8.10 2.08 2.86
CA LYS D 77 -6.96 2.07 1.96
C LYS D 77 -6.30 3.44 1.90
N SER D 78 -7.11 4.51 1.88
CA SER D 78 -6.55 5.85 1.93
C SER D 78 -5.71 6.05 3.19
N MET D 79 -6.16 5.50 4.32
CA MET D 79 -5.38 5.58 5.55
C MET D 79 -4.07 4.81 5.41
N GLY D 80 -4.10 3.66 4.72
CA GLY D 80 -2.87 2.91 4.51
C GLY D 80 -1.86 3.66 3.66
N VAL D 81 -2.32 4.22 2.54
CA VAL D 81 -1.46 5.08 1.72
C VAL D 81 -0.90 6.22 2.56
N GLY D 82 -1.77 6.84 3.38
CA GLY D 82 -1.31 7.90 4.27
C GLY D 82 -0.17 7.45 5.16
N LEU D 83 -0.34 6.30 5.83
CA LEU D 83 0.73 5.77 6.68
C LEU D 83 2.01 5.58 5.89
N LEU D 84 1.91 4.96 4.71
CA LEU D 84 3.09 4.70 3.91
C LEU D 84 3.81 6.00 3.53
N GLY D 85 3.08 7.08 3.33
CA GLY D 85 3.71 8.37 3.07
C GLY D 85 4.29 9.03 4.30
N PHE D 86 3.55 8.96 5.41
CA PHE D 86 3.97 9.60 6.66
C PHE D 86 5.22 8.94 7.22
N ALA D 87 5.45 7.67 6.91
CA ALA D 87 6.69 7.03 7.37
C ALA D 87 7.92 7.78 6.86
N ASP D 88 7.97 8.04 5.55
CA ASP D 88 9.10 8.77 4.99
C ASP D 88 9.04 10.25 5.36
N ALA D 89 7.86 10.87 5.25
CA ALA D 89 7.74 12.30 5.52
C ALA D 89 8.18 12.62 6.94
N LEU D 90 7.65 11.90 7.93
CA LEU D 90 8.11 12.09 9.31
C LEU D 90 9.57 11.69 9.46
N LYS D 91 9.98 10.60 8.80
CA LYS D 91 11.37 10.17 8.83
C LYS D 91 12.31 11.31 8.44
N ARG D 92 11.83 12.25 7.62
CA ARG D 92 12.67 13.31 7.09
C ARG D 92 12.52 14.64 7.80
N MET D 93 11.29 15.06 8.12
CA MET D 93 11.11 16.30 8.87
C MET D 93 11.80 16.22 10.22
N GLN D 94 11.84 15.03 10.81
CA GLN D 94 12.34 14.77 12.16
C GLN D 94 11.82 15.85 13.13
N PRO D 95 10.49 16.00 13.23
CA PRO D 95 9.95 17.10 14.03
C PRO D 95 10.28 16.93 15.49
N ASP D 96 10.46 18.06 16.17
CA ASP D 96 10.53 18.02 17.63
C ASP D 96 9.15 17.80 18.22
N VAL D 97 8.09 18.22 17.53
CA VAL D 97 6.73 17.95 17.97
C VAL D 97 5.82 17.94 16.74
N LEU D 98 4.74 17.16 16.81
CA LEU D 98 3.71 17.15 15.79
C LEU D 98 2.40 17.65 16.40
N VAL D 99 1.85 18.71 15.84
CA VAL D 99 0.57 19.25 16.25
C VAL D 99 -0.51 18.64 15.36
N VAL D 100 -1.49 17.98 15.99
CA VAL D 100 -2.61 17.36 15.30
C VAL D 100 -3.90 17.93 15.89
N LEU D 101 -4.78 18.41 15.04
CA LEU D 101 -6.06 18.95 15.46
C LEU D 101 -7.18 18.06 14.93
N GLY D 102 -8.08 17.65 15.81
CA GLY D 102 -9.35 17.08 15.39
C GLY D 102 -9.51 15.59 15.54
N ASP D 103 -10.28 15.00 14.61
CA ASP D 103 -10.81 13.66 14.81
C ASP D 103 -11.00 12.88 13.51
N ARG D 104 -10.35 13.27 12.42
CA ARG D 104 -10.56 12.63 11.14
C ARG D 104 -9.59 11.46 10.97
N PHE D 105 -9.89 10.61 9.98
CA PHE D 105 -9.14 9.36 9.85
C PHE D 105 -7.68 9.61 9.44
N GLU D 106 -7.44 10.64 8.63
CA GLU D 106 -6.05 10.97 8.31
C GLU D 106 -5.30 11.44 9.55
N ALA D 107 -6.00 12.15 10.46
CA ALA D 107 -5.39 12.55 11.71
C ALA D 107 -5.05 11.33 12.56
N LEU D 108 -5.91 10.32 12.54
CA LEU D 108 -5.60 9.08 13.23
C LEU D 108 -4.33 8.44 12.65
N ALA D 109 -4.28 8.31 11.33
CA ALA D 109 -3.12 7.69 10.69
C ALA D 109 -1.84 8.43 11.05
N VAL D 110 -1.83 9.76 10.92
CA VAL D 110 -0.59 10.48 11.20
C VAL D 110 -0.25 10.44 12.68
N THR D 111 -1.27 10.34 13.55
CA THR D 111 -0.99 10.29 14.98
C THR D 111 -0.32 8.99 15.37
N GLN D 112 -0.87 7.86 14.91
CA GLN D 112 -0.21 6.58 15.20
C GLN D 112 1.14 6.49 14.52
N ALA D 113 1.29 7.08 13.33
CA ALA D 113 2.60 7.12 12.69
C ALA D 113 3.60 7.86 13.55
N ALA D 114 3.19 9.00 14.11
CA ALA D 114 4.10 9.78 14.96
C ALA D 114 4.41 9.04 16.26
N LEU D 115 3.42 8.35 16.83
CA LEU D 115 3.65 7.62 18.07
C LEU D 115 4.65 6.48 17.86
N ILE D 116 4.47 5.72 16.79
CA ILE D 116 5.38 4.60 16.52
C ILE D 116 6.78 5.11 16.24
N MET D 117 6.90 6.27 15.60
CA MET D 117 8.20 6.87 15.30
C MET D 117 8.65 7.84 16.40
N HIS D 118 8.04 7.76 17.59
CA HIS D 118 8.51 8.47 18.78
C HIS D 118 8.56 9.99 18.58
N VAL D 119 7.60 10.52 17.82
CA VAL D 119 7.44 11.97 17.65
C VAL D 119 6.32 12.42 18.57
N PRO D 120 6.57 13.27 19.56
CA PRO D 120 5.52 13.65 20.51
C PRO D 120 4.38 14.38 19.79
N VAL D 121 3.16 14.14 20.27
CA VAL D 121 1.95 14.68 19.65
C VAL D 121 1.31 15.69 20.58
N ALA D 122 1.03 16.88 20.03
CA ALA D 122 0.21 17.89 20.68
C ALA D 122 -1.16 17.84 20.01
N HIS D 123 -2.15 17.32 20.72
CA HIS D 123 -3.49 17.14 20.19
C HIS D 123 -4.38 18.31 20.60
N LEU D 124 -5.04 18.89 19.62
CA LEU D 124 -5.98 19.98 19.83
C LEU D 124 -7.40 19.49 19.66
N HIS D 125 -8.30 20.00 20.51
CA HIS D 125 -9.75 19.72 20.44
C HIS D 125 -10.08 18.29 20.82
N GLY D 126 -9.39 17.74 21.82
CA GLY D 126 -9.78 16.46 22.38
C GLY D 126 -10.85 16.62 23.45
N GLY D 127 -11.33 15.47 23.94
CA GLY D 127 -12.33 15.45 24.99
C GLY D 127 -13.73 15.85 24.57
N GLU D 128 -13.96 16.09 23.30
CA GLU D 128 -15.27 16.45 22.80
C GLU D 128 -16.02 15.20 22.32
N ILE D 129 -17.32 15.35 22.08
CA ILE D 129 -18.17 14.22 21.75
C ILE D 129 -18.96 14.53 20.48
N THR D 130 -18.90 13.60 19.50
CA THR D 130 -19.63 13.69 18.24
C THR D 130 -20.13 12.27 17.93
N GLU D 131 -21.28 11.92 18.52
CA GLU D 131 -21.68 10.52 18.56
C GLU D 131 -21.97 9.96 17.18
N GLY D 132 -22.52 10.79 16.28
CA GLY D 132 -22.96 10.31 14.99
C GLY D 132 -21.85 9.94 14.03
N ALA D 133 -20.61 10.30 14.33
CA ALA D 133 -19.50 10.02 13.43
C ALA D 133 -18.52 9.05 14.09
N TYR D 134 -17.82 8.27 13.26
CA TYR D 134 -16.72 7.49 13.82
C TYR D 134 -15.54 8.37 14.20
N ASP D 135 -15.60 9.67 13.89
CA ASP D 135 -14.63 10.63 14.41
C ASP D 135 -14.61 10.67 15.94
N GLU D 136 -15.66 10.16 16.59
CA GLU D 136 -15.71 10.11 18.05
C GLU D 136 -14.62 9.20 18.60
N SER D 137 -14.70 7.90 18.25
CA SER D 137 -13.71 6.95 18.71
C SER D 137 -12.32 7.28 18.19
N ILE D 138 -12.24 7.82 16.96
CA ILE D 138 -10.97 8.28 16.44
C ILE D 138 -10.40 9.37 17.33
N ARG D 139 -11.24 10.31 17.77
CA ARG D 139 -10.78 11.41 18.61
C ARG D 139 -10.22 10.89 19.92
N HIS D 140 -10.95 10.00 20.58
CA HIS D 140 -10.45 9.47 21.85
C HIS D 140 -9.18 8.64 21.65
N ALA D 141 -9.08 7.92 20.53
CA ALA D 141 -7.88 7.14 20.23
C ALA D 141 -6.68 8.06 20.01
N ILE D 142 -6.87 9.17 19.31
CA ILE D 142 -5.80 10.15 19.14
C ILE D 142 -5.40 10.74 20.49
N THR D 143 -6.39 11.00 21.34
CA THR D 143 -6.09 11.45 22.70
C THR D 143 -5.18 10.46 23.41
N LYS D 144 -5.49 9.17 23.31
CA LYS D 144 -4.67 8.17 24.00
C LYS D 144 -3.29 8.00 23.39
N MET D 145 -3.09 8.45 22.15
CA MET D 145 -1.78 8.36 21.51
C MET D 145 -1.05 9.70 21.50
N SER D 146 -1.55 10.68 22.22
CA SER D 146 -0.94 12.01 22.27
C SER D 146 -0.28 12.24 23.62
N ASN D 147 0.78 13.04 23.60
CA ASN D 147 1.53 13.33 24.82
C ASN D 147 1.06 14.60 25.51
N ILE D 148 0.65 15.62 24.76
CA ILE D 148 0.14 16.84 25.37
C ILE D 148 -1.15 17.24 24.69
N HIS D 149 -2.06 17.84 25.46
CA HIS D 149 -3.44 18.04 25.04
C HIS D 149 -3.88 19.47 25.31
N PHE D 150 -4.46 20.11 24.29
CA PHE D 150 -5.00 21.46 24.41
C PHE D 150 -6.50 21.39 24.16
N ALA D 151 -7.28 21.55 25.22
CA ALA D 151 -8.73 21.48 25.13
C ALA D 151 -9.33 22.87 24.93
N ALA D 152 -10.53 22.89 24.35
CA ALA D 152 -11.24 24.13 24.08
C ALA D 152 -12.23 24.52 25.16
N ALA D 153 -12.45 23.65 26.16
CA ALA D 153 -13.37 23.96 27.24
C ALA D 153 -12.99 23.13 28.46
N GLU D 154 -13.47 23.57 29.62
CA GLU D 154 -13.17 22.86 30.86
C GLU D 154 -13.81 21.47 30.88
N GLU D 155 -15.01 21.36 30.29
CA GLU D 155 -15.64 20.03 30.17
C GLU D 155 -14.77 19.08 29.37
N TYR D 156 -14.16 19.58 28.29
CA TYR D 156 -13.32 18.73 27.45
C TYR D 156 -12.01 18.37 28.15
N LYS D 157 -11.42 19.33 28.86
CA LYS D 157 -10.26 19.02 29.69
C LYS D 157 -10.58 17.94 30.71
N LYS D 158 -11.75 18.06 31.36
CA LYS D 158 -12.18 17.04 32.31
C LYS D 158 -12.31 15.68 31.66
N ARG D 159 -12.93 15.63 30.47
CA ARG D 159 -13.09 14.34 29.79
C ARG D 159 -11.74 13.76 29.39
N ILE D 160 -10.78 14.61 29.00
CA ILE D 160 -9.46 14.12 28.66
C ILE D 160 -8.77 13.54 29.89
N ILE D 161 -8.90 14.22 31.04
CA ILE D 161 -8.32 13.68 32.27
C ILE D 161 -8.97 12.34 32.61
N GLN D 162 -10.29 12.23 32.40
CA GLN D 162 -10.96 10.95 32.67
C GLN D 162 -10.44 9.86 31.75
N LEU D 163 -10.02 10.22 30.53
CA LEU D 163 -9.42 9.26 29.61
C LEU D 163 -8.07 8.75 30.08
N GLY D 164 -7.60 9.15 31.27
CA GLY D 164 -6.36 8.64 31.81
C GLY D 164 -5.13 9.50 31.58
N GLU D 165 -5.28 10.67 30.94
CA GLU D 165 -4.16 11.56 30.74
C GLU D 165 -3.84 12.31 32.02
N GLN D 166 -2.55 12.53 32.27
CA GLN D 166 -2.16 13.26 33.47
C GLN D 166 -2.65 14.70 33.38
N PRO D 167 -3.29 15.22 34.44
CA PRO D 167 -3.81 16.60 34.39
C PRO D 167 -2.73 17.64 34.09
N GLU D 168 -1.47 17.38 34.46
CA GLU D 168 -0.39 18.29 34.14
C GLU D 168 -0.06 18.32 32.66
N ARG D 169 -0.68 17.46 31.84
CA ARG D 169 -0.47 17.44 30.41
C ARG D 169 -1.69 17.90 29.62
N VAL D 170 -2.72 18.40 30.30
CA VAL D 170 -3.96 18.84 29.67
C VAL D 170 -4.19 20.30 30.04
N PHE D 171 -4.48 21.12 29.02
CA PHE D 171 -4.62 22.56 29.18
C PHE D 171 -5.89 23.05 28.50
N ASN D 172 -6.62 23.93 29.19
CA ASN D 172 -7.80 24.58 28.61
C ASN D 172 -7.38 25.92 28.03
N VAL D 173 -7.32 25.99 26.70
CA VAL D 173 -6.85 27.18 25.99
C VAL D 173 -7.91 27.75 25.07
N GLY D 174 -9.12 27.18 25.07
CA GLY D 174 -10.16 27.66 24.20
C GLY D 174 -10.00 27.14 22.78
N ALA D 175 -10.88 27.61 21.90
CA ALA D 175 -10.89 27.19 20.51
C ALA D 175 -9.90 28.03 19.72
N LEU D 176 -8.95 27.36 19.07
CA LEU D 176 -7.94 28.08 18.29
C LEU D 176 -8.56 28.84 17.13
N GLY D 177 -9.58 28.27 16.50
CA GLY D 177 -10.21 28.92 15.36
C GLY D 177 -10.88 30.24 15.72
N LEU D 178 -11.44 30.34 16.93
CA LEU D 178 -12.12 31.56 17.33
C LEU D 178 -11.18 32.75 17.46
N ASP D 179 -9.87 32.51 17.54
CA ASP D 179 -8.91 33.60 17.43
C ASP D 179 -9.19 34.44 16.19
N HIS D 180 -9.62 33.79 15.11
CA HIS D 180 -9.96 34.52 13.88
C HIS D 180 -10.94 35.64 14.16
N ILE D 181 -11.96 35.38 14.98
CA ILE D 181 -12.98 36.37 15.30
C ILE D 181 -12.35 37.70 15.69
N GLN D 182 -11.16 37.65 16.29
CA GLN D 182 -10.44 38.86 16.67
C GLN D 182 -9.34 39.26 15.69
N ARG D 183 -8.68 38.29 15.06
CA ARG D 183 -7.43 38.57 14.35
C ARG D 183 -7.57 38.63 12.83
N THR D 184 -8.67 38.15 12.26
CA THR D 184 -8.84 38.10 10.82
C THR D 184 -9.81 39.18 10.37
N THR D 185 -9.46 39.85 9.27
CA THR D 185 -10.31 40.88 8.68
C THR D 185 -11.43 40.24 7.87
N PHE D 186 -12.67 40.67 8.13
CA PHE D 186 -13.83 40.14 7.45
C PHE D 186 -14.10 40.90 6.16
N LYS D 187 -14.76 40.23 5.22
CA LYS D 187 -15.09 40.79 3.93
C LYS D 187 -16.52 41.31 3.93
N SER D 188 -16.75 42.41 3.21
CA SER D 188 -18.07 43.03 3.16
C SER D 188 -18.98 42.27 2.21
N ILE D 189 -20.24 42.70 2.18
CA ILE D 189 -21.24 42.05 1.32
C ILE D 189 -20.84 42.19 -0.14
N SER D 190 -20.41 43.39 -0.54
CA SER D 190 -20.09 43.64 -1.94
C SER D 190 -18.82 42.93 -2.38
N GLU D 191 -17.86 42.76 -1.46
CA GLU D 191 -16.64 42.05 -1.81
C GLU D 191 -16.93 40.58 -2.11
N LEU D 192 -17.67 39.92 -1.21
CA LEU D 192 -18.09 38.55 -1.46
C LEU D 192 -18.93 38.45 -2.73
N SER D 193 -19.85 39.41 -2.91
CA SER D 193 -20.71 39.40 -4.08
C SER D 193 -19.92 39.52 -5.37
N GLU D 194 -18.81 40.28 -5.34
CA GLU D 194 -18.03 40.48 -6.55
C GLU D 194 -17.11 39.29 -6.81
N LEU D 195 -16.44 38.77 -5.79
CA LEU D 195 -15.50 37.68 -6.02
C LEU D 195 -16.20 36.34 -6.20
N TYR D 196 -17.46 36.21 -5.80
CA TYR D 196 -18.21 34.97 -6.03
C TYR D 196 -19.29 35.12 -7.09
N ASP D 197 -19.45 36.30 -7.69
CA ASP D 197 -20.43 36.54 -8.75
C ASP D 197 -21.82 36.07 -8.32
N PHE D 198 -22.19 36.39 -7.09
CA PHE D 198 -23.47 35.99 -6.52
C PHE D 198 -23.93 37.10 -5.59
N ASP D 199 -25.22 37.42 -5.64
CA ASP D 199 -25.74 38.56 -4.90
C ASP D 199 -25.92 38.19 -3.44
N PHE D 200 -24.87 38.41 -2.65
CA PHE D 200 -24.94 38.18 -1.21
C PHE D 200 -25.80 39.20 -0.49
N SER D 201 -26.34 40.19 -1.20
CA SER D 201 -27.20 41.18 -0.55
C SER D 201 -28.54 40.58 -0.16
N LYS D 202 -29.06 39.65 -0.98
CA LYS D 202 -30.31 38.98 -0.66
C LYS D 202 -30.07 37.93 0.43
N PRO D 203 -31.04 37.74 1.33
CA PRO D 203 -30.82 36.81 2.45
C PRO D 203 -30.55 35.40 1.98
N TYR D 204 -29.68 34.70 2.72
CA TYR D 204 -29.26 33.37 2.34
C TYR D 204 -28.96 32.54 3.58
N PHE D 205 -28.98 31.22 3.39
CA PHE D 205 -28.48 30.28 4.39
C PHE D 205 -27.07 29.83 4.01
N LEU D 206 -26.26 29.56 5.02
CA LEU D 206 -24.97 28.90 4.82
C LEU D 206 -25.13 27.42 5.20
N ILE D 207 -24.85 26.54 4.24
CA ILE D 207 -25.19 25.13 4.36
C ILE D 207 -23.92 24.30 4.21
N THR D 208 -23.72 23.36 5.12
CA THR D 208 -22.58 22.45 5.08
C THR D 208 -23.01 21.16 5.75
N TYR D 209 -23.23 20.12 4.94
CA TYR D 209 -23.65 18.82 5.46
C TYR D 209 -22.62 17.77 5.05
N HIS D 210 -21.97 17.18 6.03
CA HIS D 210 -21.05 16.08 5.85
C HIS D 210 -21.73 14.77 6.17
N PRO D 211 -21.26 13.65 5.61
CA PRO D 211 -21.90 12.36 5.89
C PRO D 211 -21.75 11.99 7.35
N GLU D 212 -22.88 11.66 7.99
CA GLU D 212 -22.88 11.14 9.35
C GLU D 212 -22.50 9.67 9.25
N THR D 213 -21.24 9.37 9.57
CA THR D 213 -20.66 8.08 9.18
C THR D 213 -21.16 6.91 9.99
N ASN D 214 -21.82 7.13 11.13
CA ASN D 214 -22.43 6.03 11.87
C ASN D 214 -23.87 5.76 11.43
N LEU D 215 -24.32 6.43 10.37
CA LEU D 215 -25.65 6.18 9.83
C LEU D 215 -25.60 5.01 8.87
N LEU D 216 -26.41 3.98 9.13
CA LEU D 216 -26.38 2.78 8.29
C LEU D 216 -26.75 3.10 6.85
N GLU D 217 -27.89 3.77 6.65
CA GLU D 217 -28.27 4.33 5.36
C GLU D 217 -28.61 5.80 5.56
N GLU D 218 -28.07 6.66 4.70
CA GLU D 218 -28.17 8.11 4.87
C GLU D 218 -28.87 8.70 3.64
N ASN D 219 -30.11 9.13 3.83
CA ASN D 219 -30.90 9.78 2.79
C ASN D 219 -31.02 11.25 3.16
N VAL D 220 -30.25 12.11 2.48
CA VAL D 220 -30.21 13.53 2.81
C VAL D 220 -31.34 14.32 2.20
N ALA D 221 -32.21 13.68 1.40
CA ALA D 221 -33.30 14.39 0.74
C ALA D 221 -34.14 15.24 1.67
N PRO D 222 -34.53 14.80 2.89
CA PRO D 222 -35.29 15.70 3.77
C PRO D 222 -34.69 17.07 3.95
N LEU D 223 -33.36 17.20 3.92
CA LEU D 223 -32.75 18.51 3.99
C LEU D 223 -33.09 19.33 2.76
N PHE D 224 -32.82 18.79 1.57
CA PHE D 224 -32.96 19.58 0.35
C PHE D 224 -34.43 19.87 0.06
N ASP D 225 -35.29 18.85 0.16
CA ASP D 225 -36.73 19.07 0.09
C ASP D 225 -37.19 20.11 1.10
N ALA D 226 -36.47 20.23 2.21
CA ALA D 226 -36.76 21.30 3.16
C ALA D 226 -36.44 22.67 2.57
N LEU D 227 -35.22 22.83 2.07
CA LEU D 227 -34.77 24.15 1.63
C LEU D 227 -35.63 24.68 0.50
N LYS D 228 -36.15 23.80 -0.35
CA LYS D 228 -37.01 24.25 -1.45
C LYS D 228 -38.25 24.97 -0.94
N GLN D 229 -38.78 24.55 0.21
CA GLN D 229 -40.03 25.12 0.68
C GLN D 229 -39.85 26.55 1.21
N ILE D 230 -38.62 26.95 1.51
CA ILE D 230 -38.34 28.33 1.90
C ILE D 230 -38.26 29.19 0.64
N ASN D 231 -38.98 30.30 0.64
CA ASN D 231 -39.01 31.23 -0.49
C ASN D 231 -38.21 32.47 -0.17
N ASP D 232 -37.72 33.14 -1.23
CA ASP D 232 -37.02 34.41 -1.19
C ASP D 232 -35.66 34.32 -0.51
N VAL D 233 -35.19 33.12 -0.17
CA VAL D 233 -33.90 32.93 0.47
C VAL D 233 -33.02 32.09 -0.46
N ASN D 234 -31.77 32.52 -0.62
CA ASN D 234 -30.81 31.78 -1.42
C ASN D 234 -30.08 30.74 -0.57
N PHE D 235 -29.36 29.85 -1.24
CA PHE D 235 -28.68 28.74 -0.59
C PHE D 235 -27.24 28.69 -1.06
N ILE D 236 -26.31 28.78 -0.12
CA ILE D 236 -24.89 28.80 -0.40
C ILE D 236 -24.26 27.59 0.29
N PHE D 237 -23.60 26.75 -0.49
CA PHE D 237 -23.09 25.46 -0.03
C PHE D 237 -21.57 25.44 -0.05
N SER D 238 -20.99 24.87 0.99
CA SER D 238 -19.65 24.32 0.93
C SER D 238 -19.74 22.82 0.66
N TYR D 239 -18.67 22.28 0.11
CA TYR D 239 -18.72 20.87 -0.24
C TYR D 239 -18.49 19.97 0.98
N PRO D 240 -19.08 18.78 0.98
CA PRO D 240 -18.81 17.83 2.07
C PRO D 240 -17.38 17.33 2.03
N ASN D 241 -16.96 16.76 3.16
CA ASN D 241 -15.57 16.32 3.31
C ASN D 241 -15.36 15.00 2.58
N ALA D 242 -14.20 14.38 2.80
CA ALA D 242 -13.82 13.16 2.09
C ALA D 242 -14.27 11.88 2.77
N ASP D 243 -15.03 11.98 3.86
CA ASP D 243 -15.59 10.78 4.48
C ASP D 243 -16.49 10.04 3.49
N ASN D 244 -16.57 8.72 3.64
CA ASN D 244 -17.39 7.94 2.73
C ASN D 244 -18.86 8.27 2.91
N GLY D 245 -19.57 8.39 1.80
CA GLY D 245 -20.94 8.86 1.79
C GLY D 245 -21.12 10.28 1.34
N ASN D 246 -20.07 10.95 0.87
CA ASN D 246 -20.14 12.35 0.48
C ASN D 246 -20.62 12.56 -0.94
N THR D 247 -20.44 11.57 -1.83
CA THR D 247 -20.83 11.75 -3.22
C THR D 247 -22.34 11.84 -3.37
N ASN D 248 -23.10 11.17 -2.50
CA ASN D 248 -24.55 11.35 -2.51
C ASN D 248 -24.93 12.79 -2.18
N ILE D 249 -24.27 13.37 -1.17
CA ILE D 249 -24.52 14.75 -0.81
C ILE D 249 -24.16 15.68 -1.96
N VAL D 250 -23.03 15.42 -2.62
CA VAL D 250 -22.65 16.22 -3.78
C VAL D 250 -23.71 16.12 -4.87
N LYS D 251 -24.20 14.91 -5.13
CA LYS D 251 -25.24 14.74 -6.15
C LYS D 251 -26.49 15.54 -5.81
N ALA D 252 -26.91 15.49 -4.55
CA ALA D 252 -28.08 16.27 -4.14
C ALA D 252 -27.84 17.76 -4.29
N MET D 253 -26.61 18.20 -4.03
CA MET D 253 -26.27 19.61 -4.19
C MET D 253 -26.36 20.03 -5.66
N LEU D 254 -25.71 19.29 -6.55
CA LEU D 254 -25.78 19.61 -7.98
C LEU D 254 -27.21 19.51 -8.50
N ASP D 255 -28.04 18.66 -7.87
CA ASP D 255 -29.45 18.60 -8.22
C ASP D 255 -30.16 19.89 -7.84
N LEU D 256 -29.98 20.34 -6.60
CA LEU D 256 -30.65 21.56 -6.15
C LEU D 256 -30.18 22.77 -6.94
N LYS D 257 -28.87 22.85 -7.23
CA LYS D 257 -28.34 23.92 -8.07
C LYS D 257 -28.91 23.84 -9.48
N ALA D 258 -29.09 22.62 -10.00
CA ALA D 258 -29.67 22.46 -11.32
C ALA D 258 -31.12 22.93 -11.37
N GLN D 259 -31.85 22.79 -10.25
CA GLN D 259 -33.24 23.23 -10.23
C GLN D 259 -33.34 24.74 -10.07
N LEU D 260 -32.58 25.32 -9.13
CA LEU D 260 -32.66 26.73 -8.78
C LEU D 260 -31.31 27.39 -8.99
N PRO D 261 -30.88 27.56 -10.25
CA PRO D 261 -29.53 28.09 -10.50
C PRO D 261 -29.35 29.55 -10.10
N ASP D 262 -30.44 30.32 -10.01
CA ASP D 262 -30.34 31.71 -9.57
C ASP D 262 -30.31 31.85 -8.05
N ARG D 263 -30.58 30.78 -7.31
CA ARG D 263 -30.68 30.85 -5.87
C ARG D 263 -29.65 30.00 -5.13
N VAL D 264 -28.84 29.21 -5.82
CA VAL D 264 -27.91 28.28 -5.19
C VAL D 264 -26.51 28.57 -5.71
N LEU D 265 -25.57 28.77 -4.78
CA LEU D 265 -24.16 28.94 -5.08
C LEU D 265 -23.39 27.76 -4.48
N LEU D 266 -22.63 27.06 -5.31
CA LEU D 266 -21.86 25.90 -4.88
C LEU D 266 -20.38 26.27 -4.86
N VAL D 267 -19.77 26.23 -3.67
CA VAL D 267 -18.36 26.55 -3.51
C VAL D 267 -17.66 25.34 -2.90
N LYS D 268 -16.62 24.86 -3.57
CA LYS D 268 -15.90 23.68 -3.08
C LYS D 268 -15.12 24.01 -1.81
N SER D 269 -14.53 25.21 -1.74
CA SER D 269 -13.81 25.65 -0.57
C SER D 269 -13.73 27.17 -0.59
N PHE D 270 -14.00 27.79 0.56
CA PHE D 270 -14.27 29.22 0.60
C PHE D 270 -13.01 30.06 0.78
N GLY D 271 -12.28 29.83 1.86
CA GLY D 271 -11.16 30.69 2.17
C GLY D 271 -11.08 30.96 3.66
N ILE D 272 -12.11 30.52 4.38
CA ILE D 272 -12.20 30.59 5.84
C ILE D 272 -12.30 32.04 6.29
N GLN D 273 -11.44 32.91 5.76
CA GLN D 273 -11.73 34.35 5.81
C GLN D 273 -13.05 34.63 5.08
N ASN D 274 -13.15 34.17 3.83
CA ASN D 274 -14.42 34.27 3.11
C ASN D 274 -15.50 33.44 3.76
N TYR D 275 -15.15 32.29 4.35
CA TYR D 275 -16.16 31.46 4.99
C TYR D 275 -16.74 32.14 6.22
N LEU D 276 -15.89 32.80 7.02
CA LEU D 276 -16.40 33.52 8.18
C LEU D 276 -17.15 34.78 7.75
N SER D 277 -16.74 35.40 6.64
CA SER D 277 -17.48 36.55 6.14
C SER D 277 -18.87 36.16 5.67
N VAL D 278 -18.98 35.07 4.92
CA VAL D 278 -20.28 34.58 4.48
C VAL D 278 -21.10 34.12 5.67
N LEU D 279 -20.46 33.47 6.63
CA LEU D 279 -21.17 32.95 7.80
C LEU D 279 -21.76 34.08 8.63
N LYS D 280 -21.00 35.15 8.82
CA LYS D 280 -21.46 36.29 9.61
C LYS D 280 -22.75 36.87 9.04
N ASN D 281 -22.86 36.95 7.72
CA ASN D 281 -24.00 37.57 7.06
C ASN D 281 -25.09 36.57 6.70
N ALA D 282 -25.01 35.34 7.20
CA ALA D 282 -25.99 34.32 6.84
C ALA D 282 -27.18 34.35 7.79
N LEU D 283 -28.36 34.04 7.24
CA LEU D 283 -29.54 33.89 8.08
C LEU D 283 -29.35 32.79 9.11
N ALA D 284 -28.61 31.74 8.77
CA ALA D 284 -28.39 30.61 9.67
C ALA D 284 -27.26 29.75 9.14
N MET D 285 -26.55 29.10 10.05
CA MET D 285 -25.64 28.02 9.72
C MET D 285 -26.43 26.72 9.75
N VAL D 286 -26.52 26.05 8.60
CA VAL D 286 -27.40 24.90 8.44
C VAL D 286 -26.55 23.68 8.07
N GLY D 287 -26.83 22.56 8.73
CA GLY D 287 -26.13 21.33 8.42
C GLY D 287 -25.70 20.56 9.66
N ASN D 288 -24.53 19.93 9.60
CA ASN D 288 -24.00 19.18 10.74
C ASN D 288 -22.50 19.41 10.88
N SER D 289 -22.02 20.60 10.54
CA SER D 289 -20.61 20.94 10.68
C SER D 289 -20.34 21.51 12.07
N SER D 290 -19.11 21.31 12.55
CA SER D 290 -18.75 21.79 13.87
C SER D 290 -18.78 23.32 13.94
N SER D 291 -18.69 24.00 12.81
CA SER D 291 -18.74 25.46 12.82
C SER D 291 -20.08 25.97 13.31
N GLY D 292 -21.14 25.16 13.22
CA GLY D 292 -22.41 25.54 13.80
C GLY D 292 -22.44 25.51 15.31
N LEU D 293 -21.47 24.83 15.93
CA LEU D 293 -21.39 24.72 17.37
C LEU D 293 -20.29 25.59 17.97
N SER D 294 -19.68 26.46 17.17
CA SER D 294 -18.58 27.28 17.66
C SER D 294 -18.54 28.63 16.95
N GLU D 295 -18.24 28.64 15.65
CA GLU D 295 -18.12 29.89 14.92
C GLU D 295 -19.46 30.60 14.81
N ALA D 296 -20.53 29.86 14.51
CA ALA D 296 -21.84 30.48 14.35
C ALA D 296 -22.33 31.16 15.64
N PRO D 297 -22.29 30.53 16.81
CA PRO D 297 -22.68 31.28 18.02
C PRO D 297 -21.75 32.43 18.32
N ALA D 298 -20.46 32.30 18.02
CA ALA D 298 -19.51 33.38 18.27
C ALA D 298 -19.75 34.58 17.35
N LEU D 299 -20.35 34.35 16.18
CA LEU D 299 -20.73 35.42 15.27
C LEU D 299 -22.19 35.81 15.42
N GLN D 300 -22.88 35.25 16.41
CA GLN D 300 -24.29 35.54 16.68
C GLN D 300 -25.15 35.23 15.46
N VAL D 301 -24.95 34.04 14.90
CA VAL D 301 -25.75 33.52 13.80
C VAL D 301 -26.34 32.19 14.26
N PRO D 302 -27.64 31.95 14.07
CA PRO D 302 -28.23 30.70 14.55
C PRO D 302 -27.65 29.49 13.84
N THR D 303 -27.90 28.33 14.44
CA THR D 303 -27.47 27.05 13.91
C THR D 303 -28.68 26.13 13.76
N VAL D 304 -28.91 25.63 12.56
CA VAL D 304 -29.85 24.54 12.33
C VAL D 304 -28.99 23.28 12.21
N ASN D 305 -28.77 22.61 13.33
CA ASN D 305 -27.95 21.42 13.39
C ASN D 305 -28.81 20.19 13.13
N ILE D 306 -28.44 19.38 12.14
CA ILE D 306 -29.24 18.28 11.66
C ILE D 306 -28.52 16.98 11.99
N GLY D 307 -29.25 16.04 12.60
CA GLY D 307 -28.70 14.72 12.85
C GLY D 307 -27.85 14.65 14.10
N ASP D 308 -27.08 13.56 14.20
CA ASP D 308 -26.30 13.25 15.38
C ASP D 308 -24.79 13.43 15.19
N ARG D 309 -24.35 13.93 14.03
CA ARG D 309 -22.92 14.11 13.81
C ARG D 309 -22.30 15.06 14.83
N GLN D 310 -23.11 15.93 15.44
CA GLN D 310 -22.61 16.86 16.44
C GLN D 310 -23.14 16.55 17.84
N LYS D 311 -23.84 15.45 18.03
CA LYS D 311 -24.41 15.14 19.32
C LYS D 311 -23.32 14.91 20.35
N GLY D 312 -23.40 15.64 21.45
CA GLY D 312 -22.43 15.57 22.54
C GLY D 312 -21.69 16.86 22.79
N ARG D 313 -21.63 17.76 21.82
CA ARG D 313 -20.92 19.01 22.01
C ARG D 313 -21.79 20.01 22.78
N LEU D 314 -21.13 21.01 23.34
CA LEU D 314 -21.82 21.99 24.19
C LEU D 314 -22.83 22.79 23.38
N ARG D 315 -24.00 23.01 23.98
CA ARG D 315 -25.08 23.73 23.34
C ARG D 315 -25.20 25.16 23.88
N CYS D 316 -25.96 25.97 23.15
CA CYS D 316 -26.36 27.29 23.60
C CYS D 316 -27.71 27.59 22.97
N GLU D 317 -28.35 28.66 23.46
CA GLU D 317 -29.72 28.97 23.03
C GLU D 317 -29.84 29.24 21.54
N SER D 318 -28.73 29.47 20.83
CA SER D 318 -28.76 29.72 19.40
C SER D 318 -28.60 28.44 18.57
N ILE D 319 -28.67 27.28 19.20
CA ILE D 319 -28.50 26.00 18.50
C ILE D 319 -29.87 25.35 18.38
N LEU D 320 -30.36 25.22 17.14
CA LEU D 320 -31.62 24.53 16.86
C LEU D 320 -31.26 23.12 16.40
N ASP D 321 -31.46 22.14 17.29
CA ASP D 321 -31.17 20.75 16.99
C ASP D 321 -32.42 20.07 16.45
N VAL D 322 -32.34 19.61 15.20
CA VAL D 322 -33.41 18.88 14.56
C VAL D 322 -32.86 17.58 13.97
N ARG D 323 -33.76 16.63 13.76
CA ARG D 323 -33.38 15.40 13.08
C ARG D 323 -33.44 15.60 11.57
N LEU D 324 -32.83 14.67 10.84
CA LEU D 324 -32.92 14.71 9.38
C LEU D 324 -34.36 14.41 8.96
N ASP D 325 -35.24 15.38 9.18
CA ASP D 325 -36.67 15.22 8.95
C ASP D 325 -37.19 16.51 8.31
N GLU D 326 -37.90 16.37 7.18
CA GLU D 326 -38.27 17.54 6.39
C GLU D 326 -39.00 18.58 7.24
N ASN D 327 -40.05 18.17 7.93
CA ASN D 327 -40.87 19.12 8.69
C ASN D 327 -40.05 19.80 9.77
N GLU D 328 -39.26 19.04 10.53
CA GLU D 328 -38.43 19.64 11.56
C GLU D 328 -37.42 20.62 10.98
N ILE D 329 -36.86 20.30 9.82
CA ILE D 329 -35.85 21.18 9.23
C ILE D 329 -36.47 22.47 8.72
N VAL D 330 -37.64 22.39 8.07
CA VAL D 330 -38.29 23.61 7.59
C VAL D 330 -38.72 24.48 8.78
N GLU D 331 -39.33 23.86 9.79
CA GLU D 331 -39.71 24.62 10.98
C GLU D 331 -38.51 25.29 11.62
N ALA D 332 -37.38 24.59 11.69
CA ALA D 332 -36.17 25.17 12.27
C ALA D 332 -35.61 26.27 11.39
N LEU D 333 -35.80 26.18 10.08
CA LEU D 333 -35.29 27.21 9.18
C LEU D 333 -36.10 28.50 9.30
N GLN D 334 -37.42 28.39 9.31
CA GLN D 334 -38.25 29.57 9.52
C GLN D 334 -38.03 30.14 10.92
N LYS D 335 -37.87 29.27 11.92
CA LYS D 335 -37.53 29.73 13.26
C LYS D 335 -36.19 30.48 13.24
N ALA D 336 -35.25 30.04 12.41
CA ALA D 336 -33.98 30.74 12.28
C ALA D 336 -34.16 32.09 11.59
N ILE D 337 -35.14 32.20 10.69
CA ILE D 337 -35.39 33.47 10.03
C ILE D 337 -36.00 34.48 11.00
N ASN D 338 -36.88 34.02 11.89
CA ASN D 338 -37.74 34.91 12.67
C ASN D 338 -37.39 34.84 14.15
N PHE D 339 -36.22 35.37 14.50
CA PHE D 339 -35.87 35.55 15.91
C PHE D 339 -34.64 36.45 16.08
N LEU D 353 -9.39 35.05 26.00
CA LEU D 353 -10.33 35.98 25.37
C LEU D 353 -10.08 36.08 23.87
N GLY D 354 -9.24 35.20 23.35
CA GLY D 354 -8.88 35.21 21.94
C GLY D 354 -7.38 35.14 21.73
N ASN D 355 -6.68 34.51 22.68
CA ASN D 355 -5.24 34.36 22.65
C ASN D 355 -4.85 32.89 22.78
N THR D 356 -5.59 32.01 22.08
CA THR D 356 -5.32 30.58 22.19
C THR D 356 -3.94 30.23 21.63
N SER D 357 -3.57 30.84 20.51
CA SER D 357 -2.31 30.51 19.85
C SER D 357 -1.12 30.76 20.77
N GLN D 358 -1.10 31.91 21.45
CA GLN D 358 0.02 32.23 22.32
C GLN D 358 0.04 31.35 23.58
N LYS D 359 -1.13 31.00 24.11
CA LYS D 359 -1.16 30.06 25.22
C LYS D 359 -0.57 28.72 24.82
N ILE D 360 -0.97 28.21 23.66
CA ILE D 360 -0.45 26.93 23.18
C ILE D 360 1.05 27.00 22.97
N ILE D 361 1.51 28.03 22.26
CA ILE D 361 2.94 28.18 21.97
C ILE D 361 3.73 28.24 23.27
N GLU D 362 3.28 29.06 24.22
CA GLU D 362 3.89 29.12 25.54
C GLU D 362 4.02 27.72 26.12
N VAL D 363 2.88 27.05 26.34
CA VAL D 363 2.89 25.73 26.96
C VAL D 363 3.85 24.78 26.25
N ILE D 364 3.93 24.89 24.91
CA ILE D 364 4.83 24.04 24.16
C ILE D 364 6.28 24.37 24.48
N LYS D 365 6.60 25.64 24.74
CA LYS D 365 7.96 26.01 25.09
C LYS D 365 8.30 25.79 26.56
N THR D 366 7.31 25.73 27.44
CA THR D 366 7.54 25.62 28.87
C THR D 366 7.53 24.18 29.38
N THR D 367 6.89 23.27 28.66
CA THR D 367 6.59 21.94 29.18
C THR D 367 7.40 20.88 28.43
N ASP D 368 7.93 19.92 29.18
CA ASP D 368 8.52 18.73 28.61
C ASP D 368 7.42 17.68 28.49
N PHE D 369 7.14 17.25 27.26
CA PHE D 369 6.15 16.21 27.02
C PHE D 369 6.66 15.21 25.99
N LYS D 370 7.98 15.02 25.91
CA LYS D 370 8.53 14.07 24.95
C LYS D 370 8.23 12.63 25.32
N LYS D 371 7.70 12.37 26.52
CA LYS D 371 7.29 11.04 26.94
C LYS D 371 5.84 11.05 27.36
N LYS D 372 5.12 10.00 27.00
CA LYS D 372 3.76 9.81 27.46
C LYS D 372 3.76 9.61 28.97
N ALA D 373 3.07 10.50 29.68
CA ALA D 373 2.95 10.35 31.12
C ALA D 373 2.13 9.09 31.43
N PRO D 374 2.35 8.48 32.59
CA PRO D 374 1.62 7.25 32.92
C PRO D 374 0.12 7.50 33.02
N PHE D 375 -0.64 6.41 32.88
CA PHE D 375 -2.10 6.49 32.93
C PHE D 375 -2.55 7.05 34.27
N TYR D 376 -3.50 7.98 34.22
CA TYR D 376 -3.97 8.70 35.41
C TYR D 376 -5.27 8.05 35.87
N ASP D 377 -5.18 7.18 36.86
CA ASP D 377 -6.37 6.62 37.48
C ASP D 377 -7.09 7.69 38.30
N LEU D 378 -8.40 7.56 38.38
CA LEU D 378 -9.21 8.51 39.14
C LEU D 378 -9.37 8.05 40.57
N LEU D 379 -9.12 8.96 41.51
CA LEU D 379 -9.15 8.67 42.94
C LEU D 379 -10.54 8.22 43.38
S SO4 E . -11.97 5.91 -28.28
O1 SO4 E . -10.61 5.40 -28.31
O2 SO4 E . -12.91 4.82 -28.05
O3 SO4 E . -12.12 6.89 -27.21
O4 SO4 E . -12.26 6.54 -29.57
N1 UDP F . 26.43 -9.78 -3.41
C4 UDP F . 25.44 -10.61 -1.02
C5 UDP F . 25.31 -11.42 -2.14
C6 UDP F . 25.76 -10.97 -3.37
C1' UDP F . 27.01 -9.19 -4.62
C2' UDP F . 28.53 -9.26 -4.69
O2' UDP F . 29.10 -8.02 -4.30
C3' UDP F . 28.84 -9.50 -6.13
C4' UDP F . 27.50 -9.71 -6.79
O4' UDP F . 26.56 -9.85 -5.76
O3' UDP F . 29.48 -8.35 -6.64
C5' UDP F . 27.42 -10.98 -7.63
O5' UDP F . 26.30 -10.85 -8.49
PA UDP F . 24.78 -11.18 -8.04
O1A UDP F . 24.60 -12.64 -7.94
O2A UDP F . 24.37 -10.54 -6.77
O3A UDP F . 23.88 -10.49 -9.18
PB UDP F . 22.90 -11.33 -10.14
O1B UDP F . 23.31 -12.74 -10.23
O2B UDP F . 22.98 -10.73 -11.48
O3B UDP F . 21.52 -11.26 -9.60
S SO4 G . 6.17 -13.47 27.52
O1 SO4 G . 6.57 -14.67 28.25
O2 SO4 G . 6.92 -13.41 26.26
O3 SO4 G . 6.44 -12.28 28.32
O4 SO4 G . 4.74 -13.53 27.23
N1 UDP H . -14.64 24.93 5.36
C2 UDP H . -14.11 25.66 4.32
N3 UDP H . -14.52 25.41 3.02
C4 UDP H . -15.45 24.41 2.78
C5 UDP H . -15.96 23.67 3.84
C6 UDP H . -15.63 24.02 5.14
O2 UDP H . -13.28 26.54 4.53
O4 UDP H . -15.82 24.19 1.63
C1' UDP H . -14.19 25.17 6.75
C2' UDP H . -14.68 26.46 7.37
O2' UDP H . -13.73 27.49 7.17
C3' UDP H . -14.82 26.15 8.85
C4' UDP H . -14.62 24.65 8.94
O4' UDP H . -14.66 24.16 7.61
O3' UDP H . -13.79 26.80 9.56
C5' UDP H . -15.62 23.92 9.84
O5' UDP H . -16.51 23.15 9.05
PA UDP H . -16.25 21.59 8.74
O1A UDP H . -15.35 21.45 7.57
O2A UDP H . -17.53 20.91 8.47
O3A UDP H . -15.53 20.98 10.05
PB UDP H . -16.12 19.67 10.82
O1B UDP H . -15.76 18.45 10.06
O2B UDP H . -17.59 19.75 10.94
O3B UDP H . -15.50 19.63 12.16
#